data_3Q8W
#
_entry.id   3Q8W
#
_cell.length_a   118.412
_cell.length_b   124.501
_cell.length_c   133.119
_cell.angle_alpha   90.00
_cell.angle_beta   90.00
_cell.angle_gamma   90.00
#
_symmetry.space_group_name_H-M   'P 21 21 21'
#
loop_
_entity.id
_entity.type
_entity.pdbx_description
1 polymer 'Dipeptidyl peptidase 4'
2 non-polymer N-(4-{[({(2R)-3-[(3R)-3-amino-4-(2,4,5-trifluorophenyl)butanoyl]-1,3-thiazolidin-2-yl}carbonyl)amino]methyl}phenyl)-D-valine
#
_entity_poly.entity_id   1
_entity_poly.type   'polypeptide(L)'
_entity_poly.pdbx_seq_one_letter_code
;SRKTYTLTDYLKNTYRLKLYSLRWISDHEYLYKQENNILVFNAEYGNSSVFLENSTFDEFGHSINDYSISPDGQFILLEY
NYVKQWRHSYTASYDIYDLNKRQLITEERIPNNTQWVTWSPVGHKLAYVWNNDIYVKIEPNLPSYRITWTGKEDIIYNGI
TDWVYEEEVFSAYSALWWSPNGTFLAYAQFNDTEVPLIEYSFYSDESLQYPKTVRVPYPKAGAVNPTVKFFVVNTDSLSS
VTNATSIQITAPASMLIGDHYLCDVTWATQERISLQWLRRIQNYSVMDICDYDESSGRWNCLVARQHIEMSTTGWVGRFR
PSEPHFTLDGNSFYKIISNEEGYRHICYFQIDKKDCTFITKGTWEVIGIEALTSDYLYYISNEYKGMPGGRNLYKIQLSD
YTKVTCLSCELNPERCQYYSVSFSKEAKYYQLRCSGPGLPLYTLHSSVNDKGLRVLEDNSALDKMLQNVQMPSKKLDFII
LNETKFWYQMILPPHFDKSKKYPLLLDVYAGPCSQKADTVFRLNWATYLASTENIIVASFDGRGSGYQGDKIMHAINRRL
GTFEVEDQIEAARQFSKMGFVDNKRIAIWGWSYGGYVTSMVLGSGSGVFKCGIAVAPVSRWEYYDSVYTERYMGLPTPED
NLDHYRNSTVMSRAENFKQVEYLLIHGTADDNVHFQQSAQISKALVDVGVDFQAMWYTDEDHGIASSTAHQHIYTHMSHF
IKQCFSHHHHHH
;
_entity_poly.pdbx_strand_id   A,B
#
loop_
_chem_comp.id
_chem_comp.type
_chem_comp.name
_chem_comp.formula
AZV non-polymer N-(4-{[({(2R)-3-[(3R)-3-amino-4-(2,4,5-trifluorophenyl)butanoyl]-1,3-thiazolidin-2-yl}carbonyl)amino]methyl}phenyl)-D-valine 'C26 H31 F3 N4 O4 S'
#
# COMPACT_ATOMS: atom_id res chain seq x y z
N SER A 1 -5.32 -23.32 41.64
CA SER A 1 -3.94 -22.86 41.95
C SER A 1 -3.20 -22.23 40.77
N ARG A 2 -3.04 -20.91 40.83
CA ARG A 2 -2.31 -20.15 39.81
C ARG A 2 -2.87 -20.14 38.39
N LYS A 3 -2.53 -19.08 37.66
CA LYS A 3 -2.94 -18.92 36.27
C LYS A 3 -1.64 -18.95 35.46
N THR A 4 -1.72 -18.55 34.18
CA THR A 4 -0.54 -18.55 33.30
C THR A 4 -0.29 -17.20 32.64
N TYR A 5 0.86 -17.10 31.97
CA TYR A 5 1.28 -15.88 31.28
C TYR A 5 0.39 -15.67 30.05
N THR A 6 -0.79 -15.09 30.27
CA THR A 6 -1.72 -14.88 29.16
C THR A 6 -1.24 -13.82 28.17
N LEU A 7 -2.05 -13.61 27.14
CA LEU A 7 -1.76 -12.61 26.12
C LEU A 7 -1.74 -11.25 26.81
N THR A 8 -2.77 -11.00 27.62
CA THR A 8 -2.91 -9.74 28.36
C THR A 8 -1.78 -9.54 29.35
N ASP A 9 -1.43 -10.58 30.10
CA ASP A 9 -0.31 -10.45 31.04
C ASP A 9 0.94 -10.05 30.25
N TYR A 10 0.89 -10.29 28.93
CA TYR A 10 2.00 -9.96 28.02
C TYR A 10 1.80 -8.59 27.39
N LEU A 11 0.83 -8.51 26.48
CA LEU A 11 0.55 -7.25 25.81
C LEU A 11 0.50 -6.05 26.75
N LYS A 12 -0.45 -6.04 27.68
CA LYS A 12 -0.56 -4.92 28.61
C LYS A 12 0.67 -4.84 29.54
N ASN A 13 1.53 -5.85 29.47
CA ASN A 13 2.76 -5.89 30.27
C ASN A 13 2.53 -5.68 31.76
N THR A 14 2.11 -6.73 32.46
CA THR A 14 1.86 -6.66 33.89
C THR A 14 3.14 -6.93 34.66
N TYR A 15 3.90 -7.92 34.20
CA TYR A 15 5.16 -8.32 34.85
C TYR A 15 6.33 -7.48 34.34
N ARG A 16 6.74 -6.50 35.14
CA ARG A 16 7.82 -5.56 34.82
C ARG A 16 9.23 -6.07 35.14
N LEU A 17 10.20 -5.67 34.32
CA LEU A 17 11.59 -6.09 34.50
C LEU A 17 12.54 -4.96 34.85
N LYS A 18 12.61 -4.63 36.14
CA LYS A 18 13.47 -3.57 36.67
C LYS A 18 14.91 -3.63 36.14
N LEU A 19 15.39 -2.49 35.64
CA LEU A 19 16.76 -2.37 35.14
C LEU A 19 17.60 -1.63 36.18
N TYR A 20 18.54 -0.85 35.66
CA TYR A 20 19.46 -0.03 36.45
C TYR A 20 20.41 0.52 35.41
N SER A 21 19.88 1.35 34.53
CA SER A 21 20.67 1.98 33.48
C SER A 21 21.36 3.21 34.07
N LEU A 22 22.69 3.19 34.07
CA LEU A 22 23.46 4.29 34.63
C LEU A 22 24.50 4.80 33.66
N ARG A 23 24.98 6.00 33.93
CA ARG A 23 25.99 6.64 33.10
C ARG A 23 27.08 7.24 33.99
N TRP A 24 28.31 6.76 33.83
CA TRP A 24 29.43 7.25 34.62
C TRP A 24 29.80 8.62 34.12
N ILE A 25 30.03 9.52 35.06
CA ILE A 25 30.42 10.88 34.71
C ILE A 25 31.93 11.02 34.88
N SER A 26 32.53 10.03 35.53
CA SER A 26 33.97 9.99 35.78
C SER A 26 34.43 8.56 35.93
N ASP A 27 35.41 8.36 36.81
CA ASP A 27 35.96 7.05 37.07
C ASP A 27 35.40 6.41 38.34
N HIS A 28 34.65 7.19 39.12
CA HIS A 28 34.02 6.70 40.35
C HIS A 28 32.76 7.47 40.70
N GLU A 29 31.95 7.72 39.69
CA GLU A 29 30.69 8.42 39.87
C GLU A 29 29.84 8.21 38.62
N TYR A 30 28.55 7.97 38.82
CA TYR A 30 27.60 7.76 37.74
C TYR A 30 26.26 8.40 38.10
N LEU A 31 25.31 8.38 37.16
CA LEU A 31 24.00 8.96 37.43
C LEU A 31 22.90 7.92 37.21
N TYR A 32 21.99 7.82 38.18
CA TYR A 32 20.89 6.86 38.10
C TYR A 32 19.59 7.53 38.50
N LYS A 33 18.59 7.47 37.61
CA LYS A 33 17.29 8.08 37.85
C LYS A 33 16.57 7.38 38.99
N GLN A 34 15.55 8.05 39.51
CA GLN A 34 14.76 7.48 40.61
C GLN A 34 13.32 7.94 40.41
N GLU A 35 12.91 8.02 39.15
CA GLU A 35 11.57 8.45 38.73
C GLU A 35 11.32 9.93 39.01
N ASN A 36 11.26 10.32 40.28
CA ASN A 36 11.03 11.72 40.62
C ASN A 36 12.35 12.45 40.35
N ASN A 37 13.25 12.45 41.33
CA ASN A 37 14.54 13.12 41.20
C ASN A 37 15.60 12.27 40.52
N ILE A 38 16.80 12.83 40.37
CA ILE A 38 17.95 12.12 39.76
C ILE A 38 19.17 12.14 40.68
N LEU A 39 19.36 11.04 41.38
CA LEU A 39 20.47 10.86 42.32
C LEU A 39 21.81 10.65 41.60
N VAL A 40 22.88 10.99 42.28
CA VAL A 40 24.24 10.81 41.76
C VAL A 40 24.94 9.89 42.77
N PHE A 41 25.29 8.70 42.32
CA PHE A 41 25.94 7.71 43.17
C PHE A 41 27.46 7.79 43.16
N ASN A 42 28.05 7.35 44.28
CA ASN A 42 29.50 7.33 44.44
C ASN A 42 29.94 5.88 44.31
N ALA A 43 30.51 5.58 43.15
CA ALA A 43 30.98 4.24 42.79
C ALA A 43 31.44 3.35 43.96
N GLU A 44 32.17 3.96 44.89
CA GLU A 44 32.69 3.23 46.02
C GLU A 44 31.63 3.00 47.11
N TYR A 45 31.85 3.61 48.26
CA TYR A 45 30.98 3.51 49.42
C TYR A 45 29.49 3.67 49.08
N GLY A 46 29.19 4.35 47.99
CA GLY A 46 27.81 4.55 47.57
C GLY A 46 27.06 5.64 48.32
N ASN A 47 27.78 6.69 48.74
CA ASN A 47 27.13 7.79 49.46
C ASN A 47 26.36 8.69 48.47
N SER A 48 25.22 8.16 48.02
CA SER A 48 24.33 8.79 47.06
C SER A 48 23.80 10.19 47.40
N SER A 49 24.38 11.20 46.76
CA SER A 49 23.95 12.59 46.94
C SER A 49 22.86 12.77 45.89
N VAL A 50 22.09 13.85 45.94
CA VAL A 50 21.03 14.08 44.94
C VAL A 50 21.55 15.13 43.95
N PHE A 51 21.82 14.73 42.70
CA PHE A 51 22.35 15.67 41.71
C PHE A 51 21.38 16.77 41.29
N LEU A 52 20.30 16.41 40.61
CA LEU A 52 19.35 17.44 40.22
C LEU A 52 17.92 17.13 40.63
N GLU A 53 17.23 18.13 41.15
CA GLU A 53 15.85 17.96 41.60
C GLU A 53 14.92 17.63 40.42
N ASN A 54 13.72 17.16 40.73
CA ASN A 54 12.71 16.80 39.71
C ASN A 54 11.76 17.96 39.49
N SER A 55 11.35 18.56 40.60
CA SER A 55 10.43 19.69 40.61
C SER A 55 11.01 20.91 39.90
N THR A 56 12.33 20.92 39.71
CA THR A 56 13.03 22.02 39.06
C THR A 56 12.77 22.04 37.55
N PHE A 57 11.82 21.22 37.11
CA PHE A 57 11.48 21.18 35.70
C PHE A 57 9.97 21.05 35.41
N ASP A 58 9.15 21.26 36.44
CA ASP A 58 7.69 21.22 36.28
C ASP A 58 7.34 22.34 35.33
N GLU A 59 7.57 23.57 35.78
CA GLU A 59 7.31 24.75 34.98
C GLU A 59 8.28 24.79 33.83
N PHE A 60 8.03 23.96 32.83
CA PHE A 60 8.89 23.92 31.66
C PHE A 60 8.03 24.10 30.42
N GLY A 61 6.72 23.96 30.59
CA GLY A 61 5.80 24.13 29.48
C GLY A 61 5.93 23.06 28.42
N HIS A 62 7.03 22.33 28.44
CA HIS A 62 7.28 21.27 27.47
C HIS A 62 7.28 19.90 28.13
N SER A 63 7.26 18.87 27.30
CA SER A 63 7.28 17.50 27.76
C SER A 63 8.73 17.07 27.51
N ILE A 64 9.52 16.95 28.58
CA ILE A 64 10.93 16.57 28.46
C ILE A 64 11.15 15.09 28.73
N ASN A 65 11.96 14.45 27.88
CA ASN A 65 12.25 13.03 28.01
C ASN A 65 13.71 12.66 28.29
N ASP A 66 14.66 13.38 27.71
CA ASP A 66 16.06 13.05 27.97
C ASP A 66 16.91 14.23 28.41
N TYR A 67 18.09 13.92 28.94
CA TYR A 67 19.04 14.92 29.44
C TYR A 67 20.47 14.47 29.11
N SER A 68 21.41 15.41 29.07
CA SER A 68 22.79 15.07 28.77
C SER A 68 23.72 16.07 29.43
N ILE A 69 24.48 15.60 30.42
CA ILE A 69 25.40 16.48 31.13
C ILE A 69 26.81 16.43 30.57
N SER A 70 27.38 17.60 30.36
CA SER A 70 28.72 17.69 29.83
C SER A 70 29.73 17.15 30.85
N PRO A 71 31.00 17.00 30.43
CA PRO A 71 32.01 16.49 31.37
C PRO A 71 32.05 17.46 32.53
N ASP A 72 32.17 18.73 32.17
CA ASP A 72 32.25 19.85 33.12
C ASP A 72 31.18 19.75 34.20
N GLY A 73 30.12 19.02 33.92
CA GLY A 73 29.05 18.91 34.88
C GLY A 73 28.52 20.31 35.12
N GLN A 74 28.73 21.17 34.12
CA GLN A 74 28.31 22.58 34.15
C GLN A 74 27.09 22.90 33.27
N PHE A 75 26.65 21.93 32.47
CA PHE A 75 25.47 22.12 31.62
C PHE A 75 24.70 20.83 31.43
N ILE A 76 23.38 20.95 31.42
CA ILE A 76 22.52 19.82 31.19
C ILE A 76 21.76 20.12 29.92
N LEU A 77 21.75 19.19 28.97
CA LEU A 77 21.02 19.39 27.73
C LEU A 77 19.66 18.78 27.98
N LEU A 78 18.60 19.39 27.45
CA LEU A 78 17.25 18.90 27.64
C LEU A 78 16.59 18.57 26.31
N GLU A 79 16.20 17.30 26.15
CA GLU A 79 15.58 16.81 24.91
C GLU A 79 14.05 16.72 24.97
N TYR A 80 13.41 17.15 23.88
CA TYR A 80 11.95 17.11 23.75
C TYR A 80 11.61 17.29 22.27
N ASN A 81 10.37 17.00 21.92
CA ASN A 81 9.91 17.09 20.54
C ASN A 81 10.47 15.93 19.73
N TYR A 82 10.68 14.80 20.41
CA TYR A 82 11.24 13.59 19.81
C TYR A 82 10.39 13.06 18.67
N VAL A 83 10.96 13.05 17.48
CA VAL A 83 10.26 12.58 16.29
C VAL A 83 11.06 11.47 15.61
N LYS A 84 10.81 10.23 16.00
CA LYS A 84 11.53 9.11 15.41
C LYS A 84 11.45 9.24 13.90
N GLN A 85 12.54 8.84 13.22
CA GLN A 85 12.60 8.85 11.77
C GLN A 85 12.88 7.41 11.36
N TRP A 86 14.12 6.98 11.54
CA TRP A 86 14.52 5.63 11.21
C TRP A 86 14.83 4.85 12.49
N ARG A 87 15.79 3.94 12.41
CA ARG A 87 16.20 3.11 13.56
C ARG A 87 16.79 3.94 14.75
N HIS A 88 17.78 4.78 14.45
CA HIS A 88 18.45 5.61 15.48
C HIS A 88 18.30 7.11 15.23
N SER A 89 17.87 7.48 14.02
CA SER A 89 17.73 8.89 13.71
C SER A 89 16.47 9.44 14.36
N TYR A 90 16.58 10.67 14.85
CA TYR A 90 15.50 11.39 15.52
C TYR A 90 15.66 12.90 15.33
N THR A 91 14.54 13.62 15.20
CA THR A 91 14.59 15.08 15.06
C THR A 91 13.82 15.70 16.21
N ALA A 92 14.51 16.52 16.98
CA ALA A 92 13.89 17.18 18.12
C ALA A 92 14.55 18.53 18.45
N SER A 93 14.01 19.22 19.44
CA SER A 93 14.57 20.50 19.85
C SER A 93 15.20 20.31 21.23
N TYR A 94 16.20 21.13 21.56
CA TYR A 94 16.87 21.02 22.87
C TYR A 94 17.12 22.37 23.58
N ASP A 95 17.08 22.36 24.91
CA ASP A 95 17.32 23.56 25.70
C ASP A 95 18.51 23.31 26.62
N ILE A 96 19.44 24.26 26.65
CA ILE A 96 20.60 24.14 27.52
C ILE A 96 20.35 24.89 28.86
N TYR A 97 20.68 24.25 29.97
CA TYR A 97 20.47 24.79 31.30
C TYR A 97 21.83 24.87 32.00
N ASP A 98 22.16 26.05 32.54
CA ASP A 98 23.44 26.24 33.25
C ASP A 98 23.30 25.73 34.69
N LEU A 99 23.99 24.62 34.99
CA LEU A 99 23.91 24.02 36.31
C LEU A 99 24.40 24.86 37.45
N ASN A 100 25.52 25.54 37.26
CA ASN A 100 26.11 26.37 38.31
C ASN A 100 25.23 27.55 38.76
N LYS A 101 24.83 28.42 37.84
CA LYS A 101 24.00 29.59 38.17
C LYS A 101 22.51 29.27 38.31
N ARG A 102 22.17 27.99 38.41
CA ARG A 102 20.78 27.54 38.57
C ARG A 102 19.77 28.37 37.77
N GLN A 103 20.06 28.55 36.48
CA GLN A 103 19.20 29.33 35.59
C GLN A 103 19.21 28.71 34.19
N LEU A 104 18.15 28.95 33.42
CA LEU A 104 18.02 28.41 32.07
C LEU A 104 18.49 29.45 31.05
N ILE A 105 19.30 29.02 30.08
CA ILE A 105 19.80 29.96 29.06
C ILE A 105 18.59 30.50 28.27
N THR A 106 18.76 31.62 27.57
CA THR A 106 17.65 32.19 26.82
C THR A 106 17.94 32.59 25.36
N GLU A 107 19.00 33.36 25.11
CA GLU A 107 19.30 33.77 23.74
C GLU A 107 20.38 32.86 23.13
N GLU A 108 20.51 32.91 21.81
CA GLU A 108 21.49 32.11 21.06
C GLU A 108 21.36 30.61 21.38
N ARG A 109 20.13 30.12 21.50
CA ARG A 109 19.89 28.72 21.80
C ARG A 109 19.97 27.82 20.56
N ILE A 110 19.95 26.50 20.79
CA ILE A 110 20.00 25.51 19.71
C ILE A 110 18.73 25.66 18.87
N PRO A 111 18.87 25.74 17.54
CA PRO A 111 17.66 25.88 16.73
C PRO A 111 16.66 24.74 16.93
N ASN A 112 15.38 25.03 16.73
CA ASN A 112 14.30 24.04 16.86
C ASN A 112 14.63 23.04 15.73
N ASN A 113 13.94 21.90 15.71
CA ASN A 113 14.16 20.91 14.64
C ASN A 113 15.61 20.48 14.34
N THR A 114 16.44 20.36 15.36
CA THR A 114 17.82 19.95 15.16
C THR A 114 17.82 18.46 14.80
N GLN A 115 18.95 17.93 14.37
CA GLN A 115 19.05 16.52 13.97
C GLN A 115 19.97 15.68 14.84
N TRP A 116 20.92 16.36 15.48
CA TRP A 116 21.87 15.73 16.38
C TRP A 116 22.68 16.81 17.07
N VAL A 117 22.98 16.59 18.35
CA VAL A 117 23.77 17.52 19.13
C VAL A 117 24.55 16.70 20.14
N THR A 118 25.70 17.21 20.57
CA THR A 118 26.49 16.46 21.54
C THR A 118 27.62 17.23 22.23
N TRP A 119 28.03 16.70 23.38
CA TRP A 119 29.10 17.27 24.18
C TRP A 119 30.37 16.66 23.65
N SER A 120 31.49 17.32 23.91
CA SER A 120 32.74 16.73 23.47
C SER A 120 33.17 15.93 24.69
N PRO A 121 34.14 15.04 24.51
CA PRO A 121 34.64 14.21 25.61
C PRO A 121 35.04 15.01 26.87
N VAL A 122 35.62 16.18 26.69
CA VAL A 122 36.04 17.04 27.80
C VAL A 122 35.82 18.51 27.39
N GLY A 123 35.20 19.26 28.29
CA GLY A 123 34.88 20.65 27.99
C GLY A 123 33.44 20.56 27.52
N HIS A 124 32.73 21.67 27.55
CA HIS A 124 31.32 21.63 27.16
C HIS A 124 31.07 22.12 25.73
N LYS A 125 31.99 21.84 24.83
CA LYS A 125 31.84 22.24 23.44
C LYS A 125 30.69 21.45 22.80
N LEU A 126 29.74 22.16 22.18
CA LEU A 126 28.60 21.52 21.55
C LEU A 126 28.70 21.53 20.04
N ALA A 127 28.60 20.34 19.47
CA ALA A 127 28.64 20.19 18.02
C ALA A 127 27.24 19.72 17.69
N TYR A 128 26.74 20.07 16.50
CA TYR A 128 25.40 19.66 16.10
C TYR A 128 25.10 19.80 14.60
N VAL A 129 24.14 19.02 14.13
CA VAL A 129 23.73 19.04 12.74
C VAL A 129 22.28 19.55 12.70
N TRP A 130 22.01 20.46 11.77
CA TRP A 130 20.68 21.03 11.63
C TRP A 130 20.53 21.37 10.17
N ASN A 131 19.43 20.94 9.56
CA ASN A 131 19.22 21.23 8.14
C ASN A 131 20.36 20.64 7.32
N ASN A 132 20.99 19.61 7.85
CA ASN A 132 22.11 18.94 7.19
C ASN A 132 23.41 19.74 7.11
N ASP A 133 23.71 20.50 8.17
CA ASP A 133 24.94 21.28 8.25
C ASP A 133 25.51 21.22 9.67
N ILE A 134 26.83 21.33 9.78
CA ILE A 134 27.51 21.22 11.08
C ILE A 134 27.94 22.53 11.73
N TYR A 135 27.23 22.91 12.81
CA TYR A 135 27.53 24.14 13.57
C TYR A 135 28.15 23.70 14.90
N VAL A 136 29.01 24.54 15.48
CA VAL A 136 29.63 24.20 16.76
C VAL A 136 29.74 25.42 17.68
N LYS A 137 29.42 25.23 18.95
CA LYS A 137 29.49 26.32 19.91
C LYS A 137 30.59 25.99 20.93
N ILE A 138 31.52 26.91 21.15
CA ILE A 138 32.57 26.64 22.14
C ILE A 138 31.89 26.75 23.49
N GLU A 139 31.12 27.82 23.61
CA GLU A 139 30.36 28.12 24.82
C GLU A 139 28.86 28.05 24.53
N PRO A 140 28.08 27.64 25.55
CA PRO A 140 26.62 27.51 25.41
C PRO A 140 25.87 28.79 25.03
N ASN A 141 26.09 29.85 25.82
CA ASN A 141 25.43 31.13 25.60
C ASN A 141 25.93 31.87 24.35
N LEU A 142 27.23 31.72 24.02
CA LEU A 142 27.81 32.38 22.86
C LEU A 142 27.09 31.94 21.57
N PRO A 143 27.36 32.62 20.44
CA PRO A 143 26.68 32.25 19.19
C PRO A 143 27.01 30.83 18.74
N SER A 144 27.50 30.70 17.51
CA SER A 144 27.88 29.40 16.98
C SER A 144 28.69 29.58 15.70
N TYR A 145 29.19 28.47 15.17
CA TYR A 145 30.01 28.50 13.97
C TYR A 145 29.61 27.40 12.99
N ARG A 146 29.29 27.81 11.75
CA ARG A 146 28.91 26.87 10.70
C ARG A 146 30.15 26.28 10.02
N ILE A 147 30.37 24.99 10.23
CA ILE A 147 31.52 24.32 9.65
C ILE A 147 31.25 23.89 8.20
N THR A 148 29.98 23.90 7.80
CA THR A 148 29.60 23.51 6.44
C THR A 148 28.53 24.42 5.90
N TRP A 149 28.38 24.42 4.58
CA TRP A 149 27.38 25.23 3.90
C TRP A 149 26.81 24.46 2.72
N THR A 150 27.44 23.35 2.37
CA THR A 150 26.99 22.53 1.24
C THR A 150 25.78 21.68 1.59
N GLY A 151 25.51 21.53 2.89
CA GLY A 151 24.39 20.71 3.35
C GLY A 151 23.05 20.92 2.65
N LYS A 152 22.67 19.96 1.82
CA LYS A 152 21.39 20.03 1.10
C LYS A 152 20.64 18.72 1.38
N GLU A 153 19.50 18.84 2.04
CA GLU A 153 18.65 17.72 2.41
C GLU A 153 18.50 16.67 1.32
N ASP A 154 18.33 15.43 1.76
CA ASP A 154 18.17 14.26 0.88
C ASP A 154 19.15 14.25 -0.31
N ILE A 155 20.32 14.87 -0.08
CA ILE A 155 21.41 14.96 -1.07
C ILE A 155 22.76 15.00 -0.32
N ILE A 156 23.03 16.08 0.39
CA ILE A 156 24.27 16.23 1.13
C ILE A 156 24.02 16.18 2.66
N TYR A 157 24.50 15.10 3.28
CA TYR A 157 24.35 14.89 4.73
C TYR A 157 25.66 15.18 5.47
N ASN A 158 25.73 16.34 6.12
CA ASN A 158 26.93 16.73 6.87
C ASN A 158 26.72 16.44 8.35
N GLY A 159 27.56 15.59 8.90
CA GLY A 159 27.42 15.27 10.31
C GLY A 159 26.34 14.23 10.60
N ILE A 160 25.68 13.70 9.57
CA ILE A 160 24.65 12.68 9.79
C ILE A 160 24.59 11.64 8.67
N THR A 161 24.32 10.40 9.06
CA THR A 161 24.23 9.27 8.14
C THR A 161 22.89 9.24 7.36
N ASP A 162 22.93 8.95 6.06
CA ASP A 162 21.69 8.88 5.27
C ASP A 162 20.92 7.64 5.76
N TRP A 163 20.01 7.09 4.96
CA TRP A 163 19.27 5.92 5.44
C TRP A 163 20.13 4.67 5.63
N VAL A 164 20.79 4.25 4.55
CA VAL A 164 21.63 3.05 4.52
C VAL A 164 22.87 3.09 5.42
N TYR A 165 23.49 4.27 5.56
CA TYR A 165 24.66 4.37 6.41
C TYR A 165 24.24 4.28 7.86
N GLU A 166 22.93 4.30 8.10
CA GLU A 166 22.43 4.23 9.46
C GLU A 166 22.18 2.79 9.83
N GLU A 167 21.23 2.19 9.13
CA GLU A 167 20.85 0.82 9.42
C GLU A 167 21.94 -0.26 9.32
N GLU A 168 22.65 -0.30 8.19
CA GLU A 168 23.66 -1.35 7.95
C GLU A 168 25.11 -1.24 8.41
N VAL A 169 25.64 -0.02 8.50
CA VAL A 169 27.04 0.13 8.89
C VAL A 169 27.34 0.69 10.29
N PHE A 170 26.86 1.91 10.57
CA PHE A 170 27.13 2.52 11.87
C PHE A 170 26.11 2.23 12.95
N SER A 171 24.87 1.99 12.55
CA SER A 171 23.81 1.75 13.52
C SER A 171 23.74 2.98 14.45
N ALA A 172 23.70 4.16 13.83
CA ALA A 172 23.63 5.46 14.52
C ALA A 172 23.37 6.62 13.53
N TYR A 173 23.27 7.84 14.04
CA TYR A 173 22.99 9.03 13.22
C TYR A 173 24.20 9.97 13.28
N SER A 174 24.84 9.99 14.45
CA SER A 174 26.00 10.82 14.75
C SER A 174 27.18 10.66 13.81
N ALA A 175 27.22 11.45 12.74
CA ALA A 175 28.31 11.34 11.78
C ALA A 175 29.48 12.31 12.04
N LEU A 176 29.66 12.66 13.30
CA LEU A 176 30.75 13.55 13.72
C LEU A 176 31.46 12.74 14.78
N TRP A 177 32.74 13.04 15.00
CA TRP A 177 33.52 12.35 16.02
C TRP A 177 34.49 13.33 16.67
N TRP A 178 34.20 13.71 17.91
CA TRP A 178 35.05 14.65 18.65
C TRP A 178 36.40 14.01 18.95
N SER A 179 37.43 14.84 19.11
CA SER A 179 38.78 14.35 19.41
C SER A 179 38.98 14.37 20.93
N PRO A 180 39.80 13.44 21.47
CA PRO A 180 40.11 13.30 22.89
C PRO A 180 40.03 14.56 23.78
N ASN A 181 40.78 15.62 23.44
CA ASN A 181 40.71 16.85 24.24
C ASN A 181 39.96 18.00 23.56
N GLY A 182 38.86 17.64 22.88
CA GLY A 182 38.02 18.60 22.19
C GLY A 182 38.70 19.68 21.37
N THR A 183 39.85 19.35 20.78
CA THR A 183 40.60 20.30 19.96
C THR A 183 40.27 20.13 18.47
N PHE A 184 40.00 18.89 18.09
CA PHE A 184 39.66 18.55 16.72
C PHE A 184 38.24 18.00 16.65
N LEU A 185 37.64 18.07 15.46
CA LEU A 185 36.30 17.53 15.25
C LEU A 185 36.30 17.01 13.84
N ALA A 186 35.92 15.74 13.69
CA ALA A 186 35.91 15.11 12.38
C ALA A 186 34.53 14.65 11.97
N TYR A 187 34.11 15.06 10.78
CA TYR A 187 32.79 14.71 10.25
C TYR A 187 32.83 13.83 8.99
N ALA A 188 31.66 13.34 8.55
CA ALA A 188 31.56 12.51 7.34
C ALA A 188 30.41 13.00 6.50
N GLN A 189 30.70 13.33 5.25
CA GLN A 189 29.70 13.88 4.31
C GLN A 189 29.31 12.87 3.22
N PHE A 190 28.05 12.93 2.77
CA PHE A 190 27.51 12.01 1.74
C PHE A 190 26.76 12.68 0.55
N ASN A 191 27.30 12.56 -0.68
CA ASN A 191 26.69 13.13 -1.91
C ASN A 191 25.72 12.01 -2.39
N ASP A 192 24.44 12.13 -2.01
CA ASP A 192 23.39 11.17 -2.37
C ASP A 192 22.75 11.55 -3.69
N THR A 193 23.37 12.48 -4.40
CA THR A 193 22.87 13.00 -5.67
C THR A 193 22.26 11.99 -6.64
N GLU A 194 22.95 10.88 -6.86
CA GLU A 194 22.45 9.88 -7.79
C GLU A 194 21.80 8.70 -7.08
N VAL A 195 21.80 8.76 -5.75
CA VAL A 195 21.21 7.69 -4.95
C VAL A 195 19.71 7.63 -5.27
N PRO A 196 19.19 6.43 -5.65
CA PRO A 196 17.76 6.25 -5.97
C PRO A 196 16.85 6.40 -4.74
N LEU A 197 15.59 6.77 -4.97
CA LEU A 197 14.60 6.97 -3.92
C LEU A 197 13.55 5.87 -3.93
N ILE A 198 12.93 5.68 -2.79
CA ILE A 198 11.90 4.68 -2.65
C ILE A 198 10.72 5.38 -1.99
N GLU A 199 9.71 5.69 -2.79
CA GLU A 199 8.53 6.40 -2.29
C GLU A 199 7.44 5.45 -1.78
N TYR A 200 6.49 5.99 -1.03
CA TYR A 200 5.39 5.21 -0.50
C TYR A 200 4.45 6.10 0.25
N SER A 201 3.31 5.57 0.64
CA SER A 201 2.33 6.37 1.33
C SER A 201 2.33 6.29 2.84
N PHE A 202 1.99 7.43 3.43
CA PHE A 202 1.88 7.62 4.87
C PHE A 202 0.47 8.17 4.86
N TYR A 203 -0.34 7.90 5.87
CA TYR A 203 -1.72 8.39 5.86
C TYR A 203 -2.14 9.24 7.06
N SER A 204 -1.28 9.32 8.08
CA SER A 204 -1.57 10.11 9.28
C SER A 204 -2.95 9.81 9.83
N ASP A 205 -3.48 10.75 10.62
CA ASP A 205 -4.80 10.59 11.22
C ASP A 205 -5.89 10.83 10.21
N GLU A 206 -7.08 10.30 10.52
CA GLU A 206 -8.26 10.39 9.65
C GLU A 206 -8.51 11.76 8.99
N SER A 207 -7.90 12.81 9.52
CA SER A 207 -8.08 14.16 8.99
C SER A 207 -7.33 14.45 7.69
N LEU A 208 -6.21 13.77 7.47
CA LEU A 208 -5.43 14.03 6.26
C LEU A 208 -6.28 13.67 5.05
N GLN A 209 -6.50 14.64 4.17
CA GLN A 209 -7.30 14.39 2.98
C GLN A 209 -6.48 13.73 1.89
N TYR A 210 -5.31 14.29 1.61
CA TYR A 210 -4.42 13.74 0.58
C TYR A 210 -3.19 13.10 1.25
N PRO A 211 -3.03 11.77 1.07
CA PRO A 211 -1.90 11.04 1.65
C PRO A 211 -0.56 11.72 1.37
N LYS A 212 0.48 11.38 2.12
CA LYS A 212 1.78 11.97 1.82
C LYS A 212 2.76 10.93 1.30
N THR A 213 3.35 11.22 0.16
CA THR A 213 4.31 10.35 -0.51
C THR A 213 5.75 10.48 -0.01
N VAL A 214 6.11 9.69 0.99
CA VAL A 214 7.46 9.73 1.57
C VAL A 214 8.56 9.24 0.64
N ARG A 215 9.43 10.15 0.19
CA ARG A 215 10.56 9.77 -0.67
C ARG A 215 11.84 9.92 0.15
N VAL A 216 12.69 8.90 0.09
CA VAL A 216 13.95 8.83 0.84
C VAL A 216 15.03 8.11 0.01
N PRO A 217 16.28 8.61 0.04
CA PRO A 217 17.35 7.96 -0.72
C PRO A 217 17.54 6.56 -0.10
N TYR A 218 17.73 5.54 -0.93
CA TYR A 218 17.88 4.18 -0.42
C TYR A 218 18.45 3.27 -1.51
N PRO A 219 19.76 2.96 -1.46
CA PRO A 219 20.31 2.10 -2.51
C PRO A 219 19.98 0.62 -2.44
N LYS A 220 18.91 0.21 -3.12
CA LYS A 220 18.56 -1.21 -3.16
C LYS A 220 19.73 -1.89 -3.86
N ALA A 221 20.08 -3.10 -3.41
CA ALA A 221 21.20 -3.87 -3.97
C ALA A 221 21.55 -3.68 -5.45
N GLY A 222 22.81 -3.35 -5.72
CA GLY A 222 23.26 -3.19 -7.09
C GLY A 222 23.07 -1.81 -7.66
N ALA A 223 22.31 -0.97 -6.96
CA ALA A 223 22.06 0.39 -7.41
C ALA A 223 23.27 1.25 -7.09
N VAL A 224 23.09 2.57 -7.12
CA VAL A 224 24.18 3.50 -6.83
C VAL A 224 24.30 3.78 -5.32
N ASN A 225 25.52 3.91 -4.84
CA ASN A 225 25.73 4.14 -3.43
C ASN A 225 26.18 5.54 -3.17
N PRO A 226 25.67 6.17 -2.09
CA PRO A 226 26.04 7.54 -1.74
C PRO A 226 27.52 7.67 -1.40
N THR A 227 28.25 8.33 -2.30
CA THR A 227 29.69 8.55 -2.18
C THR A 227 30.01 9.36 -0.92
N VAL A 228 30.96 8.86 -0.15
CA VAL A 228 31.35 9.50 1.11
C VAL A 228 32.68 10.28 1.07
N LYS A 229 32.88 11.19 2.03
CA LYS A 229 34.11 11.98 2.16
C LYS A 229 34.31 12.31 3.66
N PHE A 230 35.55 12.19 4.16
CA PHE A 230 35.84 12.46 5.59
C PHE A 230 36.71 13.70 5.83
N PHE A 231 36.33 14.50 6.83
CA PHE A 231 37.07 15.73 7.15
C PHE A 231 37.45 15.87 8.63
N VAL A 232 38.11 16.99 8.93
CA VAL A 232 38.56 17.37 10.28
C VAL A 232 38.74 18.89 10.36
N VAL A 233 38.33 19.47 11.49
CA VAL A 233 38.44 20.91 11.69
C VAL A 233 39.02 21.24 13.08
N ASN A 234 39.64 22.41 13.19
CA ASN A 234 40.24 22.86 14.44
C ASN A 234 39.24 23.72 15.21
N THR A 235 38.53 23.06 16.13
CA THR A 235 37.50 23.69 16.94
C THR A 235 38.00 24.85 17.82
N ASP A 236 39.30 25.10 17.79
CA ASP A 236 39.90 26.17 18.58
C ASP A 236 39.99 27.50 17.86
N SER A 237 40.59 27.48 16.67
CA SER A 237 40.74 28.71 15.89
C SER A 237 39.49 29.04 15.06
N LEU A 238 38.54 28.12 15.02
CA LEU A 238 37.30 28.36 14.27
C LEU A 238 36.57 29.59 14.83
N SER A 239 36.78 29.84 16.12
CA SER A 239 36.17 30.98 16.82
C SER A 239 36.83 32.31 16.40
N SER A 240 38.10 32.23 15.98
CA SER A 240 38.86 33.41 15.58
C SER A 240 39.62 33.29 14.24
N VAL A 241 38.90 33.00 13.16
CA VAL A 241 39.49 32.89 11.82
C VAL A 241 38.50 33.40 10.78
N THR A 242 37.20 33.21 11.08
CA THR A 242 36.04 33.58 10.24
C THR A 242 35.52 32.22 9.75
N ASN A 243 35.91 31.84 8.55
CA ASN A 243 35.54 30.56 8.00
C ASN A 243 36.49 29.55 8.63
N ALA A 244 35.95 28.58 9.35
CA ALA A 244 36.77 27.56 9.95
C ALA A 244 37.29 26.69 8.81
N THR A 245 38.61 26.48 8.75
CA THR A 245 39.20 25.66 7.71
C THR A 245 38.92 24.17 7.99
N SER A 246 38.36 23.48 7.00
CA SER A 246 38.03 22.07 7.15
C SER A 246 38.87 21.18 6.23
N ILE A 247 39.96 20.65 6.79
CA ILE A 247 40.88 19.78 6.05
C ILE A 247 40.30 18.38 5.83
N GLN A 248 40.40 17.88 4.61
CA GLN A 248 39.89 16.55 4.29
C GLN A 248 40.93 15.43 4.21
N ILE A 249 40.56 14.26 4.72
CA ILE A 249 41.39 13.08 4.64
C ILE A 249 40.73 12.36 3.45
N THR A 250 41.54 11.87 2.52
CA THR A 250 41.03 11.17 1.34
C THR A 250 41.58 9.72 1.32
N ALA A 251 41.73 9.15 0.13
CA ALA A 251 42.27 7.79 0.00
C ALA A 251 41.52 6.84 0.92
N PRO A 252 42.01 5.59 1.12
CA PRO A 252 43.19 4.88 0.61
C PRO A 252 43.07 4.64 -0.89
N ALA A 253 44.21 4.59 -1.58
CA ALA A 253 44.22 4.36 -3.03
C ALA A 253 43.58 3.01 -3.34
N SER A 254 43.77 2.05 -2.44
CA SER A 254 43.19 0.72 -2.58
C SER A 254 41.67 0.84 -2.54
N MET A 255 41.19 2.02 -2.12
CA MET A 255 39.76 2.29 -1.99
C MET A 255 39.21 3.21 -3.08
N LEU A 256 40.09 4.04 -3.62
CA LEU A 256 39.70 5.00 -4.64
C LEU A 256 39.42 4.30 -5.97
N ILE A 257 40.07 3.15 -6.15
CA ILE A 257 39.92 2.35 -7.36
C ILE A 257 38.42 2.19 -7.72
N GLY A 258 37.58 2.02 -6.70
CA GLY A 258 36.15 1.84 -6.95
C GLY A 258 35.21 2.19 -5.81
N ASP A 259 33.99 1.63 -5.89
CA ASP A 259 32.94 1.86 -4.88
C ASP A 259 33.43 1.50 -3.49
N HIS A 260 33.38 2.47 -2.58
CA HIS A 260 33.85 2.25 -1.24
C HIS A 260 32.85 2.73 -0.19
N TYR A 261 33.17 2.45 1.07
CA TYR A 261 32.36 2.83 2.21
C TYR A 261 33.31 3.39 3.27
N LEU A 262 32.86 3.42 4.52
CA LEU A 262 33.65 3.92 5.64
C LEU A 262 33.22 3.09 6.85
N CYS A 263 34.00 2.05 7.16
CA CYS A 263 33.70 1.13 8.27
C CYS A 263 33.50 1.72 9.67
N ASP A 264 34.62 2.03 10.34
CA ASP A 264 34.58 2.56 11.69
C ASP A 264 35.80 3.46 11.96
N VAL A 265 35.55 4.74 12.17
CA VAL A 265 36.59 5.72 12.45
C VAL A 265 36.69 5.95 13.97
N THR A 266 37.92 5.95 14.48
CA THR A 266 38.15 6.13 15.91
C THR A 266 39.50 6.78 16.17
N TRP A 267 39.55 7.67 17.16
CA TRP A 267 40.78 8.34 17.52
C TRP A 267 41.66 7.39 18.30
N ALA A 268 42.90 7.81 18.54
CA ALA A 268 43.88 7.04 19.31
C ALA A 268 44.53 8.05 20.25
N THR A 269 44.91 9.18 19.69
CA THR A 269 45.52 10.29 20.42
C THR A 269 45.03 11.62 19.87
N GLN A 270 45.27 12.70 20.62
CA GLN A 270 44.83 14.03 20.26
C GLN A 270 45.17 14.42 18.82
N GLU A 271 46.20 13.78 18.26
CA GLU A 271 46.62 14.07 16.89
C GLU A 271 46.76 12.82 16.02
N ARG A 272 46.18 11.72 16.49
CA ARG A 272 46.23 10.46 15.77
C ARG A 272 44.80 9.93 15.61
N ILE A 273 44.43 9.62 14.38
CA ILE A 273 43.09 9.12 14.09
C ILE A 273 43.09 7.98 13.05
N SER A 274 42.42 6.87 13.39
CA SER A 274 42.37 5.70 12.52
C SER A 274 41.01 5.55 11.82
N LEU A 275 41.05 5.44 10.50
CA LEU A 275 39.85 5.30 9.68
C LEU A 275 39.84 3.99 8.92
N GLN A 276 38.75 3.22 9.05
CA GLN A 276 38.61 1.95 8.34
C GLN A 276 37.74 2.13 7.09
N TRP A 277 38.30 1.85 5.91
CA TRP A 277 37.59 1.99 4.63
C TRP A 277 37.33 0.65 3.95
N LEU A 278 36.07 0.32 3.74
CA LEU A 278 35.68 -0.95 3.12
C LEU A 278 35.45 -0.81 1.62
N ARG A 279 35.57 -1.92 0.88
CA ARG A 279 35.34 -1.97 -0.58
C ARG A 279 33.89 -2.39 -0.80
N ARG A 280 33.33 -2.21 -2.00
CA ARG A 280 31.95 -2.61 -2.16
C ARG A 280 31.86 -4.12 -1.99
N ILE A 281 32.76 -4.84 -2.65
CA ILE A 281 32.79 -6.27 -2.47
C ILE A 281 33.43 -6.26 -1.09
N GLN A 282 32.63 -6.52 -0.05
CA GLN A 282 33.10 -6.45 1.33
C GLN A 282 34.11 -7.49 1.87
N ASN A 283 34.87 -8.11 0.95
CA ASN A 283 35.87 -9.07 1.36
C ASN A 283 37.21 -8.35 1.60
N TYR A 284 37.36 -7.15 1.05
CA TYR A 284 38.62 -6.38 1.20
C TYR A 284 38.51 -4.97 1.77
N SER A 285 39.02 -4.80 2.98
CA SER A 285 39.00 -3.51 3.67
C SER A 285 40.45 -3.12 3.95
N VAL A 286 40.64 -1.87 4.39
CA VAL A 286 41.96 -1.34 4.73
C VAL A 286 41.82 -0.26 5.81
N MET A 287 42.61 -0.36 6.87
CA MET A 287 42.57 0.61 7.96
C MET A 287 43.72 1.60 7.84
N ASP A 288 43.42 2.88 7.97
CA ASP A 288 44.41 3.92 7.84
C ASP A 288 44.62 4.66 9.15
N ILE A 289 45.88 5.00 9.45
CA ILE A 289 46.22 5.72 10.67
C ILE A 289 46.95 7.01 10.28
N CYS A 290 46.25 8.14 10.38
CA CYS A 290 46.81 9.45 10.02
C CYS A 290 47.04 10.31 11.26
N ASP A 291 48.08 11.13 11.23
CA ASP A 291 48.41 12.00 12.36
C ASP A 291 48.33 13.49 11.97
N TYR A 292 48.54 14.37 12.96
CA TYR A 292 48.49 15.81 12.69
C TYR A 292 49.86 16.44 12.51
N ASP A 293 49.93 17.31 11.51
CA ASP A 293 51.15 18.01 11.12
C ASP A 293 51.17 19.47 11.63
N GLU A 294 52.16 19.81 12.44
CA GLU A 294 52.28 21.16 12.99
C GLU A 294 52.75 22.21 11.98
N SER A 295 53.46 21.74 10.96
CA SER A 295 54.00 22.60 9.92
C SER A 295 53.01 22.78 8.76
N SER A 296 52.67 21.65 8.14
CA SER A 296 51.77 21.58 7.00
C SER A 296 50.28 21.75 7.34
N GLY A 297 49.93 21.45 8.59
CA GLY A 297 48.54 21.56 9.04
C GLY A 297 47.63 20.50 8.45
N ARG A 298 48.17 19.69 7.54
CA ARG A 298 47.42 18.61 6.89
C ARG A 298 47.56 17.31 7.66
N TRP A 299 46.57 16.42 7.53
CA TRP A 299 46.60 15.13 8.20
C TRP A 299 47.22 14.17 7.24
N ASN A 300 48.43 13.71 7.58
CA ASN A 300 49.17 12.78 6.74
C ASN A 300 49.04 11.34 7.23
N CYS A 301 49.14 10.39 6.31
CA CYS A 301 49.04 8.99 6.66
C CYS A 301 50.21 8.29 6.02
N LEU A 302 51.27 8.09 6.79
CA LEU A 302 52.46 7.43 6.26
C LEU A 302 52.07 5.99 5.87
N VAL A 303 52.05 5.74 4.55
CA VAL A 303 51.69 4.45 3.97
C VAL A 303 52.13 3.21 4.78
N ALA A 304 53.35 3.26 5.33
CA ALA A 304 53.88 2.16 6.11
C ALA A 304 53.17 2.02 7.46
N ARG A 305 51.92 2.49 7.53
CA ARG A 305 51.15 2.45 8.78
C ARG A 305 49.80 1.76 8.65
N GLN A 306 49.41 1.42 7.42
CA GLN A 306 48.10 0.78 7.23
C GLN A 306 48.09 -0.71 7.56
N HIS A 307 46.88 -1.24 7.78
CA HIS A 307 46.70 -2.66 8.10
C HIS A 307 45.61 -3.28 7.24
N ILE A 308 46.00 -3.74 6.05
CA ILE A 308 45.07 -4.38 5.12
C ILE A 308 44.42 -5.58 5.80
N GLU A 309 43.11 -5.75 5.62
CA GLU A 309 42.41 -6.86 6.24
C GLU A 309 41.42 -7.51 5.27
N MET A 310 41.76 -8.70 4.81
CA MET A 310 40.95 -9.41 3.84
C MET A 310 40.34 -10.70 4.37
N SER A 311 39.34 -11.19 3.63
CA SER A 311 38.59 -12.42 3.93
C SER A 311 38.41 -13.27 2.64
N THR A 312 38.86 -14.52 2.70
CA THR A 312 38.79 -15.44 1.56
C THR A 312 37.48 -16.24 1.52
N THR A 313 36.69 -16.18 2.59
CA THR A 313 35.45 -16.93 2.64
C THR A 313 34.23 -16.06 2.90
N GLY A 314 34.33 -14.77 2.59
CA GLY A 314 33.19 -13.88 2.81
C GLY A 314 33.50 -12.41 3.02
N TRP A 315 32.68 -11.78 3.85
CA TRP A 315 32.84 -10.37 4.18
C TRP A 315 33.86 -10.24 5.32
N VAL A 316 34.12 -9.00 5.74
CA VAL A 316 35.10 -8.77 6.80
C VAL A 316 34.45 -8.39 8.13
N GLY A 317 34.48 -9.31 9.10
CA GLY A 317 33.90 -9.03 10.40
C GLY A 317 32.53 -9.63 10.58
N ARG A 318 31.80 -9.20 11.61
CA ARG A 318 30.45 -9.72 11.85
C ARG A 318 29.37 -9.00 11.08
N PHE A 319 29.43 -7.67 11.09
CA PHE A 319 28.49 -6.81 10.37
C PHE A 319 29.25 -5.54 9.96
N ARG A 320 30.57 -5.59 10.15
CA ARG A 320 31.51 -4.50 9.84
C ARG A 320 32.76 -4.84 10.63
N PRO A 321 33.95 -4.48 10.12
CA PRO A 321 35.18 -4.79 10.87
C PRO A 321 35.19 -4.04 12.24
N SER A 322 35.45 -4.77 13.34
CA SER A 322 35.45 -4.17 14.68
C SER A 322 36.36 -2.97 14.84
N GLU A 323 36.02 -2.12 15.80
CA GLU A 323 36.74 -0.90 16.11
C GLU A 323 38.09 -1.16 16.79
N PRO A 324 39.17 -0.47 16.33
CA PRO A 324 40.45 -0.72 17.01
C PRO A 324 40.37 -0.17 18.43
N HIS A 325 41.30 -0.57 19.29
CA HIS A 325 41.37 -0.09 20.67
C HIS A 325 42.85 0.17 20.94
N PHE A 326 43.23 1.43 20.89
CA PHE A 326 44.61 1.78 21.08
C PHE A 326 45.03 1.81 22.54
N THR A 327 46.34 1.82 22.75
CA THR A 327 46.93 1.88 24.07
C THR A 327 47.05 3.37 24.41
N LEU A 328 47.40 3.69 25.66
CA LEU A 328 47.50 5.09 26.05
C LEU A 328 48.37 5.94 25.11
N ASP A 329 49.62 5.56 24.94
CA ASP A 329 50.53 6.32 24.07
C ASP A 329 49.96 6.55 22.69
N GLY A 330 49.45 5.48 22.08
CA GLY A 330 48.87 5.59 20.75
C GLY A 330 49.75 5.08 19.62
N ASN A 331 50.38 3.93 19.81
CA ASN A 331 51.24 3.35 18.77
C ASN A 331 50.98 1.84 18.70
N SER A 332 50.11 1.37 19.58
CA SER A 332 49.75 -0.03 19.65
C SER A 332 48.24 -0.14 19.91
N PHE A 333 47.59 -1.16 19.33
CA PHE A 333 46.14 -1.36 19.52
C PHE A 333 45.68 -2.83 19.44
N TYR A 334 44.40 -3.03 19.71
CA TYR A 334 43.82 -4.35 19.69
C TYR A 334 42.53 -4.37 18.89
N LYS A 335 42.43 -5.24 17.90
CA LYS A 335 41.20 -5.36 17.09
C LYS A 335 40.75 -6.83 16.98
N ILE A 336 39.49 -7.12 17.35
CA ILE A 336 39.00 -8.50 17.26
C ILE A 336 38.87 -8.87 15.79
N ILE A 337 39.68 -9.82 15.34
CA ILE A 337 39.62 -10.21 13.94
C ILE A 337 39.54 -11.71 13.74
N SER A 338 39.17 -12.08 12.53
CA SER A 338 39.06 -13.47 12.15
C SER A 338 40.49 -13.98 12.11
N ASN A 339 40.75 -15.13 12.75
CA ASN A 339 42.09 -15.71 12.76
C ASN A 339 42.21 -16.87 11.77
N GLU A 340 43.25 -17.66 11.95
CA GLU A 340 43.46 -18.79 11.05
C GLU A 340 42.21 -19.68 11.07
N GLU A 341 41.98 -20.37 12.19
CA GLU A 341 40.83 -21.26 12.37
C GLU A 341 39.50 -20.57 12.15
N GLY A 342 39.53 -19.25 11.92
CA GLY A 342 38.32 -18.51 11.68
C GLY A 342 37.57 -18.05 12.91
N TYR A 343 38.26 -17.92 14.03
CA TYR A 343 37.60 -17.46 15.24
C TYR A 343 38.09 -16.05 15.55
N ARG A 344 37.19 -15.19 16.00
CA ARG A 344 37.51 -13.79 16.25
C ARG A 344 38.15 -13.48 17.59
N HIS A 345 39.49 -13.37 17.59
CA HIS A 345 40.27 -13.10 18.80
C HIS A 345 41.13 -11.82 18.72
N ILE A 346 41.25 -11.14 19.87
CA ILE A 346 42.00 -9.88 19.99
C ILE A 346 43.45 -9.83 19.48
N CYS A 347 43.62 -9.58 18.19
CA CYS A 347 44.99 -9.50 17.67
C CYS A 347 45.59 -8.16 18.12
N TYR A 348 46.84 -8.21 18.57
CA TYR A 348 47.56 -7.03 19.03
C TYR A 348 48.53 -6.49 17.98
N PHE A 349 48.18 -5.34 17.40
CA PHE A 349 48.97 -4.72 16.35
C PHE A 349 49.89 -3.59 16.83
N GLN A 350 50.79 -3.16 15.95
CA GLN A 350 51.72 -2.04 16.20
C GLN A 350 51.48 -1.15 14.99
N ILE A 351 51.57 0.17 15.17
CA ILE A 351 51.31 1.08 14.04
C ILE A 351 52.23 0.94 12.82
N ASP A 352 53.31 0.16 12.94
CA ASP A 352 54.26 -0.05 11.84
C ASP A 352 54.57 -1.53 11.55
N LYS A 353 54.52 -2.35 12.59
CA LYS A 353 54.75 -3.78 12.46
C LYS A 353 53.48 -4.32 11.83
N LYS A 354 53.53 -4.60 10.53
CA LYS A 354 52.37 -5.08 9.78
C LYS A 354 51.55 -6.19 10.46
N ASP A 355 52.19 -7.30 10.81
CA ASP A 355 51.48 -8.40 11.47
C ASP A 355 51.10 -8.14 12.90
N CYS A 356 50.48 -9.13 13.52
CA CYS A 356 50.07 -8.99 14.90
C CYS A 356 50.20 -10.29 15.68
N THR A 357 49.70 -10.29 16.91
CA THR A 357 49.76 -11.46 17.74
C THR A 357 48.43 -11.63 18.43
N PHE A 358 47.81 -12.77 18.21
CA PHE A 358 46.53 -13.05 18.83
C PHE A 358 46.82 -13.34 20.29
N ILE A 359 46.20 -12.59 21.19
CA ILE A 359 46.41 -12.80 22.60
C ILE A 359 45.31 -13.69 23.19
N THR A 360 44.68 -14.46 22.29
CA THR A 360 43.64 -15.44 22.60
C THR A 360 43.53 -16.47 21.47
N LYS A 361 43.08 -17.68 21.82
CA LYS A 361 42.94 -18.80 20.89
C LYS A 361 41.69 -19.67 21.16
N GLY A 362 41.57 -20.79 20.45
CA GLY A 362 40.45 -21.71 20.67
C GLY A 362 39.23 -21.67 19.75
N THR A 363 38.22 -22.45 20.13
CA THR A 363 36.97 -22.53 19.39
C THR A 363 35.84 -21.79 20.14
N TRP A 364 36.06 -20.50 20.34
CA TRP A 364 35.11 -19.62 21.01
C TRP A 364 35.40 -18.18 20.58
N GLU A 365 34.56 -17.64 19.70
CA GLU A 365 34.75 -16.26 19.24
C GLU A 365 34.66 -15.29 20.43
N VAL A 366 35.32 -14.15 20.29
CA VAL A 366 35.32 -13.12 21.33
C VAL A 366 34.28 -12.09 20.92
N ILE A 367 33.47 -11.68 21.88
CA ILE A 367 32.42 -10.70 21.61
C ILE A 367 32.89 -9.25 21.46
N GLY A 368 33.49 -8.68 22.51
CA GLY A 368 33.93 -7.29 22.41
C GLY A 368 34.96 -6.81 23.40
N ILE A 369 35.82 -5.90 22.94
CA ILE A 369 36.86 -5.36 23.79
C ILE A 369 36.26 -4.24 24.62
N GLU A 370 35.87 -4.56 25.86
CA GLU A 370 35.27 -3.57 26.74
C GLU A 370 36.21 -2.47 27.26
N ALA A 371 37.17 -2.87 28.11
CA ALA A 371 38.14 -1.94 28.69
C ALA A 371 39.58 -2.32 28.35
N LEU A 372 40.49 -1.34 28.45
CA LEU A 372 41.89 -1.61 28.13
C LEU A 372 42.90 -0.79 28.92
N THR A 373 43.27 -1.29 30.10
CA THR A 373 44.29 -0.63 30.93
C THR A 373 45.61 -1.25 30.48
N SER A 374 46.73 -0.58 30.77
CA SER A 374 48.02 -1.10 30.38
C SER A 374 48.36 -2.24 31.31
N ASP A 375 47.32 -2.90 31.80
CA ASP A 375 47.47 -4.01 32.73
C ASP A 375 46.64 -5.20 32.28
N TYR A 376 45.33 -4.99 32.16
CA TYR A 376 44.42 -6.05 31.72
C TYR A 376 43.53 -5.58 30.55
N LEU A 377 42.97 -6.53 29.80
CA LEU A 377 42.08 -6.25 28.68
C LEU A 377 40.79 -7.03 28.97
N TYR A 378 39.77 -6.33 29.46
CA TYR A 378 38.49 -6.95 29.83
C TYR A 378 37.53 -7.07 28.63
N TYR A 379 37.45 -8.27 28.08
CA TYR A 379 36.61 -8.55 26.92
C TYR A 379 35.46 -9.52 27.30
N ILE A 380 34.62 -9.82 26.32
CA ILE A 380 33.50 -10.76 26.50
C ILE A 380 33.60 -11.82 25.41
N SER A 381 33.15 -13.04 25.72
CA SER A 381 33.19 -14.12 24.75
C SER A 381 32.39 -15.32 25.24
N ASN A 382 32.23 -16.32 24.37
CA ASN A 382 31.46 -17.54 24.65
C ASN A 382 32.34 -18.77 24.94
N GLU A 383 33.30 -18.63 25.84
CA GLU A 383 34.20 -19.72 26.18
C GLU A 383 33.76 -20.59 27.35
N TYR A 384 33.37 -19.96 28.45
CA TYR A 384 32.95 -20.70 29.62
C TYR A 384 31.85 -21.68 29.26
N LYS A 385 31.90 -22.88 29.84
CA LYS A 385 30.92 -23.92 29.58
C LYS A 385 30.86 -24.34 28.10
N GLY A 386 31.66 -23.67 27.26
CA GLY A 386 31.71 -24.01 25.84
C GLY A 386 30.61 -23.55 24.88
N MET A 387 29.48 -23.12 25.44
CA MET A 387 28.32 -22.69 24.65
C MET A 387 28.44 -21.32 23.97
N PRO A 388 27.90 -21.18 22.75
CA PRO A 388 27.93 -19.94 21.98
C PRO A 388 27.09 -18.78 22.54
N GLY A 389 25.90 -19.08 23.07
CA GLY A 389 25.07 -18.04 23.64
C GLY A 389 25.45 -17.76 25.09
N GLY A 390 26.69 -18.10 25.43
CA GLY A 390 27.17 -17.90 26.78
C GLY A 390 28.10 -16.71 26.85
N ARG A 391 27.59 -15.61 27.38
CA ARG A 391 28.37 -14.39 27.51
C ARG A 391 29.02 -14.26 28.87
N ASN A 392 30.31 -13.96 28.90
CA ASN A 392 31.04 -13.78 30.15
C ASN A 392 32.12 -12.73 30.00
N LEU A 393 32.68 -12.31 31.14
CA LEU A 393 33.73 -11.31 31.15
C LEU A 393 35.03 -11.93 31.59
N TYR A 394 36.07 -11.73 30.79
CA TYR A 394 37.38 -12.25 31.12
C TYR A 394 38.36 -11.08 31.13
N LYS A 395 39.37 -11.15 32.00
CA LYS A 395 40.39 -10.11 32.10
C LYS A 395 41.80 -10.67 31.93
N ILE A 396 42.26 -10.66 30.69
CA ILE A 396 43.59 -11.16 30.33
C ILE A 396 44.67 -10.09 30.61
N GLN A 397 45.74 -10.48 31.30
CA GLN A 397 46.85 -9.58 31.62
C GLN A 397 47.70 -9.33 30.37
N LEU A 398 47.92 -8.07 30.02
CA LEU A 398 48.70 -7.73 28.84
C LEU A 398 50.14 -8.22 28.85
N SER A 399 50.72 -8.48 30.03
CA SER A 399 52.11 -8.96 30.11
C SER A 399 52.23 -10.47 29.90
N ASP A 400 51.31 -11.23 30.49
CA ASP A 400 51.29 -12.68 30.32
C ASP A 400 49.92 -13.10 29.83
N TYR A 401 49.92 -13.79 28.70
CA TYR A 401 48.66 -14.20 28.12
C TYR A 401 48.11 -15.49 28.72
N THR A 402 48.69 -15.92 29.83
CA THR A 402 48.20 -17.10 30.54
C THR A 402 47.31 -16.56 31.64
N LYS A 403 47.57 -15.31 32.01
CA LYS A 403 46.84 -14.62 33.06
C LYS A 403 45.47 -14.16 32.54
N VAL A 404 44.58 -15.11 32.29
CA VAL A 404 43.24 -14.81 31.80
C VAL A 404 42.24 -15.24 32.85
N THR A 405 41.61 -14.26 33.48
CA THR A 405 40.65 -14.52 34.53
C THR A 405 39.19 -14.21 34.20
N CYS A 406 38.32 -15.16 34.51
CA CYS A 406 36.90 -14.99 34.27
C CYS A 406 36.46 -14.19 35.49
N LEU A 407 35.39 -13.42 35.35
CA LEU A 407 34.87 -12.61 36.45
C LEU A 407 33.38 -12.84 36.67
N SER A 408 32.69 -13.20 35.61
CA SER A 408 31.24 -13.44 35.66
C SER A 408 30.88 -14.92 35.61
N CYS A 409 31.87 -15.78 35.74
CA CYS A 409 31.65 -17.23 35.68
C CYS A 409 30.85 -17.73 36.86
N GLU A 410 31.52 -17.80 38.01
CA GLU A 410 30.93 -18.31 39.25
C GLU A 410 30.15 -17.33 40.14
N LEU A 411 29.74 -16.18 39.62
CA LEU A 411 28.97 -15.23 40.43
C LEU A 411 27.66 -15.88 40.88
N ASN A 412 27.25 -16.84 40.08
CA ASN A 412 26.07 -17.67 40.25
C ASN A 412 25.62 -18.14 38.87
N PRO A 413 26.41 -19.06 38.28
CA PRO A 413 26.13 -19.62 36.96
C PRO A 413 24.91 -20.53 37.02
N GLU A 414 24.26 -20.51 38.16
CA GLU A 414 23.06 -21.29 38.40
C GLU A 414 21.95 -20.40 37.86
N ARG A 415 22.27 -19.10 37.78
CA ARG A 415 21.35 -18.08 37.29
C ARG A 415 21.96 -17.19 36.22
N CYS A 416 23.27 -17.28 35.99
CA CYS A 416 23.90 -16.43 35.00
C CYS A 416 24.88 -17.10 34.03
N GLN A 417 24.71 -16.83 32.75
CA GLN A 417 25.57 -17.36 31.70
C GLN A 417 25.56 -16.36 30.54
N TYR A 418 24.90 -15.22 30.75
CA TYR A 418 24.85 -14.19 29.71
C TYR A 418 25.09 -12.82 30.33
N TYR A 419 26.12 -12.16 29.83
CA TYR A 419 26.49 -10.83 30.32
C TYR A 419 26.86 -9.81 29.23
N SER A 420 27.18 -8.63 29.71
CA SER A 420 27.56 -7.48 28.90
C SER A 420 27.97 -6.54 30.04
N VAL A 421 28.66 -5.44 29.75
CA VAL A 421 29.09 -4.61 30.87
C VAL A 421 29.34 -3.14 30.62
N SER A 422 29.16 -2.36 31.68
CA SER A 422 29.37 -0.92 31.65
C SER A 422 30.50 -0.56 32.63
N PHE A 423 31.58 0.03 32.11
CA PHE A 423 32.76 0.44 32.89
C PHE A 423 32.82 1.94 33.23
N SER A 424 33.63 2.26 34.22
CA SER A 424 33.82 3.65 34.62
C SER A 424 34.82 4.19 33.61
N LYS A 425 35.27 5.44 33.78
CA LYS A 425 36.23 5.98 32.83
C LYS A 425 37.55 5.21 32.90
N GLU A 426 38.32 5.42 33.97
CA GLU A 426 39.61 4.75 34.12
C GLU A 426 39.40 3.28 34.40
N ALA A 427 38.17 2.83 34.28
CA ALA A 427 37.83 1.43 34.52
C ALA A 427 38.23 0.98 35.94
N LYS A 428 37.96 1.81 36.93
CA LYS A 428 38.28 1.46 38.30
C LYS A 428 37.05 0.76 38.88
N TYR A 429 35.98 0.77 38.10
CA TYR A 429 34.75 0.14 38.53
C TYR A 429 33.95 -0.26 37.31
N TYR A 430 33.29 -1.40 37.39
CA TYR A 430 32.45 -1.89 36.29
C TYR A 430 31.11 -2.44 36.77
N GLN A 431 30.08 -2.30 35.94
CA GLN A 431 28.75 -2.78 36.26
C GLN A 431 28.36 -3.92 35.32
N LEU A 432 28.24 -5.13 35.88
CA LEU A 432 27.89 -6.32 35.08
C LEU A 432 26.39 -6.52 34.85
N ARG A 433 26.04 -7.06 33.68
CA ARG A 433 24.65 -7.31 33.35
C ARG A 433 24.35 -8.79 33.14
N CYS A 434 23.78 -9.44 34.15
CA CYS A 434 23.40 -10.85 34.03
C CYS A 434 22.00 -10.85 33.41
N SER A 435 21.88 -11.18 32.13
CA SER A 435 20.58 -11.18 31.45
C SER A 435 19.93 -12.54 31.21
N GLY A 436 20.51 -13.59 31.80
CA GLY A 436 19.98 -14.95 31.64
C GLY A 436 20.88 -15.98 32.31
N PRO A 437 20.41 -17.22 32.54
CA PRO A 437 19.10 -17.78 32.23
C PRO A 437 17.96 -17.29 33.11
N GLY A 438 18.22 -17.15 34.41
CA GLY A 438 17.20 -16.67 35.33
C GLY A 438 17.02 -15.18 35.19
N LEU A 439 16.32 -14.56 36.13
CA LEU A 439 16.05 -13.11 36.11
C LEU A 439 17.29 -12.20 36.01
N PRO A 440 17.19 -11.09 35.26
CA PRO A 440 18.36 -10.20 35.14
C PRO A 440 18.86 -9.64 36.49
N LEU A 441 20.17 -9.64 36.67
CA LEU A 441 20.79 -9.13 37.89
C LEU A 441 21.91 -8.18 37.51
N TYR A 442 21.79 -6.94 37.95
CA TYR A 442 22.81 -5.94 37.68
C TYR A 442 23.63 -5.85 38.96
N THR A 443 24.96 -5.81 38.85
CA THR A 443 25.81 -5.70 40.04
C THR A 443 27.05 -4.85 39.82
N LEU A 444 27.59 -4.33 40.92
CA LEU A 444 28.76 -3.48 40.86
C LEU A 444 30.01 -4.21 41.36
N HIS A 445 31.15 -3.87 40.75
CA HIS A 445 32.44 -4.46 41.08
C HIS A 445 33.57 -3.42 41.05
N SER A 446 34.52 -3.54 41.97
CA SER A 446 35.68 -2.62 42.01
C SER A 446 36.76 -3.33 41.18
N SER A 447 37.43 -2.57 40.31
CA SER A 447 38.44 -3.16 39.42
C SER A 447 39.81 -3.51 40.00
N VAL A 448 40.34 -2.66 40.88
CA VAL A 448 41.67 -2.86 41.51
C VAL A 448 41.70 -4.13 42.34
N ASN A 449 40.53 -4.65 42.66
CA ASN A 449 40.43 -5.85 43.47
C ASN A 449 39.53 -6.88 42.84
N ASP A 450 38.79 -6.44 41.83
CA ASP A 450 37.86 -7.29 41.12
C ASP A 450 36.99 -8.02 42.11
N LYS A 451 36.62 -7.31 43.18
CA LYS A 451 35.75 -7.84 44.24
C LYS A 451 34.35 -7.24 44.13
N GLY A 452 33.33 -8.06 44.36
CA GLY A 452 31.94 -7.62 44.26
C GLY A 452 31.38 -6.80 45.42
N LEU A 453 31.30 -5.49 45.21
CA LEU A 453 30.81 -4.58 46.22
C LEU A 453 29.40 -4.93 46.74
N ARG A 454 28.38 -4.67 45.92
CA ARG A 454 27.00 -4.91 46.32
C ARG A 454 26.08 -5.20 45.13
N VAL A 455 24.83 -5.56 45.42
CA VAL A 455 23.83 -5.87 44.40
C VAL A 455 22.93 -4.68 44.06
N LEU A 456 23.03 -4.19 42.83
CA LEU A 456 22.26 -3.03 42.37
C LEU A 456 20.80 -3.32 41.99
N GLU A 457 20.49 -4.57 41.63
CA GLU A 457 19.12 -4.96 41.27
C GLU A 457 18.98 -6.49 41.08
N ASP A 458 18.24 -7.13 41.98
CA ASP A 458 18.05 -8.57 41.98
C ASP A 458 16.72 -9.09 41.44
N ASN A 459 15.80 -8.18 41.11
CA ASN A 459 14.49 -8.55 40.59
C ASN A 459 13.63 -9.42 41.52
N SER A 460 14.03 -9.53 42.79
CA SER A 460 13.31 -10.33 43.80
C SER A 460 11.83 -9.99 43.86
N ALA A 461 11.48 -8.81 43.36
CA ALA A 461 10.09 -8.34 43.33
C ALA A 461 9.35 -9.12 42.23
N LEU A 462 9.82 -8.95 40.99
CA LEU A 462 9.23 -9.65 39.87
C LEU A 462 9.21 -11.14 40.22
N ASP A 463 10.36 -11.60 40.69
CA ASP A 463 10.57 -12.98 41.09
C ASP A 463 9.41 -13.55 41.93
N LYS A 464 9.17 -12.97 43.10
CA LYS A 464 8.11 -13.46 43.96
C LYS A 464 6.78 -13.48 43.22
N MET A 465 6.65 -12.63 42.21
CA MET A 465 5.43 -12.56 41.44
C MET A 465 5.32 -13.62 40.37
N LEU A 466 6.31 -14.49 40.28
CA LEU A 466 6.28 -15.55 39.28
C LEU A 466 6.16 -16.91 39.96
N GLN A 467 5.91 -16.88 41.25
CA GLN A 467 5.73 -18.11 42.01
C GLN A 467 4.23 -18.30 42.09
N ASN A 468 3.50 -17.22 41.83
CA ASN A 468 2.05 -17.24 41.86
C ASN A 468 1.51 -17.64 40.47
N VAL A 469 2.43 -17.81 39.53
CA VAL A 469 2.08 -18.18 38.15
C VAL A 469 3.02 -19.22 37.54
N GLN A 470 2.43 -20.21 36.90
CA GLN A 470 3.16 -21.33 36.27
C GLN A 470 3.92 -20.92 35.00
N MET A 471 5.14 -20.43 35.15
CA MET A 471 5.96 -20.02 34.01
C MET A 471 6.46 -21.21 33.21
N PRO A 472 6.98 -20.98 32.00
CA PRO A 472 7.46 -22.14 31.23
C PRO A 472 8.84 -22.60 31.70
N SER A 473 9.74 -22.81 30.77
CA SER A 473 11.10 -23.24 31.07
C SER A 473 11.88 -23.21 29.78
N LYS A 474 13.20 -23.05 29.87
CA LYS A 474 14.00 -22.97 28.66
C LYS A 474 15.11 -24.00 28.57
N LYS A 475 14.90 -25.00 27.72
CA LYS A 475 15.92 -26.02 27.54
C LYS A 475 16.72 -25.58 26.31
N LEU A 476 17.97 -25.17 26.56
CA LEU A 476 18.84 -24.72 25.51
C LEU A 476 19.85 -25.83 25.31
N ASP A 477 20.09 -26.24 24.06
CA ASP A 477 21.03 -27.33 23.81
C ASP A 477 21.48 -27.40 22.35
N PHE A 478 22.11 -28.53 21.98
CA PHE A 478 22.61 -28.74 20.61
C PHE A 478 22.25 -30.10 20.04
N ILE A 479 22.24 -30.18 18.70
CA ILE A 479 21.99 -31.42 17.98
C ILE A 479 23.23 -31.62 17.12
N ILE A 480 23.50 -32.86 16.73
CA ILE A 480 24.66 -33.14 15.92
C ILE A 480 24.24 -33.30 14.48
N LEU A 481 25.08 -32.85 13.55
CA LEU A 481 24.78 -32.92 12.12
C LEU A 481 26.06 -32.75 11.31
N ASN A 482 26.24 -33.57 10.28
CA ASN A 482 27.44 -33.50 9.42
C ASN A 482 28.72 -33.44 10.25
N GLU A 483 28.68 -34.04 11.43
CA GLU A 483 29.80 -34.07 12.37
C GLU A 483 29.96 -32.80 13.22
N THR A 484 29.17 -31.78 12.91
CA THR A 484 29.19 -30.50 13.65
C THR A 484 27.91 -30.36 14.49
N LYS A 485 28.05 -29.79 15.68
CA LYS A 485 26.90 -29.60 16.55
C LYS A 485 26.31 -28.22 16.31
N PHE A 486 24.99 -28.19 16.16
CA PHE A 486 24.27 -26.96 15.94
C PHE A 486 23.34 -26.70 17.12
N TRP A 487 23.25 -25.43 17.50
CA TRP A 487 22.45 -25.03 18.65
C TRP A 487 21.01 -24.62 18.41
N TYR A 488 20.14 -25.18 19.23
CA TYR A 488 18.70 -24.90 19.19
C TYR A 488 18.26 -24.65 20.63
N GLN A 489 16.96 -24.53 20.83
CA GLN A 489 16.41 -24.29 22.17
C GLN A 489 14.88 -24.43 22.13
N MET A 490 14.30 -24.77 23.28
CA MET A 490 12.86 -24.94 23.37
C MET A 490 12.23 -24.30 24.61
N ILE A 491 11.22 -23.46 24.37
CA ILE A 491 10.48 -22.80 25.44
C ILE A 491 9.36 -23.80 25.75
N LEU A 492 9.66 -24.73 26.66
CA LEU A 492 8.75 -25.80 27.05
C LEU A 492 7.66 -25.43 28.06
N PRO A 493 6.43 -25.95 27.86
CA PRO A 493 5.29 -25.66 28.75
C PRO A 493 5.53 -26.14 30.19
N PRO A 494 4.71 -25.67 31.14
CA PRO A 494 4.87 -26.09 32.53
C PRO A 494 4.38 -27.52 32.66
N HIS A 495 4.93 -28.28 33.62
CA HIS A 495 4.56 -29.69 33.83
C HIS A 495 4.82 -30.50 32.55
N PHE A 496 5.96 -30.26 31.90
CA PHE A 496 6.30 -30.92 30.64
C PHE A 496 6.27 -32.44 30.66
N ASP A 497 5.36 -33.00 29.85
CA ASP A 497 5.22 -34.44 29.74
C ASP A 497 5.85 -34.90 28.43
N LYS A 498 6.99 -35.60 28.52
CA LYS A 498 7.71 -36.10 27.34
C LYS A 498 7.19 -37.44 26.85
N SER A 499 5.87 -37.62 26.95
CA SER A 499 5.23 -38.86 26.53
C SER A 499 3.89 -38.57 25.86
N LYS A 500 3.51 -37.29 25.82
CA LYS A 500 2.26 -36.88 25.19
C LYS A 500 2.57 -36.02 23.96
N LYS A 501 1.69 -36.07 22.97
CA LYS A 501 1.86 -35.31 21.73
C LYS A 501 1.52 -33.81 21.86
N TYR A 502 2.51 -32.97 21.59
CA TYR A 502 2.37 -31.50 21.67
C TYR A 502 2.55 -30.85 20.30
N PRO A 503 2.10 -29.57 20.16
CA PRO A 503 2.24 -28.86 18.89
C PRO A 503 3.48 -27.99 18.99
N LEU A 504 4.31 -28.00 17.95
CA LEU A 504 5.55 -27.23 17.95
C LEU A 504 5.41 -25.97 17.11
N LEU A 505 6.29 -25.01 17.36
CA LEU A 505 6.31 -23.74 16.63
C LEU A 505 7.76 -23.28 16.55
N LEU A 506 8.29 -23.20 15.34
CA LEU A 506 9.66 -22.76 15.16
C LEU A 506 9.64 -21.23 15.05
N ASP A 507 10.34 -20.56 15.98
CA ASP A 507 10.46 -19.11 16.00
C ASP A 507 11.81 -18.91 15.34
N VAL A 508 11.82 -18.57 14.07
CA VAL A 508 13.09 -18.41 13.43
C VAL A 508 13.39 -17.04 12.87
N TYR A 509 14.56 -16.52 13.22
CA TYR A 509 15.00 -15.23 12.70
C TYR A 509 16.15 -15.66 11.85
N ALA A 510 17.05 -16.41 12.50
CA ALA A 510 18.25 -16.95 11.87
C ALA A 510 18.68 -16.28 10.55
N GLY A 511 19.31 -15.11 10.68
CA GLY A 511 19.82 -14.39 9.52
C GLY A 511 21.32 -14.43 9.71
N PRO A 512 22.15 -14.07 8.72
CA PRO A 512 23.60 -14.12 8.90
C PRO A 512 24.21 -13.48 10.16
N CYS A 513 25.02 -14.28 10.87
CA CYS A 513 25.73 -13.91 12.10
C CYS A 513 24.79 -13.63 13.27
N SER A 514 23.58 -14.18 13.21
CA SER A 514 22.61 -13.97 14.28
C SER A 514 22.82 -15.04 15.33
N GLN A 515 21.82 -15.16 16.20
CA GLN A 515 21.83 -16.14 17.28
C GLN A 515 20.41 -16.26 17.83
N LYS A 516 19.79 -17.41 17.61
CA LYS A 516 18.44 -17.66 18.11
C LYS A 516 18.52 -18.68 19.24
N ALA A 517 19.74 -19.06 19.61
CA ALA A 517 19.98 -20.02 20.68
C ALA A 517 20.92 -19.44 21.71
N ASP A 518 20.34 -18.77 22.71
CA ASP A 518 21.10 -18.17 23.80
C ASP A 518 20.38 -18.20 25.18
N THR A 519 21.17 -18.09 26.24
CA THR A 519 20.66 -18.13 27.62
C THR A 519 19.89 -16.90 28.04
N VAL A 520 19.59 -16.03 27.10
CA VAL A 520 18.85 -14.80 27.37
C VAL A 520 17.46 -15.10 27.89
N PHE A 521 17.09 -14.46 29.01
CA PHE A 521 15.76 -14.67 29.58
C PHE A 521 14.80 -13.53 29.22
N ARG A 522 13.89 -13.79 28.30
CA ARG A 522 12.93 -12.78 27.87
C ARG A 522 11.49 -13.23 28.13
N LEU A 523 10.62 -12.25 28.35
CA LEU A 523 9.21 -12.54 28.60
C LEU A 523 8.42 -12.00 27.40
N ASN A 524 8.62 -12.63 26.25
CA ASN A 524 7.96 -12.22 25.00
C ASN A 524 6.81 -13.14 24.64
N TRP A 525 6.29 -12.95 23.43
CA TRP A 525 5.19 -13.75 22.91
C TRP A 525 5.45 -15.25 23.06
N ALA A 526 6.71 -15.65 22.93
CA ALA A 526 7.05 -17.06 23.06
C ALA A 526 6.57 -17.56 24.41
N THR A 527 6.85 -16.79 25.44
CA THR A 527 6.47 -17.13 26.80
C THR A 527 4.98 -17.35 27.00
N TYR A 528 4.15 -16.61 26.25
CA TYR A 528 2.70 -16.78 26.36
C TYR A 528 2.30 -18.12 25.81
N LEU A 529 2.52 -18.34 24.52
CA LEU A 529 2.14 -19.59 23.87
C LEU A 529 2.56 -20.85 24.63
N ALA A 530 3.83 -20.90 25.03
CA ALA A 530 4.37 -22.05 25.75
C ALA A 530 3.54 -22.41 26.97
N SER A 531 3.27 -21.41 27.81
CA SER A 531 2.49 -21.61 29.03
C SER A 531 1.00 -21.85 28.82
N THR A 532 0.26 -20.77 28.62
CA THR A 532 -1.19 -20.80 28.42
C THR A 532 -1.68 -21.76 27.32
N GLU A 533 -1.14 -21.63 26.11
CA GLU A 533 -1.56 -22.44 24.98
C GLU A 533 -0.96 -23.84 24.88
N ASN A 534 0.18 -24.03 25.52
CA ASN A 534 0.90 -25.31 25.53
C ASN A 534 1.54 -25.63 24.17
N ILE A 535 2.01 -24.59 23.50
CA ILE A 535 2.67 -24.73 22.21
C ILE A 535 4.15 -24.51 22.49
N ILE A 536 4.96 -25.50 22.17
CA ILE A 536 6.40 -25.42 22.42
C ILE A 536 7.17 -24.56 21.40
N VAL A 537 7.58 -23.36 21.81
CA VAL A 537 8.34 -22.48 20.93
C VAL A 537 9.75 -23.06 20.80
N ALA A 538 10.37 -22.86 19.66
CA ALA A 538 11.72 -23.37 19.45
C ALA A 538 12.46 -22.60 18.37
N SER A 539 13.71 -22.28 18.65
CA SER A 539 14.56 -21.52 17.72
C SER A 539 15.80 -22.37 17.43
N PHE A 540 16.24 -22.40 16.17
CA PHE A 540 17.41 -23.21 15.79
C PHE A 540 18.45 -22.36 15.09
N ASP A 541 19.72 -22.60 15.41
CA ASP A 541 20.85 -21.88 14.81
C ASP A 541 21.50 -22.80 13.77
N GLY A 542 21.43 -22.40 12.51
CA GLY A 542 21.99 -23.21 11.46
C GLY A 542 22.84 -22.47 10.44
N ARG A 543 23.80 -23.24 9.89
CA ARG A 543 24.78 -22.83 8.88
C ARG A 543 24.83 -21.37 8.44
N GLY A 544 24.90 -20.45 9.40
CA GLY A 544 24.96 -19.04 9.07
C GLY A 544 25.03 -18.28 10.36
N SER A 545 24.69 -18.98 11.44
CA SER A 545 24.70 -18.41 12.77
C SER A 545 26.10 -17.83 13.07
N GLY A 546 26.16 -16.71 13.79
CA GLY A 546 27.45 -16.16 14.11
C GLY A 546 27.89 -16.67 15.48
N TYR A 547 29.00 -16.13 15.99
CA TYR A 547 29.51 -16.48 17.31
C TYR A 547 29.93 -17.95 17.45
N GLN A 548 30.03 -18.65 16.33
CA GLN A 548 30.41 -20.06 16.35
C GLN A 548 31.48 -20.41 15.30
N GLY A 549 32.34 -19.45 14.99
CA GLY A 549 33.38 -19.69 14.00
C GLY A 549 32.93 -19.27 12.61
N ASP A 550 33.88 -19.17 11.68
CA ASP A 550 33.56 -18.76 10.31
C ASP A 550 33.02 -19.91 9.45
N LYS A 551 33.46 -21.13 9.75
CA LYS A 551 33.02 -22.33 9.02
C LYS A 551 31.50 -22.51 9.11
N ILE A 552 30.90 -21.93 10.14
CA ILE A 552 29.46 -22.02 10.33
C ILE A 552 28.79 -20.77 9.77
N MET A 553 29.35 -19.60 10.08
CA MET A 553 28.79 -18.33 9.62
C MET A 553 29.01 -18.03 8.15
N HIS A 554 30.17 -18.39 7.62
CA HIS A 554 30.46 -18.09 6.23
C HIS A 554 29.96 -19.06 5.19
N ALA A 555 29.37 -20.18 5.64
CA ALA A 555 28.86 -21.20 4.72
C ALA A 555 27.64 -20.75 3.90
N ILE A 556 27.26 -19.48 4.02
CA ILE A 556 26.12 -18.95 3.27
C ILE A 556 26.53 -17.81 2.36
N ASN A 557 27.81 -17.47 2.38
CA ASN A 557 28.27 -16.40 1.53
C ASN A 557 27.77 -16.63 0.11
N ARG A 558 27.03 -15.67 -0.44
CA ARG A 558 26.50 -15.74 -1.80
C ARG A 558 25.38 -16.76 -1.99
N ARG A 559 25.19 -17.64 -1.02
CA ARG A 559 24.15 -18.69 -1.10
C ARG A 559 22.98 -18.35 -0.17
N LEU A 560 22.81 -17.06 0.13
CA LEU A 560 21.75 -16.62 1.03
C LEU A 560 20.40 -17.14 0.61
N GLY A 561 19.78 -17.90 1.49
CA GLY A 561 18.47 -18.43 1.17
C GLY A 561 18.59 -19.84 0.68
N THR A 562 19.46 -20.61 1.33
CA THR A 562 19.65 -21.99 0.96
C THR A 562 19.87 -22.90 2.16
N PHE A 563 21.02 -22.73 2.81
CA PHE A 563 21.34 -23.57 3.96
C PHE A 563 20.61 -23.12 5.22
N GLU A 564 20.65 -21.83 5.54
CA GLU A 564 19.98 -21.34 6.74
C GLU A 564 18.47 -21.61 6.68
N VAL A 565 17.99 -21.98 5.49
CA VAL A 565 16.58 -22.28 5.33
C VAL A 565 16.41 -23.79 5.28
N GLU A 566 17.39 -24.47 4.72
CA GLU A 566 17.35 -25.94 4.67
C GLU A 566 17.49 -26.44 6.11
N ASP A 567 18.57 -26.02 6.75
CA ASP A 567 18.89 -26.39 8.12
C ASP A 567 17.69 -26.18 9.03
N GLN A 568 16.92 -25.15 8.74
CA GLN A 568 15.77 -24.86 9.56
C GLN A 568 14.83 -26.05 9.50
N ILE A 569 14.54 -26.49 8.28
CA ILE A 569 13.64 -27.62 8.04
C ILE A 569 14.28 -28.92 8.52
N GLU A 570 15.55 -29.11 8.19
CA GLU A 570 16.26 -30.30 8.63
C GLU A 570 16.14 -30.36 10.14
N ALA A 571 16.05 -29.18 10.75
CA ALA A 571 15.93 -29.04 12.20
C ALA A 571 14.53 -29.46 12.58
N ALA A 572 13.57 -28.92 11.86
CA ALA A 572 12.19 -29.25 12.10
C ALA A 572 12.04 -30.76 12.02
N ARG A 573 12.89 -31.38 11.22
CA ARG A 573 12.86 -32.83 11.03
C ARG A 573 13.34 -33.50 12.31
N GLN A 574 14.55 -33.14 12.72
CA GLN A 574 15.16 -33.69 13.93
C GLN A 574 14.21 -33.64 15.14
N PHE A 575 13.30 -32.67 15.16
CA PHE A 575 12.36 -32.55 16.27
C PHE A 575 11.26 -33.59 16.11
N SER A 576 10.73 -33.71 14.89
CA SER A 576 9.65 -34.66 14.61
C SER A 576 9.88 -36.05 15.24
N LYS A 577 11.06 -36.61 15.01
CA LYS A 577 11.42 -37.92 15.53
C LYS A 577 11.85 -37.83 16.99
N MET A 578 11.15 -37.02 17.78
CA MET A 578 11.54 -36.86 19.20
C MET A 578 10.42 -37.22 20.19
N GLY A 579 9.29 -37.66 19.65
CA GLY A 579 8.18 -38.04 20.51
C GLY A 579 7.11 -36.97 20.53
N PHE A 580 7.06 -36.23 21.63
CA PHE A 580 6.07 -35.17 21.83
C PHE A 580 5.83 -34.25 20.63
N VAL A 581 6.73 -34.32 19.66
CA VAL A 581 6.59 -33.49 18.46
C VAL A 581 5.58 -34.14 17.54
N ASP A 582 4.30 -33.89 17.81
CA ASP A 582 3.20 -34.41 17.03
C ASP A 582 3.32 -33.98 15.55
N ASN A 583 3.83 -34.89 14.73
CA ASN A 583 4.07 -34.64 13.30
C ASN A 583 2.99 -33.87 12.58
N LYS A 584 1.74 -34.22 12.85
CA LYS A 584 0.64 -33.55 12.20
C LYS A 584 0.24 -32.20 12.81
N ARG A 585 1.23 -31.39 13.22
CA ARG A 585 0.98 -30.07 13.81
C ARG A 585 2.24 -29.25 14.13
N ILE A 586 3.09 -29.03 13.15
CA ILE A 586 4.32 -28.27 13.39
C ILE A 586 4.24 -26.90 12.72
N ALA A 587 4.73 -25.88 13.42
CA ALA A 587 4.69 -24.53 12.87
C ALA A 587 6.06 -23.84 12.77
N ILE A 588 6.04 -22.69 12.10
CA ILE A 588 7.24 -21.88 11.89
C ILE A 588 6.80 -20.44 11.63
N TRP A 589 7.33 -19.51 12.43
CA TRP A 589 7.01 -18.11 12.25
C TRP A 589 8.26 -17.26 12.35
N GLY A 590 8.27 -16.13 11.67
CA GLY A 590 9.46 -15.30 11.73
C GLY A 590 9.17 -13.87 11.35
N TRP A 591 9.93 -12.95 11.93
CA TRP A 591 9.76 -11.54 11.66
C TRP A 591 11.01 -11.04 10.93
N SER A 592 10.84 -10.03 10.07
CA SER A 592 11.92 -9.45 9.27
C SER A 592 12.66 -10.50 8.42
N TYR A 593 13.93 -10.75 8.73
CA TYR A 593 14.68 -11.75 7.98
C TYR A 593 13.93 -13.04 8.28
N GLY A 594 13.50 -13.18 9.54
CA GLY A 594 12.77 -14.36 9.99
C GLY A 594 11.58 -14.69 9.12
N GLY A 595 10.90 -13.66 8.64
CA GLY A 595 9.75 -13.89 7.79
C GLY A 595 10.21 -14.42 6.44
N TYR A 596 11.32 -13.88 5.94
CA TYR A 596 11.86 -14.30 4.66
C TYR A 596 12.15 -15.79 4.70
N VAL A 597 12.91 -16.21 5.68
CA VAL A 597 13.24 -17.62 5.82
C VAL A 597 11.95 -18.43 5.90
N THR A 598 11.10 -18.09 6.87
CA THR A 598 9.79 -18.73 7.08
C THR A 598 8.93 -18.76 5.79
N SER A 599 9.36 -18.00 4.77
CA SER A 599 8.69 -17.91 3.46
C SER A 599 9.28 -18.92 2.48
N MET A 600 10.60 -19.05 2.52
CA MET A 600 11.33 -19.99 1.66
C MET A 600 11.05 -21.39 2.15
N VAL A 601 10.90 -21.48 3.47
CA VAL A 601 10.62 -22.73 4.16
C VAL A 601 9.26 -23.27 3.71
N LEU A 602 8.22 -22.45 3.77
CA LEU A 602 6.88 -22.89 3.37
C LEU A 602 6.87 -23.39 1.93
N GLY A 603 7.54 -22.68 1.04
CA GLY A 603 7.59 -23.09 -0.35
C GLY A 603 8.80 -23.97 -0.61
N SER A 604 8.78 -25.17 -0.06
CA SER A 604 9.90 -26.09 -0.24
C SER A 604 9.44 -27.50 -0.56
N GLY A 605 8.14 -27.74 -0.34
CA GLY A 605 7.61 -29.06 -0.58
C GLY A 605 7.95 -29.89 0.66
N SER A 606 8.49 -29.21 1.66
CA SER A 606 8.87 -29.84 2.92
C SER A 606 7.69 -30.60 3.50
N GLY A 607 6.53 -29.94 3.51
CA GLY A 607 5.33 -30.54 4.05
C GLY A 607 5.46 -30.75 5.54
N VAL A 608 6.60 -30.34 6.08
CA VAL A 608 6.87 -30.49 7.49
C VAL A 608 5.91 -29.64 8.32
N PHE A 609 5.35 -28.61 7.69
CA PHE A 609 4.47 -27.67 8.38
C PHE A 609 3.02 -27.62 7.91
N LYS A 610 2.15 -27.25 8.85
CA LYS A 610 0.72 -27.12 8.59
C LYS A 610 0.37 -25.66 8.23
N CYS A 611 1.07 -24.72 8.84
CA CYS A 611 0.83 -23.31 8.56
C CYS A 611 2.11 -22.50 8.86
N GLY A 612 2.04 -21.18 8.63
CA GLY A 612 3.17 -20.31 8.88
C GLY A 612 2.78 -18.84 8.87
N ILE A 613 3.58 -18.01 9.56
CA ILE A 613 3.37 -16.55 9.66
C ILE A 613 4.68 -15.78 9.40
N ALA A 614 4.67 -14.87 8.41
CA ALA A 614 5.84 -14.07 8.07
C ALA A 614 5.49 -12.59 8.25
N VAL A 615 6.33 -11.86 8.99
CA VAL A 615 6.07 -10.43 9.26
C VAL A 615 7.14 -9.54 8.64
N ALA A 616 6.72 -8.68 7.72
CA ALA A 616 7.65 -7.77 7.05
C ALA A 616 8.84 -8.58 6.55
N PRO A 617 8.58 -9.58 5.72
CA PRO A 617 9.67 -10.40 5.19
C PRO A 617 10.29 -9.99 3.88
N VAL A 618 11.59 -10.26 3.70
CA VAL A 618 12.27 -9.95 2.44
C VAL A 618 11.73 -11.05 1.55
N SER A 619 11.66 -10.83 0.23
CA SER A 619 11.13 -11.86 -0.68
C SER A 619 11.78 -11.91 -2.06
N ARG A 620 12.81 -11.08 -2.25
CA ARG A 620 13.56 -10.97 -3.51
C ARG A 620 14.64 -9.98 -3.08
N TRP A 621 15.91 -10.34 -3.20
CA TRP A 621 16.93 -9.44 -2.70
C TRP A 621 17.22 -8.12 -3.40
N GLU A 622 16.65 -7.89 -4.57
CA GLU A 622 16.87 -6.61 -5.23
C GLU A 622 16.13 -5.58 -4.38
N TYR A 623 15.11 -6.06 -3.63
CA TYR A 623 14.27 -5.22 -2.78
C TYR A 623 14.84 -4.74 -1.43
N TYR A 624 16.10 -5.03 -1.15
CA TYR A 624 16.72 -4.58 0.09
C TYR A 624 17.99 -3.76 -0.26
N ASP A 625 18.49 -2.98 0.69
CA ASP A 625 19.67 -2.15 0.41
C ASP A 625 20.96 -2.93 0.24
N SER A 626 21.82 -2.39 -0.62
CA SER A 626 23.13 -2.94 -0.99
C SER A 626 24.21 -3.16 0.08
N VAL A 627 24.35 -2.21 1.00
CA VAL A 627 25.34 -2.33 2.05
C VAL A 627 25.14 -3.57 2.92
N TYR A 628 23.92 -4.11 2.91
CA TYR A 628 23.62 -5.34 3.66
C TYR A 628 23.53 -6.52 2.71
N THR A 629 22.78 -6.34 1.65
CA THR A 629 22.61 -7.39 0.67
C THR A 629 23.88 -7.75 -0.08
N GLU A 630 24.56 -6.77 -0.67
CA GLU A 630 25.77 -7.05 -1.41
C GLU A 630 26.82 -7.79 -0.58
N ARG A 631 26.73 -7.66 0.74
CA ARG A 631 27.66 -8.28 1.67
C ARG A 631 27.48 -9.79 1.78
N TYR A 632 26.29 -10.25 1.43
CA TYR A 632 25.97 -11.65 1.51
C TYR A 632 25.58 -12.19 0.12
N MET A 633 25.78 -11.40 -0.92
CA MET A 633 25.39 -11.85 -2.26
C MET A 633 26.22 -11.21 -3.37
N GLY A 634 27.23 -10.42 -3.02
CA GLY A 634 28.01 -9.78 -4.05
C GLY A 634 27.10 -8.83 -4.83
N LEU A 635 27.37 -8.63 -6.11
CA LEU A 635 26.53 -7.73 -6.94
C LEU A 635 25.50 -8.46 -7.83
N PRO A 636 24.27 -7.90 -7.93
CA PRO A 636 23.21 -8.51 -8.75
C PRO A 636 23.42 -8.25 -10.23
N THR A 637 24.44 -8.91 -10.79
CA THR A 637 24.77 -8.79 -12.20
C THR A 637 25.24 -10.17 -12.65
N PRO A 638 25.14 -10.47 -13.95
CA PRO A 638 25.60 -11.79 -14.38
C PRO A 638 27.09 -12.07 -14.09
N GLU A 639 27.89 -11.01 -13.99
CA GLU A 639 29.33 -11.15 -13.70
C GLU A 639 29.59 -11.57 -12.26
N ASP A 640 28.57 -11.47 -11.40
CA ASP A 640 28.72 -11.82 -9.99
C ASP A 640 27.78 -12.93 -9.51
N ASN A 641 26.65 -12.55 -8.93
CA ASN A 641 25.72 -13.55 -8.39
C ASN A 641 24.25 -13.25 -8.65
N LEU A 642 23.96 -12.49 -9.70
CA LEU A 642 22.59 -12.15 -10.03
C LEU A 642 21.73 -13.39 -10.22
N ASP A 643 22.35 -14.44 -10.74
CA ASP A 643 21.65 -15.69 -10.97
C ASP A 643 21.01 -16.20 -9.70
N HIS A 644 21.66 -15.97 -8.57
CA HIS A 644 21.12 -16.46 -7.32
C HIS A 644 20.07 -15.57 -6.63
N TYR A 645 20.08 -14.27 -6.89
CA TYR A 645 19.09 -13.40 -6.27
C TYR A 645 17.74 -13.96 -6.75
N ARG A 646 17.75 -14.37 -8.01
CA ARG A 646 16.61 -14.91 -8.76
C ARG A 646 16.15 -16.30 -8.33
N ASN A 647 17.08 -17.10 -7.80
CA ASN A 647 16.74 -18.45 -7.34
C ASN A 647 16.16 -18.32 -5.93
N SER A 648 16.76 -17.47 -5.13
CA SER A 648 16.35 -17.25 -3.75
C SER A 648 15.19 -16.28 -3.54
N THR A 649 14.21 -16.28 -4.44
CA THR A 649 13.07 -15.37 -4.27
C THR A 649 11.83 -16.09 -3.79
N VAL A 650 11.17 -15.54 -2.77
CA VAL A 650 9.94 -16.13 -2.21
C VAL A 650 8.88 -16.35 -3.29
N MET A 651 8.96 -15.60 -4.38
CA MET A 651 8.01 -15.69 -5.48
C MET A 651 8.08 -16.98 -6.30
N SER A 652 9.27 -17.44 -6.66
CA SER A 652 9.39 -18.64 -7.47
C SER A 652 8.82 -19.89 -6.79
N ARG A 653 8.75 -19.86 -5.46
CA ARG A 653 8.22 -21.00 -4.71
C ARG A 653 6.71 -20.87 -4.47
N ALA A 654 6.13 -19.76 -4.91
CA ALA A 654 4.70 -19.48 -4.74
C ALA A 654 3.78 -20.67 -4.96
N GLU A 655 4.20 -21.57 -5.85
CA GLU A 655 3.43 -22.77 -6.18
C GLU A 655 3.32 -23.77 -5.01
N ASN A 656 4.43 -24.02 -4.32
CA ASN A 656 4.44 -24.94 -3.20
C ASN A 656 3.76 -24.40 -1.95
N PHE A 657 2.96 -23.36 -2.11
CA PHE A 657 2.27 -22.76 -0.98
C PHE A 657 0.90 -23.40 -0.84
N LYS A 658 0.44 -24.05 -1.90
CA LYS A 658 -0.87 -24.68 -1.90
C LYS A 658 -1.15 -25.57 -0.68
N GLN A 659 -0.10 -26.24 -0.19
CA GLN A 659 -0.24 -27.12 0.97
C GLN A 659 -0.35 -26.34 2.28
N VAL A 660 0.57 -25.41 2.48
CA VAL A 660 0.62 -24.62 3.70
C VAL A 660 -0.52 -23.59 3.89
N GLU A 661 -0.46 -22.84 5.00
CA GLU A 661 -1.43 -21.82 5.35
C GLU A 661 -0.74 -20.47 5.66
N TYR A 662 0.06 -19.99 4.71
CA TYR A 662 0.80 -18.74 4.83
C TYR A 662 -0.04 -17.57 5.36
N LEU A 663 0.60 -16.68 6.13
CA LEU A 663 -0.05 -15.49 6.70
C LEU A 663 0.89 -14.28 6.61
N LEU A 664 0.69 -13.45 5.58
CA LEU A 664 1.53 -12.27 5.39
C LEU A 664 1.06 -11.04 6.16
N ILE A 665 1.99 -10.40 6.87
CA ILE A 665 1.74 -9.18 7.66
C ILE A 665 2.85 -8.18 7.30
N HIS A 666 2.51 -6.90 7.12
CA HIS A 666 3.53 -5.91 6.76
C HIS A 666 3.17 -4.44 6.96
N GLY A 667 4.13 -3.69 7.51
CA GLY A 667 3.89 -2.28 7.75
C GLY A 667 3.81 -1.61 6.38
N THR A 668 2.81 -0.75 6.19
CA THR A 668 2.60 -0.04 4.92
C THR A 668 3.42 1.26 4.86
N ALA A 669 4.29 1.42 5.86
CA ALA A 669 5.17 2.58 5.96
C ALA A 669 6.51 2.09 6.48
N ASP A 670 6.96 0.97 5.92
CA ASP A 670 8.21 0.34 6.33
C ASP A 670 9.39 0.91 5.56
N ASP A 671 10.22 1.66 6.28
CA ASP A 671 11.43 2.26 5.71
C ASP A 671 12.46 1.19 5.33
N ASN A 672 12.46 0.08 6.08
CA ASN A 672 13.37 -1.05 5.88
C ASN A 672 12.97 -2.08 4.80
N VAL A 673 12.14 -3.04 5.18
CA VAL A 673 11.67 -4.02 4.22
C VAL A 673 10.47 -3.29 3.59
N HIS A 674 10.68 -2.62 2.45
CA HIS A 674 9.58 -1.88 1.83
C HIS A 674 8.36 -2.79 1.63
N PHE A 675 7.16 -2.24 1.84
CA PHE A 675 5.93 -3.01 1.67
C PHE A 675 6.06 -3.81 0.38
N GLN A 676 6.72 -3.18 -0.60
CA GLN A 676 6.94 -3.76 -1.92
C GLN A 676 7.15 -5.27 -1.92
N GLN A 677 8.10 -5.75 -1.15
CA GLN A 677 8.39 -7.17 -1.11
C GLN A 677 7.11 -7.95 -0.84
N SER A 678 6.31 -7.47 0.09
CA SER A 678 5.07 -8.17 0.43
C SER A 678 3.96 -7.93 -0.60
N ALA A 679 4.09 -6.86 -1.40
CA ALA A 679 3.11 -6.53 -2.45
C ALA A 679 3.25 -7.52 -3.62
N GLN A 680 4.47 -8.06 -3.77
CA GLN A 680 4.81 -9.04 -4.81
C GLN A 680 4.53 -10.46 -4.30
N ILE A 681 4.72 -10.69 -3.00
CA ILE A 681 4.43 -11.99 -2.40
C ILE A 681 2.94 -12.34 -2.61
N SER A 682 2.06 -11.39 -2.27
CA SER A 682 0.63 -11.58 -2.42
C SER A 682 0.34 -11.83 -3.89
N LYS A 683 0.68 -10.84 -4.73
CA LYS A 683 0.45 -10.93 -6.17
C LYS A 683 1.04 -12.24 -6.73
N ALA A 684 1.97 -12.83 -5.99
CA ALA A 684 2.54 -14.07 -6.44
C ALA A 684 1.47 -15.14 -6.33
N LEU A 685 0.89 -15.25 -5.14
CA LEU A 685 -0.14 -16.25 -4.85
C LEU A 685 -1.44 -15.99 -5.59
N VAL A 686 -1.75 -14.70 -5.76
CA VAL A 686 -2.95 -14.31 -6.47
C VAL A 686 -2.92 -14.90 -7.88
N ASP A 687 -1.72 -14.92 -8.47
CA ASP A 687 -1.46 -15.43 -9.82
C ASP A 687 -1.32 -16.95 -9.93
N VAL A 688 -1.05 -17.58 -8.79
CA VAL A 688 -0.92 -19.02 -8.75
C VAL A 688 -2.20 -19.59 -8.18
N GLY A 689 -3.11 -18.70 -7.79
CA GLY A 689 -4.41 -19.08 -7.24
C GLY A 689 -4.33 -19.82 -5.91
N VAL A 690 -3.66 -19.20 -4.95
CA VAL A 690 -3.51 -19.81 -3.66
C VAL A 690 -3.95 -18.91 -2.52
N ASP A 691 -5.03 -19.31 -1.86
CA ASP A 691 -5.60 -18.59 -0.73
C ASP A 691 -4.55 -18.41 0.36
N PHE A 692 -4.59 -17.28 1.04
CA PHE A 692 -3.64 -17.01 2.12
C PHE A 692 -4.17 -15.88 3.01
N GLN A 693 -3.64 -15.77 4.22
CA GLN A 693 -4.07 -14.74 5.14
C GLN A 693 -3.20 -13.50 5.14
N ALA A 694 -3.76 -12.43 4.58
CA ALA A 694 -3.07 -11.14 4.50
C ALA A 694 -3.52 -10.26 5.66
N MET A 695 -2.66 -9.31 6.02
CA MET A 695 -2.97 -8.41 7.11
C MET A 695 -1.92 -7.31 7.14
N TRP A 696 -2.33 -6.11 6.72
CA TRP A 696 -1.44 -4.93 6.67
C TRP A 696 -1.62 -4.01 7.87
N TYR A 697 -0.60 -3.22 8.19
CA TYR A 697 -0.71 -2.29 9.33
C TYR A 697 -0.30 -0.88 8.91
N THR A 698 -1.32 -0.04 8.67
CA THR A 698 -1.14 1.33 8.22
C THR A 698 -0.13 2.20 8.97
N ASP A 699 0.73 2.86 8.20
CA ASP A 699 1.77 3.76 8.74
C ASP A 699 2.86 3.09 9.60
N GLU A 700 2.64 1.84 9.96
CA GLU A 700 3.60 1.11 10.79
C GLU A 700 4.91 0.81 10.07
N ASP A 701 6.00 1.26 10.67
CA ASP A 701 7.34 1.04 10.11
C ASP A 701 7.75 -0.43 10.27
N HIS A 702 9.04 -0.74 10.20
CA HIS A 702 9.45 -2.14 10.28
C HIS A 702 9.15 -2.87 11.58
N GLY A 703 9.05 -2.15 12.68
CA GLY A 703 8.82 -2.81 13.94
C GLY A 703 7.39 -2.88 14.44
N ILE A 704 6.47 -2.25 13.70
CA ILE A 704 5.07 -2.22 14.12
C ILE A 704 5.11 -1.92 15.62
N ALA A 705 5.83 -0.85 15.93
CA ALA A 705 6.05 -0.36 17.30
C ALA A 705 4.79 0.09 18.04
N SER A 706 4.12 1.11 17.50
CA SER A 706 2.90 1.68 18.10
C SER A 706 2.10 0.74 18.99
N SER A 707 1.86 1.18 20.23
CA SER A 707 1.12 0.41 21.24
C SER A 707 -0.02 -0.41 20.69
N THR A 708 -0.94 0.26 20.00
CA THR A 708 -2.12 -0.38 19.43
C THR A 708 -1.81 -1.47 18.41
N ALA A 709 -0.93 -1.17 17.46
CA ALA A 709 -0.55 -2.12 16.41
C ALA A 709 0.12 -3.34 17.03
N HIS A 710 1.00 -3.09 17.99
CA HIS A 710 1.73 -4.14 18.71
C HIS A 710 0.72 -5.08 19.36
N GLN A 711 -0.13 -4.54 20.23
CA GLN A 711 -1.14 -5.37 20.86
C GLN A 711 -1.92 -6.11 19.76
N HIS A 712 -2.21 -5.39 18.67
CA HIS A 712 -2.98 -5.95 17.57
C HIS A 712 -2.39 -7.17 16.87
N ILE A 713 -1.20 -6.99 16.32
CA ILE A 713 -0.55 -8.06 15.59
C ILE A 713 -0.47 -9.33 16.42
N TYR A 714 0.24 -9.29 17.54
CA TYR A 714 0.38 -10.49 18.38
C TYR A 714 -0.97 -11.12 18.76
N THR A 715 -2.04 -10.36 18.61
CA THR A 715 -3.35 -10.92 18.90
C THR A 715 -3.73 -11.74 17.68
N HIS A 716 -3.67 -11.12 16.50
CA HIS A 716 -4.03 -11.80 15.26
C HIS A 716 -3.20 -13.08 15.01
N MET A 717 -2.05 -13.17 15.66
CA MET A 717 -1.21 -14.35 15.50
C MET A 717 -1.66 -15.46 16.45
N SER A 718 -2.18 -15.05 17.61
CA SER A 718 -2.66 -15.98 18.62
C SER A 718 -3.93 -16.65 18.15
N HIS A 719 -4.83 -15.87 17.53
CA HIS A 719 -6.07 -16.42 17.00
C HIS A 719 -5.70 -17.48 15.96
N PHE A 720 -4.66 -17.20 15.16
CA PHE A 720 -4.17 -18.07 14.07
C PHE A 720 -3.51 -19.36 14.49
N ILE A 721 -2.49 -19.25 15.33
CA ILE A 721 -1.79 -20.43 15.79
C ILE A 721 -2.69 -21.31 16.64
N LYS A 722 -3.55 -20.68 17.45
CA LYS A 722 -4.46 -21.44 18.32
C LYS A 722 -5.72 -21.85 17.56
N GLN A 723 -5.59 -21.95 16.23
CA GLN A 723 -6.66 -22.37 15.32
C GLN A 723 -6.05 -23.54 14.54
N CYS A 724 -4.94 -23.23 13.88
CA CYS A 724 -4.17 -24.17 13.10
C CYS A 724 -3.72 -25.32 14.03
N PHE A 725 -4.03 -25.20 15.31
CA PHE A 725 -3.70 -26.18 16.34
C PHE A 725 -4.92 -26.56 17.18
N SER A 726 -5.06 -25.93 18.35
CA SER A 726 -6.17 -26.22 19.28
C SER A 726 -7.53 -25.87 18.69
N SER B 1 -27.93 -37.77 -9.51
CA SER B 1 -28.55 -36.87 -10.55
C SER B 1 -28.14 -35.39 -10.46
N ARG B 2 -27.32 -34.96 -11.42
CA ARG B 2 -26.88 -33.57 -11.52
C ARG B 2 -26.04 -33.00 -10.37
N LYS B 3 -25.26 -31.98 -10.71
CA LYS B 3 -24.40 -31.28 -9.75
C LYS B 3 -24.95 -29.85 -9.71
N THR B 4 -24.18 -28.93 -9.12
CA THR B 4 -24.60 -27.54 -9.01
C THR B 4 -23.55 -26.56 -9.55
N TYR B 5 -23.96 -25.29 -9.64
CA TYR B 5 -23.12 -24.21 -10.15
C TYR B 5 -22.01 -23.93 -9.14
N THR B 6 -20.95 -24.73 -9.19
CA THR B 6 -19.84 -24.56 -8.24
C THR B 6 -19.05 -23.28 -8.47
N LEU B 7 -18.05 -23.09 -7.62
CA LEU B 7 -17.19 -21.94 -7.69
C LEU B 7 -16.47 -22.01 -9.04
N THR B 8 -15.93 -23.19 -9.34
CA THR B 8 -15.20 -23.45 -10.60
C THR B 8 -16.10 -23.27 -11.82
N ASP B 9 -17.33 -23.80 -11.77
CA ASP B 9 -18.25 -23.66 -12.89
C ASP B 9 -18.47 -22.16 -13.10
N TYR B 10 -18.15 -21.37 -12.08
CA TYR B 10 -18.27 -19.90 -12.09
C TYR B 10 -16.96 -19.24 -12.51
N LEU B 11 -15.98 -19.27 -11.60
CA LEU B 11 -14.69 -18.67 -11.86
C LEU B 11 -14.13 -19.01 -13.25
N LYS B 12 -13.86 -20.29 -13.50
CA LYS B 12 -13.33 -20.68 -14.81
C LYS B 12 -14.34 -20.43 -15.94
N ASN B 13 -15.56 -20.07 -15.56
CA ASN B 13 -16.64 -19.77 -16.52
C ASN B 13 -16.87 -20.88 -17.54
N THR B 14 -17.59 -21.92 -17.14
CA THR B 14 -17.87 -23.04 -18.04
C THR B 14 -19.13 -22.76 -18.85
N TYR B 15 -20.14 -22.19 -18.20
CA TYR B 15 -21.40 -21.87 -18.84
C TYR B 15 -21.36 -20.46 -19.50
N ARG B 16 -21.18 -20.46 -20.82
CA ARG B 16 -21.07 -19.25 -21.63
C ARG B 16 -22.42 -18.65 -22.04
N LEU B 17 -22.47 -17.32 -22.16
CA LEU B 17 -23.69 -16.62 -22.54
C LEU B 17 -23.58 -15.89 -23.89
N LYS B 18 -23.84 -16.62 -24.97
CA LYS B 18 -23.80 -16.08 -26.33
C LYS B 18 -24.53 -14.75 -26.49
N LEU B 19 -23.85 -13.78 -27.10
CA LEU B 19 -24.45 -12.47 -27.36
C LEU B 19 -24.79 -12.39 -28.85
N TYR B 20 -24.66 -11.18 -29.37
CA TYR B 20 -24.91 -10.86 -30.77
C TYR B 20 -24.76 -9.36 -30.81
N SER B 21 -23.54 -8.90 -30.59
CA SER B 21 -23.24 -7.49 -30.61
C SER B 21 -23.01 -7.08 -32.08
N LEU B 22 -23.82 -6.15 -32.56
CA LEU B 22 -23.70 -5.71 -33.94
C LEU B 22 -23.64 -4.20 -34.02
N ARG B 23 -23.20 -3.73 -35.18
CA ARG B 23 -23.09 -2.30 -35.41
C ARG B 23 -23.64 -1.99 -36.80
N TRP B 24 -24.67 -1.15 -36.85
CA TRP B 24 -25.27 -0.78 -38.12
C TRP B 24 -24.35 0.20 -38.83
N ILE B 25 -24.17 -0.03 -40.12
CA ILE B 25 -23.34 0.83 -40.94
C ILE B 25 -24.23 1.80 -41.72
N SER B 26 -25.53 1.50 -41.73
CA SER B 26 -26.53 2.32 -42.42
C SER B 26 -27.89 2.14 -41.75
N ASP B 27 -28.94 2.18 -42.57
CA ASP B 27 -30.30 2.02 -42.09
C ASP B 27 -30.84 0.59 -42.29
N HIS B 28 -30.10 -0.24 -43.02
CA HIS B 28 -30.48 -1.63 -43.29
C HIS B 28 -29.27 -2.54 -43.52
N GLU B 29 -28.24 -2.35 -42.71
CA GLU B 29 -27.04 -3.16 -42.83
C GLU B 29 -26.24 -2.96 -41.55
N TYR B 30 -25.69 -4.05 -41.04
CA TYR B 30 -24.88 -4.01 -39.83
C TYR B 30 -23.71 -5.00 -39.96
N LEU B 31 -22.80 -5.03 -38.99
CA LEU B 31 -21.67 -5.95 -39.02
C LEU B 31 -21.67 -6.84 -37.80
N TYR B 32 -21.51 -8.14 -38.01
CA TYR B 32 -21.48 -9.10 -36.91
C TYR B 32 -20.34 -10.08 -37.12
N LYS B 33 -19.46 -10.19 -36.12
CA LYS B 33 -18.31 -11.08 -36.17
C LYS B 33 -18.74 -12.53 -36.18
N GLN B 34 -17.82 -13.42 -36.56
CA GLN B 34 -18.12 -14.84 -36.60
C GLN B 34 -16.85 -15.58 -36.23
N GLU B 35 -16.11 -14.98 -35.28
CA GLU B 35 -14.83 -15.52 -34.78
C GLU B 35 -13.70 -15.48 -35.83
N ASN B 36 -13.83 -16.27 -36.89
CA ASN B 36 -12.83 -16.27 -37.94
C ASN B 36 -13.02 -14.98 -38.74
N ASN B 37 -13.92 -15.01 -39.73
CA ASN B 37 -14.18 -13.86 -40.57
C ASN B 37 -15.22 -12.89 -39.98
N ILE B 38 -15.51 -11.80 -40.70
CA ILE B 38 -16.51 -10.81 -40.29
C ILE B 38 -17.57 -10.58 -41.37
N LEU B 39 -18.71 -11.24 -41.18
CA LEU B 39 -19.83 -11.15 -42.10
C LEU B 39 -20.57 -9.81 -42.00
N VAL B 40 -21.21 -9.43 -43.10
CA VAL B 40 -22.00 -8.20 -43.16
C VAL B 40 -23.43 -8.65 -43.49
N PHE B 41 -24.34 -8.41 -42.54
CA PHE B 41 -25.73 -8.80 -42.71
C PHE B 41 -26.61 -7.72 -43.34
N ASN B 42 -27.65 -8.18 -44.02
CA ASN B 42 -28.65 -7.31 -44.66
C ASN B 42 -29.90 -7.34 -43.78
N ALA B 43 -30.07 -6.25 -43.03
CA ALA B 43 -31.18 -6.06 -42.09
C ALA B 43 -32.49 -6.77 -42.47
N GLU B 44 -32.82 -6.72 -43.75
CA GLU B 44 -34.04 -7.33 -44.23
C GLU B 44 -33.91 -8.85 -44.38
N TYR B 45 -34.01 -9.29 -45.63
CA TYR B 45 -33.95 -10.70 -46.00
C TYR B 45 -32.81 -11.45 -45.30
N GLY B 46 -31.76 -10.72 -44.92
CA GLY B 46 -30.64 -11.33 -44.24
C GLY B 46 -29.67 -12.05 -45.16
N ASN B 47 -29.51 -11.58 -46.41
CA ASN B 47 -28.57 -12.22 -47.33
C ASN B 47 -27.13 -11.83 -47.00
N SER B 48 -26.63 -12.45 -45.93
CA SER B 48 -25.30 -12.25 -45.36
C SER B 48 -24.11 -12.45 -46.29
N SER B 49 -23.54 -11.35 -46.76
CA SER B 49 -22.36 -11.41 -47.61
C SER B 49 -21.19 -11.39 -46.61
N VAL B 50 -19.96 -11.66 -47.07
CA VAL B 50 -18.80 -11.64 -46.16
C VAL B 50 -18.02 -10.34 -46.40
N PHE B 51 -18.05 -9.41 -45.43
CA PHE B 51 -17.38 -8.13 -45.58
C PHE B 51 -15.86 -8.22 -45.64
N LEU B 52 -15.22 -8.60 -44.54
CA LEU B 52 -13.77 -8.71 -44.57
C LEU B 52 -13.27 -10.06 -44.09
N GLU B 53 -12.29 -10.61 -44.81
CA GLU B 53 -11.72 -11.91 -44.48
C GLU B 53 -10.99 -11.85 -43.15
N ASN B 54 -10.68 -13.02 -42.58
CA ASN B 54 -9.96 -13.11 -41.30
C ASN B 54 -8.47 -13.30 -41.55
N SER B 55 -8.17 -14.15 -42.53
CA SER B 55 -6.81 -14.48 -42.92
C SER B 55 -6.07 -13.26 -43.47
N THR B 56 -6.82 -12.24 -43.83
CA THR B 56 -6.23 -11.02 -44.39
C THR B 56 -5.53 -10.19 -43.32
N PHE B 57 -5.38 -10.77 -42.14
CA PHE B 57 -4.72 -10.06 -41.05
C PHE B 57 -3.77 -10.93 -40.21
N ASP B 58 -3.46 -12.14 -40.69
CA ASP B 58 -2.54 -13.05 -40.01
C ASP B 58 -1.19 -12.34 -39.96
N GLU B 59 -0.63 -12.16 -41.15
CA GLU B 59 0.65 -11.47 -41.31
C GLU B 59 0.48 -10.00 -40.96
N PHE B 60 0.37 -9.72 -39.67
CA PHE B 60 0.20 -8.36 -39.20
C PHE B 60 1.30 -8.05 -38.18
N GLY B 61 1.95 -9.10 -37.68
CA GLY B 61 3.03 -8.95 -36.72
C GLY B 61 2.57 -8.45 -35.38
N HIS B 62 1.35 -7.90 -35.35
CA HIS B 62 0.78 -7.36 -34.12
C HIS B 62 -0.42 -8.20 -33.66
N SER B 63 -0.86 -7.93 -32.43
CA SER B 63 -2.01 -8.61 -31.85
C SER B 63 -3.13 -7.57 -31.96
N ILE B 64 -4.05 -7.77 -32.90
CA ILE B 64 -5.14 -6.82 -33.11
C ILE B 64 -6.42 -7.25 -32.39
N ASN B 65 -7.08 -6.29 -31.73
CA ASN B 65 -8.31 -6.57 -30.98
C ASN B 65 -9.57 -5.86 -31.49
N ASP B 66 -9.44 -4.62 -31.96
CA ASP B 66 -10.62 -3.92 -32.45
C ASP B 66 -10.46 -3.30 -33.83
N TYR B 67 -11.60 -2.95 -34.43
CA TYR B 67 -11.66 -2.36 -35.77
C TYR B 67 -12.76 -1.27 -35.79
N SER B 68 -12.67 -0.35 -36.74
CA SER B 68 -13.65 0.72 -36.87
C SER B 68 -13.74 1.18 -38.30
N ILE B 69 -14.88 0.92 -38.94
CA ILE B 69 -15.08 1.31 -40.34
C ILE B 69 -15.78 2.64 -40.48
N SER B 70 -15.24 3.49 -41.32
CA SER B 70 -15.81 4.80 -41.55
C SER B 70 -17.16 4.65 -42.25
N PRO B 71 -17.92 5.75 -42.36
CA PRO B 71 -19.22 5.68 -43.03
C PRO B 71 -18.96 5.21 -44.45
N ASP B 72 -18.02 5.89 -45.09
CA ASP B 72 -17.61 5.61 -46.47
C ASP B 72 -17.39 4.13 -46.70
N GLY B 73 -17.12 3.40 -45.62
CA GLY B 73 -16.86 1.99 -45.75
C GLY B 73 -15.62 1.83 -46.62
N GLN B 74 -14.82 2.90 -46.64
CA GLN B 74 -13.57 2.97 -47.41
C GLN B 74 -12.30 2.79 -46.56
N PHE B 75 -12.44 2.75 -45.24
CA PHE B 75 -11.28 2.57 -44.35
C PHE B 75 -11.65 1.82 -43.09
N ILE B 76 -10.73 0.96 -42.65
CA ILE B 76 -10.93 0.21 -41.43
C ILE B 76 -9.80 0.63 -40.52
N LEU B 77 -10.14 1.00 -39.28
CA LEU B 77 -9.11 1.39 -38.34
C LEU B 77 -8.80 0.10 -37.56
N LEU B 78 -7.54 -0.08 -37.19
CA LEU B 78 -7.13 -1.29 -36.48
C LEU B 78 -6.50 -0.93 -35.14
N GLU B 79 -7.11 -1.44 -34.07
CA GLU B 79 -6.65 -1.15 -32.72
C GLU B 79 -5.79 -2.25 -32.11
N TYR B 80 -4.71 -1.86 -31.43
CA TYR B 80 -3.79 -2.79 -30.76
C TYR B 80 -2.95 -1.99 -29.78
N ASN B 81 -2.25 -2.68 -28.89
CA ASN B 81 -1.43 -2.02 -27.86
C ASN B 81 -2.34 -1.39 -26.81
N TYR B 82 -3.50 -2.02 -26.60
CA TYR B 82 -4.50 -1.57 -25.65
C TYR B 82 -3.95 -1.54 -24.22
N VAL B 83 -3.87 -0.33 -23.66
CA VAL B 83 -3.38 -0.16 -22.30
C VAL B 83 -4.43 0.53 -21.44
N LYS B 84 -5.29 -0.25 -20.78
CA LYS B 84 -6.32 0.34 -19.94
C LYS B 84 -5.67 1.32 -18.96
N GLN B 85 -6.39 2.41 -18.70
CA GLN B 85 -5.94 3.44 -17.77
C GLN B 85 -6.98 3.51 -16.68
N TRP B 86 -8.11 4.13 -17.01
CA TRP B 86 -9.20 4.26 -16.05
C TRP B 86 -10.37 3.41 -16.53
N ARG B 87 -11.59 3.87 -16.24
CA ARG B 87 -12.83 3.17 -16.60
C ARG B 87 -13.02 3.03 -18.12
N HIS B 88 -12.92 4.14 -18.87
CA HIS B 88 -13.09 4.12 -20.33
C HIS B 88 -11.86 4.61 -21.10
N SER B 89 -10.91 5.22 -20.40
CA SER B 89 -9.72 5.71 -21.06
C SER B 89 -8.77 4.55 -21.35
N TYR B 90 -8.13 4.63 -22.53
CA TYR B 90 -7.19 3.62 -22.99
C TYR B 90 -6.16 4.25 -23.93
N THR B 91 -4.91 3.78 -23.88
CA THR B 91 -3.86 4.30 -24.77
C THR B 91 -3.32 3.18 -25.63
N ALA B 92 -3.41 3.37 -26.94
CA ALA B 92 -2.96 2.35 -27.85
C ALA B 92 -2.56 2.95 -29.19
N SER B 93 -2.07 2.09 -30.09
CA SER B 93 -1.65 2.52 -31.41
C SER B 93 -2.64 1.98 -32.45
N TYR B 94 -2.79 2.65 -33.59
CA TYR B 94 -3.73 2.22 -34.62
C TYR B 94 -3.18 2.31 -36.05
N ASP B 95 -3.61 1.37 -36.89
CA ASP B 95 -3.19 1.33 -38.31
C ASP B 95 -4.42 1.46 -39.22
N ILE B 96 -4.33 2.34 -40.21
CA ILE B 96 -5.44 2.54 -41.12
C ILE B 96 -5.21 1.69 -42.37
N TYR B 97 -6.27 0.99 -42.79
CA TYR B 97 -6.24 0.10 -43.97
C TYR B 97 -7.26 0.60 -45.00
N ASP B 98 -6.80 0.78 -46.25
CA ASP B 98 -7.69 1.24 -47.32
C ASP B 98 -8.46 0.03 -47.87
N LEU B 99 -9.76 -0.02 -47.61
CA LEU B 99 -10.60 -1.14 -48.06
C LEU B 99 -10.70 -1.35 -49.55
N ASN B 100 -10.83 -0.25 -50.29
CA ASN B 100 -10.97 -0.33 -51.75
C ASN B 100 -9.75 -0.93 -52.49
N LYS B 101 -8.57 -0.33 -52.31
CA LYS B 101 -7.34 -0.80 -52.97
C LYS B 101 -6.69 -2.03 -52.28
N ARG B 102 -7.41 -2.69 -51.39
CA ARG B 102 -6.93 -3.86 -50.65
C ARG B 102 -5.44 -3.79 -50.28
N GLN B 103 -5.05 -2.68 -49.66
CA GLN B 103 -3.67 -2.46 -49.26
C GLN B 103 -3.63 -1.69 -47.95
N LEU B 104 -2.55 -1.83 -47.20
CA LEU B 104 -2.39 -1.16 -45.91
C LEU B 104 -1.59 0.15 -46.10
N ILE B 105 -2.04 1.25 -45.49
CA ILE B 105 -1.35 2.53 -45.59
C ILE B 105 0.04 2.39 -44.95
N THR B 106 0.98 3.27 -45.30
CA THR B 106 2.33 3.17 -44.74
C THR B 106 2.93 4.46 -44.16
N GLU B 107 2.92 5.55 -44.92
CA GLU B 107 3.49 6.80 -44.41
C GLU B 107 2.39 7.69 -43.82
N GLU B 108 2.80 8.70 -43.05
CA GLU B 108 1.89 9.65 -42.43
C GLU B 108 0.80 8.96 -41.60
N ARG B 109 1.17 7.91 -40.89
CA ARG B 109 0.21 7.15 -40.07
C ARG B 109 -0.05 7.80 -38.70
N ILE B 110 -1.03 7.26 -37.99
CA ILE B 110 -1.40 7.74 -36.67
C ILE B 110 -0.24 7.47 -35.73
N PRO B 111 0.21 8.48 -34.97
CA PRO B 111 1.33 8.24 -34.06
C PRO B 111 1.06 7.11 -33.07
N ASN B 112 2.12 6.41 -32.65
CA ASN B 112 2.02 5.34 -31.67
C ASN B 112 1.49 6.04 -30.41
N ASN B 113 1.14 5.29 -29.38
CA ASN B 113 0.67 5.87 -28.11
C ASN B 113 -0.42 6.94 -28.19
N THR B 114 -1.35 6.80 -29.11
CA THR B 114 -2.44 7.78 -29.23
C THR B 114 -3.37 7.60 -28.01
N GLN B 115 -4.31 8.53 -27.82
CA GLN B 115 -5.24 8.51 -26.68
C GLN B 115 -6.71 8.34 -27.06
N TRP B 116 -7.01 8.74 -28.28
CA TRP B 116 -8.35 8.61 -28.81
C TRP B 116 -8.33 8.98 -30.29
N VAL B 117 -9.11 8.26 -31.09
CA VAL B 117 -9.19 8.54 -32.51
C VAL B 117 -10.61 8.19 -32.92
N THR B 118 -11.11 8.84 -33.98
CA THR B 118 -12.47 8.55 -34.44
C THR B 118 -12.86 9.08 -35.84
N TRP B 119 -13.85 8.43 -36.42
CA TRP B 119 -14.37 8.77 -37.73
C TRP B 119 -15.40 9.82 -37.47
N SER B 120 -15.73 10.58 -38.50
CA SER B 120 -16.76 11.57 -38.32
C SER B 120 -18.02 10.85 -38.75
N PRO B 121 -19.18 11.39 -38.39
CA PRO B 121 -20.45 10.76 -38.76
C PRO B 121 -20.56 10.40 -40.26
N VAL B 122 -20.01 11.24 -41.13
CA VAL B 122 -20.05 11.00 -42.58
C VAL B 122 -18.75 11.50 -43.17
N GLY B 123 -18.16 10.70 -44.03
CA GLY B 123 -16.89 11.07 -44.60
C GLY B 123 -15.92 10.37 -43.68
N HIS B 124 -14.70 10.13 -44.14
CA HIS B 124 -13.72 9.43 -43.32
C HIS B 124 -12.73 10.36 -42.61
N LYS B 125 -13.19 11.54 -42.18
CA LYS B 125 -12.32 12.49 -41.49
C LYS B 125 -11.97 11.92 -40.12
N LEU B 126 -10.66 11.86 -39.83
CA LEU B 126 -10.19 11.33 -38.57
C LEU B 126 -9.74 12.41 -37.61
N ALA B 127 -10.34 12.40 -36.42
CA ALA B 127 -9.97 13.35 -35.39
C ALA B 127 -9.31 12.48 -34.33
N TYR B 128 -8.33 13.03 -33.61
CA TYR B 128 -7.65 12.28 -32.56
C TYR B 128 -6.87 13.12 -31.54
N VAL B 129 -6.67 12.55 -30.35
CA VAL B 129 -5.92 13.21 -29.30
C VAL B 129 -4.67 12.39 -29.05
N TRP B 130 -3.52 13.06 -28.94
CA TRP B 130 -2.21 12.43 -28.73
C TRP B 130 -1.37 13.41 -27.93
N ASN B 131 -0.79 12.95 -26.83
CA ASN B 131 0.03 13.84 -26.01
C ASN B 131 -0.81 15.03 -25.52
N ASN B 132 -2.12 14.82 -25.43
CA ASN B 132 -3.06 15.83 -24.99
C ASN B 132 -3.30 17.00 -25.97
N ASP B 133 -3.28 16.70 -27.26
CA ASP B 133 -3.53 17.71 -28.30
C ASP B 133 -4.42 17.11 -29.39
N ILE B 134 -5.22 17.95 -30.05
CA ILE B 134 -6.16 17.51 -31.08
C ILE B 134 -5.70 17.73 -32.53
N TYR B 135 -5.36 16.64 -33.21
CA TYR B 135 -4.95 16.68 -34.62
C TYR B 135 -6.10 16.10 -35.47
N VAL B 136 -6.23 16.52 -36.72
CA VAL B 136 -7.29 15.99 -37.55
C VAL B 136 -6.81 15.79 -38.96
N LYS B 137 -7.19 14.66 -39.55
CA LYS B 137 -6.81 14.34 -40.94
C LYS B 137 -8.07 14.32 -41.82
N ILE B 138 -8.06 15.06 -42.93
CA ILE B 138 -9.22 15.06 -43.81
C ILE B 138 -9.16 13.72 -44.50
N GLU B 139 -7.97 13.40 -44.99
CA GLU B 139 -7.71 12.15 -45.68
C GLU B 139 -6.75 11.30 -44.87
N PRO B 140 -6.88 9.97 -44.96
CA PRO B 140 -6.03 9.02 -44.22
C PRO B 140 -4.54 9.10 -44.54
N ASN B 141 -4.21 9.02 -45.83
CA ASN B 141 -2.81 9.05 -46.27
C ASN B 141 -2.18 10.43 -46.15
N LEU B 142 -2.98 11.50 -46.31
CA LEU B 142 -2.46 12.86 -46.20
C LEU B 142 -1.88 13.12 -44.79
N PRO B 143 -1.17 14.25 -44.60
CA PRO B 143 -0.58 14.54 -43.28
C PRO B 143 -1.65 14.65 -42.19
N SER B 144 -1.61 15.78 -41.48
CA SER B 144 -2.59 16.04 -40.43
C SER B 144 -2.52 17.52 -40.04
N TYR B 145 -3.43 17.93 -39.16
CA TYR B 145 -3.52 19.31 -38.71
C TYR B 145 -3.70 19.40 -37.19
N ARG B 146 -2.79 20.11 -36.52
CA ARG B 146 -2.86 20.30 -35.07
C ARG B 146 -3.81 21.44 -34.72
N ILE B 147 -4.93 21.12 -34.09
CA ILE B 147 -5.92 22.12 -33.70
C ILE B 147 -5.58 22.79 -32.37
N THR B 148 -4.64 22.20 -31.62
CA THR B 148 -4.21 22.75 -30.33
C THR B 148 -2.70 22.60 -30.15
N TRP B 149 -2.16 23.43 -29.25
CA TRP B 149 -0.74 23.40 -28.95
C TRP B 149 -0.53 23.60 -27.47
N THR B 150 -1.60 23.94 -26.75
CA THR B 150 -1.52 24.17 -25.30
C THR B 150 -1.49 22.87 -24.51
N GLY B 151 -1.88 21.78 -25.15
CA GLY B 151 -1.91 20.48 -24.50
C GLY B 151 -0.70 20.08 -23.66
N LYS B 152 -0.85 20.14 -22.33
CA LYS B 152 0.23 19.74 -21.44
C LYS B 152 -0.33 18.70 -20.48
N GLU B 153 0.25 17.51 -20.54
CA GLU B 153 -0.15 16.36 -19.73
C GLU B 153 -0.43 16.70 -18.29
N ASP B 154 -1.35 15.96 -17.69
CA ASP B 154 -1.77 16.12 -16.30
C ASP B 154 -1.98 17.57 -15.89
N ILE B 155 -2.36 18.38 -16.88
CA ILE B 155 -2.63 19.81 -16.72
C ILE B 155 -3.69 20.25 -17.75
N ILE B 156 -3.34 20.24 -19.04
CA ILE B 156 -4.25 20.65 -20.10
C ILE B 156 -4.66 19.45 -20.94
N TYR B 157 -5.93 19.09 -20.85
CA TYR B 157 -6.47 17.95 -21.59
C TYR B 157 -7.31 18.45 -22.79
N ASN B 158 -6.76 18.36 -23.99
CA ASN B 158 -7.48 18.77 -25.20
C ASN B 158 -8.06 17.58 -25.90
N GLY B 159 -9.38 17.53 -26.00
CA GLY B 159 -10.01 16.40 -26.66
C GLY B 159 -10.20 15.18 -25.77
N ILE B 160 -9.82 15.28 -24.50
CA ILE B 160 -9.97 14.14 -23.59
C ILE B 160 -10.28 14.55 -22.15
N THR B 161 -11.13 13.77 -21.51
CA THR B 161 -11.54 14.01 -20.13
C THR B 161 -10.48 13.60 -19.11
N ASP B 162 -10.27 14.42 -18.07
CA ASP B 162 -9.28 14.09 -17.03
C ASP B 162 -9.85 12.91 -16.24
N TRP B 163 -9.41 12.68 -15.01
CA TRP B 163 -9.95 11.53 -14.27
C TRP B 163 -11.43 11.67 -13.90
N VAL B 164 -11.73 12.73 -13.15
CA VAL B 164 -13.07 12.98 -12.69
C VAL B 164 -14.13 13.23 -13.80
N TYR B 165 -13.73 13.88 -14.89
CA TYR B 165 -14.67 14.14 -15.98
C TYR B 165 -14.97 12.84 -16.70
N GLU B 166 -14.23 11.79 -16.37
CA GLU B 166 -14.45 10.52 -17.03
C GLU B 166 -15.45 9.70 -16.23
N GLU B 167 -15.08 9.37 -15.00
CA GLU B 167 -15.89 8.54 -14.15
C GLU B 167 -17.28 9.06 -13.79
N GLU B 168 -17.36 10.29 -13.29
CA GLU B 168 -18.64 10.86 -12.84
C GLU B 168 -19.61 11.57 -13.79
N VAL B 169 -19.11 12.22 -14.83
CA VAL B 169 -19.99 12.95 -15.73
C VAL B 169 -20.25 12.36 -17.13
N PHE B 170 -19.21 12.19 -17.94
CA PHE B 170 -19.39 11.66 -19.30
C PHE B 170 -19.34 10.16 -19.41
N SER B 171 -18.61 9.52 -18.52
CA SER B 171 -18.46 8.07 -18.59
C SER B 171 -17.89 7.72 -19.97
N ALA B 172 -16.81 8.45 -20.32
CA ALA B 172 -16.07 8.29 -21.59
C ALA B 172 -14.74 9.11 -21.60
N TYR B 173 -13.99 9.00 -22.69
CA TYR B 173 -12.69 9.68 -22.84
C TYR B 173 -12.81 10.71 -23.96
N SER B 174 -13.60 10.36 -24.98
CA SER B 174 -13.84 11.18 -26.16
C SER B 174 -14.36 12.60 -25.85
N ALA B 175 -13.45 13.55 -25.68
CA ALA B 175 -13.85 14.91 -25.41
C ALA B 175 -13.97 15.82 -26.66
N LEU B 176 -14.25 15.19 -27.79
CA LEU B 176 -14.46 15.89 -29.05
C LEU B 176 -15.84 15.46 -29.52
N TRP B 177 -16.50 16.28 -30.32
CA TRP B 177 -17.83 15.93 -30.83
C TRP B 177 -17.94 16.42 -32.27
N TRP B 178 -17.93 15.48 -33.23
CA TRP B 178 -18.03 15.83 -34.64
C TRP B 178 -19.41 16.39 -34.97
N SER B 179 -19.51 17.22 -36.00
CA SER B 179 -20.79 17.80 -36.41
C SER B 179 -21.44 16.93 -37.49
N PRO B 180 -22.78 16.88 -37.52
CA PRO B 180 -23.55 16.09 -38.48
C PRO B 180 -22.90 15.81 -39.84
N ASN B 181 -22.50 16.84 -40.61
CA ASN B 181 -21.88 16.60 -41.92
C ASN B 181 -20.37 16.83 -41.94
N GLY B 182 -19.73 16.46 -40.83
CA GLY B 182 -18.29 16.59 -40.69
C GLY B 182 -17.66 17.91 -41.12
N THR B 183 -18.38 19.01 -40.95
CA THR B 183 -17.90 20.34 -41.33
C THR B 183 -17.29 21.04 -40.13
N PHE B 184 -17.89 20.78 -38.97
CA PHE B 184 -17.46 21.36 -37.70
C PHE B 184 -16.95 20.27 -36.76
N LEU B 185 -16.17 20.69 -35.77
CA LEU B 185 -15.63 19.77 -34.78
C LEU B 185 -15.51 20.58 -33.52
N ALA B 186 -16.10 20.07 -32.45
CA ALA B 186 -16.10 20.77 -31.18
C ALA B 186 -15.42 19.97 -30.09
N TYR B 187 -14.46 20.61 -29.40
CA TYR B 187 -13.69 19.97 -28.31
C TYR B 187 -13.90 20.62 -26.93
N ALA B 188 -13.40 19.96 -25.88
CA ALA B 188 -13.52 20.47 -24.51
C ALA B 188 -12.16 20.39 -23.82
N GLN B 189 -11.67 21.52 -23.35
CA GLN B 189 -10.35 21.61 -22.71
C GLN B 189 -10.43 21.80 -21.20
N PHE B 190 -9.45 21.24 -20.47
CA PHE B 190 -9.42 21.32 -18.99
C PHE B 190 -8.07 21.79 -18.36
N ASN B 191 -8.07 22.94 -17.68
CA ASN B 191 -6.88 23.51 -17.01
C ASN B 191 -6.91 22.86 -15.60
N ASP B 192 -6.14 21.78 -15.44
CA ASP B 192 -6.06 21.04 -14.18
C ASP B 192 -4.93 21.60 -13.31
N THR B 193 -4.42 22.76 -13.70
CA THR B 193 -3.32 23.41 -13.00
C THR B 193 -3.34 23.35 -11.48
N GLU B 194 -4.48 23.67 -10.88
CA GLU B 194 -4.55 23.67 -9.43
C GLU B 194 -5.24 22.44 -8.88
N VAL B 195 -5.66 21.56 -9.77
CA VAL B 195 -6.33 20.33 -9.36
C VAL B 195 -5.33 19.50 -8.53
N PRO B 196 -5.72 19.08 -7.31
CA PRO B 196 -4.86 18.27 -6.45
C PRO B 196 -4.60 16.83 -6.99
N LEU B 197 -3.47 16.24 -6.59
CA LEU B 197 -3.10 14.90 -7.03
C LEU B 197 -3.24 13.90 -5.91
N ILE B 198 -3.36 12.63 -6.29
CA ILE B 198 -3.50 11.54 -5.34
C ILE B 198 -2.49 10.48 -5.77
N GLU B 199 -1.37 10.42 -5.07
CA GLU B 199 -0.31 9.47 -5.40
C GLU B 199 -0.47 8.11 -4.71
N TYR B 200 0.24 7.11 -5.22
CA TYR B 200 0.18 5.78 -4.63
C TYR B 200 1.15 4.87 -5.34
N SER B 201 1.35 3.69 -4.80
CA SER B 201 2.28 2.76 -5.39
C SER B 201 1.70 1.73 -6.33
N PHE B 202 2.50 1.41 -7.33
CA PHE B 202 2.21 0.42 -8.37
C PHE B 202 3.48 -0.41 -8.20
N TYR B 203 3.41 -1.72 -8.35
CA TYR B 203 4.61 -2.52 -8.14
C TYR B 203 5.05 -3.41 -9.32
N SER B 204 4.25 -3.45 -10.39
CA SER B 204 4.55 -4.26 -11.57
C SER B 204 5.00 -5.67 -11.22
N ASP B 205 5.73 -6.31 -12.15
CA ASP B 205 6.23 -7.67 -11.92
C ASP B 205 7.45 -7.69 -10.98
N GLU B 206 7.69 -8.85 -10.39
CA GLU B 206 8.77 -9.06 -9.43
C GLU B 206 10.10 -8.40 -9.79
N SER B 207 10.28 -8.05 -11.07
CA SER B 207 11.52 -7.43 -11.54
C SER B 207 11.71 -5.95 -11.18
N LEU B 208 10.63 -5.21 -11.03
CA LEU B 208 10.76 -3.80 -10.66
C LEU B 208 11.45 -3.67 -9.30
N GLN B 209 12.57 -2.96 -9.28
CA GLN B 209 13.32 -2.76 -8.04
C GLN B 209 12.71 -1.65 -7.20
N TYR B 210 12.48 -0.50 -7.82
CA TYR B 210 11.89 0.63 -7.12
C TYR B 210 10.45 0.85 -7.61
N PRO B 211 9.48 0.72 -6.70
CA PRO B 211 8.06 0.89 -7.03
C PRO B 211 7.82 2.18 -7.81
N LYS B 212 6.69 2.33 -8.49
CA LYS B 212 6.41 3.58 -9.19
C LYS B 212 5.23 4.33 -8.55
N THR B 213 5.47 5.60 -8.24
CA THR B 213 4.49 6.46 -7.57
C THR B 213 3.51 7.15 -8.52
N VAL B 214 2.37 6.51 -8.76
CA VAL B 214 1.35 7.04 -9.67
C VAL B 214 0.65 8.30 -9.16
N ARG B 215 0.93 9.44 -9.79
CA ARG B 215 0.27 10.68 -9.42
C ARG B 215 -0.70 11.03 -10.55
N VAL B 216 -1.92 11.42 -10.17
CA VAL B 216 -2.97 11.76 -11.11
C VAL B 216 -3.88 12.86 -10.53
N PRO B 217 -4.32 13.83 -11.36
CA PRO B 217 -5.19 14.90 -10.86
C PRO B 217 -6.51 14.25 -10.42
N TYR B 218 -7.06 14.64 -9.26
CA TYR B 218 -8.28 14.02 -8.76
C TYR B 218 -8.89 14.90 -7.67
N PRO B 219 -9.94 15.66 -8.00
CA PRO B 219 -10.53 16.54 -6.98
C PRO B 219 -11.41 15.87 -5.91
N LYS B 220 -10.80 15.47 -4.79
CA LYS B 220 -11.57 14.86 -3.71
C LYS B 220 -12.55 15.94 -3.25
N ALA B 221 -13.77 15.55 -2.88
CA ALA B 221 -14.82 16.49 -2.44
C ALA B 221 -14.39 17.76 -1.71
N GLY B 222 -14.83 18.91 -2.26
CA GLY B 222 -14.54 20.20 -1.67
C GLY B 222 -13.25 20.85 -2.13
N ALA B 223 -12.43 20.09 -2.84
CA ALA B 223 -11.17 20.61 -3.33
C ALA B 223 -11.44 21.44 -4.57
N VAL B 224 -10.37 21.71 -5.32
CA VAL B 224 -10.46 22.48 -6.55
C VAL B 224 -10.85 21.61 -7.75
N ASN B 225 -11.69 22.16 -8.63
CA ASN B 225 -12.14 21.45 -9.81
C ASN B 225 -11.50 21.98 -11.05
N PRO B 226 -11.12 21.08 -11.97
CA PRO B 226 -10.48 21.47 -13.22
C PRO B 226 -11.42 22.29 -14.09
N THR B 227 -11.10 23.57 -14.19
CA THR B 227 -11.87 24.52 -14.97
C THR B 227 -11.96 24.12 -16.44
N VAL B 228 -13.16 24.11 -17.01
CA VAL B 228 -13.38 23.70 -18.40
C VAL B 228 -13.65 24.84 -19.40
N LYS B 229 -13.45 24.57 -20.68
CA LYS B 229 -13.69 25.54 -21.76
C LYS B 229 -14.09 24.79 -23.05
N PHE B 230 -15.11 25.26 -23.77
CA PHE B 230 -15.59 24.59 -25.00
C PHE B 230 -15.34 25.37 -26.31
N PHE B 231 -14.86 24.67 -27.33
CA PHE B 231 -14.54 25.29 -28.62
C PHE B 231 -15.18 24.61 -29.81
N VAL B 232 -14.90 25.16 -30.99
CA VAL B 232 -15.39 24.66 -32.29
C VAL B 232 -14.46 25.12 -33.41
N VAL B 233 -14.20 24.24 -34.37
CA VAL B 233 -13.33 24.59 -35.47
C VAL B 233 -13.91 24.11 -36.82
N ASN B 234 -13.51 24.78 -37.90
CA ASN B 234 -13.98 24.46 -39.25
C ASN B 234 -13.03 23.49 -39.92
N THR B 235 -13.36 22.22 -39.80
CA THR B 235 -12.56 21.15 -40.36
C THR B 235 -12.36 21.22 -41.87
N ASP B 236 -12.95 22.22 -42.51
CA ASP B 236 -12.84 22.37 -43.96
C ASP B 236 -11.71 23.29 -44.39
N SER B 237 -11.71 24.49 -43.84
CA SER B 237 -10.67 25.43 -44.20
C SER B 237 -9.39 25.20 -43.42
N LEU B 238 -9.43 24.33 -42.41
CA LEU B 238 -8.23 24.06 -41.60
C LEU B 238 -7.10 23.51 -42.48
N SER B 239 -7.50 22.88 -43.58
CA SER B 239 -6.56 22.31 -44.54
C SER B 239 -5.89 23.40 -45.39
N SER B 240 -6.59 24.53 -45.53
CA SER B 240 -6.09 25.65 -46.33
C SER B 240 -6.18 27.04 -45.68
N VAL B 241 -5.54 27.20 -44.52
CA VAL B 241 -5.51 28.48 -43.79
C VAL B 241 -4.17 28.64 -43.05
N THR B 242 -3.62 27.50 -42.61
CA THR B 242 -2.37 27.37 -41.86
C THR B 242 -2.84 26.96 -40.47
N ASN B 243 -2.96 27.95 -39.58
CA ASN B 243 -3.45 27.71 -38.23
C ASN B 243 -4.96 27.66 -38.37
N ALA B 244 -5.55 26.54 -38.01
CA ALA B 244 -7.00 26.43 -38.08
C ALA B 244 -7.52 27.30 -36.96
N THR B 245 -8.46 28.19 -37.27
CA THR B 245 -9.04 29.08 -36.26
C THR B 245 -10.02 28.30 -35.37
N SER B 246 -9.83 28.39 -34.06
CA SER B 246 -10.68 27.67 -33.12
C SER B 246 -11.51 28.61 -32.26
N ILE B 247 -12.75 28.85 -32.69
CA ILE B 247 -13.66 29.74 -31.98
C ILE B 247 -14.23 29.10 -30.71
N GLN B 248 -14.25 29.88 -29.62
CA GLN B 248 -14.74 29.37 -28.35
C GLN B 248 -16.14 29.83 -27.96
N ILE B 249 -16.90 28.90 -27.37
CA ILE B 249 -18.23 29.19 -26.86
C ILE B 249 -17.94 29.34 -25.37
N THR B 250 -18.47 30.40 -24.75
CA THR B 250 -18.25 30.63 -23.33
C THR B 250 -19.59 30.64 -22.61
N ALA B 251 -19.70 31.42 -21.53
CA ALA B 251 -20.95 31.51 -20.76
C ALA B 251 -21.46 30.11 -20.43
N PRO B 252 -22.71 29.96 -19.91
CA PRO B 252 -23.77 30.92 -19.57
C PRO B 252 -23.33 31.78 -18.42
N ALA B 253 -23.85 33.01 -18.36
CA ALA B 253 -23.54 33.93 -17.28
C ALA B 253 -24.00 33.31 -15.96
N SER B 254 -25.11 32.59 -16.01
CA SER B 254 -25.62 31.93 -14.81
C SER B 254 -24.62 30.90 -14.32
N MET B 255 -23.64 30.60 -15.17
CA MET B 255 -22.60 29.61 -14.89
C MET B 255 -21.23 30.21 -14.60
N LEU B 256 -20.99 31.41 -15.11
CA LEU B 256 -19.71 32.09 -14.91
C LEU B 256 -19.60 32.60 -13.47
N ILE B 257 -20.75 32.86 -12.86
CA ILE B 257 -20.80 33.35 -11.47
C ILE B 257 -19.89 32.51 -10.56
N GLY B 258 -19.82 31.20 -10.77
CA GLY B 258 -18.98 30.36 -9.93
C GLY B 258 -18.54 29.03 -10.56
N ASP B 259 -18.15 28.08 -9.69
CA ASP B 259 -17.71 26.74 -10.09
C ASP B 259 -18.76 26.05 -10.96
N HIS B 260 -18.35 25.69 -12.17
CA HIS B 260 -19.24 25.02 -13.12
C HIS B 260 -18.63 23.77 -13.75
N TYR B 261 -19.48 23.05 -14.47
CA TYR B 261 -19.10 21.82 -15.16
C TYR B 261 -19.67 21.93 -16.58
N LEU B 262 -19.78 20.80 -17.25
CA LEU B 262 -20.32 20.73 -18.62
C LEU B 262 -21.06 19.39 -18.71
N CYS B 263 -22.38 19.43 -18.55
CA CYS B 263 -23.23 18.24 -18.55
C CYS B 263 -23.16 17.33 -19.77
N ASP B 264 -23.84 17.72 -20.83
CA ASP B 264 -23.89 16.91 -22.05
C ASP B 264 -24.10 17.81 -23.27
N VAL B 265 -23.11 17.83 -24.15
CA VAL B 265 -23.16 18.64 -25.36
C VAL B 265 -23.59 17.76 -26.53
N THR B 266 -24.52 18.26 -27.34
CA THR B 266 -25.01 17.51 -28.50
C THR B 266 -25.48 18.43 -29.62
N TRP B 267 -25.22 18.03 -30.85
CA TRP B 267 -25.64 18.82 -32.01
C TRP B 267 -27.15 18.66 -32.24
N ALA B 268 -27.68 19.45 -33.17
CA ALA B 268 -29.10 19.38 -33.53
C ALA B 268 -29.09 19.46 -35.02
N THR B 269 -28.32 20.43 -35.53
CA THR B 269 -28.18 20.66 -36.97
C THR B 269 -26.74 21.05 -37.30
N GLN B 270 -26.39 21.01 -38.59
CA GLN B 270 -25.05 21.32 -39.06
C GLN B 270 -24.51 22.62 -38.51
N GLU B 271 -25.40 23.52 -38.10
CA GLU B 271 -24.97 24.81 -37.56
C GLU B 271 -25.64 25.14 -36.24
N ARG B 272 -26.23 24.12 -35.61
CA ARG B 272 -26.89 24.30 -34.32
C ARG B 272 -26.33 23.28 -33.32
N ILE B 273 -25.91 23.77 -32.17
CA ILE B 273 -25.33 22.91 -31.14
C ILE B 273 -25.80 23.32 -29.73
N SER B 274 -26.27 22.33 -28.96
CA SER B 274 -26.77 22.57 -27.60
C SER B 274 -25.80 22.08 -26.52
N LEU B 275 -25.44 22.97 -25.61
CA LEU B 275 -24.53 22.66 -24.52
C LEU B 275 -25.17 22.81 -23.17
N GLN B 276 -25.11 21.76 -22.36
CA GLN B 276 -25.67 21.76 -21.00
C GLN B 276 -24.57 22.06 -19.96
N TRP B 277 -24.71 23.17 -19.21
CA TRP B 277 -23.73 23.57 -18.20
C TRP B 277 -24.30 23.49 -16.78
N LEU B 278 -23.68 22.67 -15.95
CA LEU B 278 -24.12 22.48 -14.57
C LEU B 278 -23.36 23.37 -13.58
N ARG B 279 -23.97 23.65 -12.43
CA ARG B 279 -23.34 24.47 -11.36
C ARG B 279 -22.67 23.50 -10.39
N ARG B 280 -21.82 23.99 -9.50
CA ARG B 280 -21.19 23.03 -8.60
C ARG B 280 -22.25 22.45 -7.68
N ILE B 281 -23.09 23.32 -7.15
CA ILE B 281 -24.19 22.80 -6.33
C ILE B 281 -25.05 22.30 -7.50
N GLN B 282 -25.10 20.99 -7.70
CA GLN B 282 -25.82 20.40 -8.82
C GLN B 282 -27.36 20.44 -8.87
N ASN B 283 -27.95 21.43 -8.19
CA ASN B 283 -29.40 21.58 -8.21
C ASN B 283 -29.80 22.55 -9.33
N TYR B 284 -28.83 23.34 -9.83
CA TYR B 284 -29.14 24.30 -10.89
C TYR B 284 -28.27 24.21 -12.13
N SER B 285 -28.88 23.80 -13.23
CA SER B 285 -28.20 23.68 -14.51
C SER B 285 -28.88 24.61 -15.52
N VAL B 286 -28.26 24.79 -16.69
CA VAL B 286 -28.82 25.62 -17.77
C VAL B 286 -28.33 25.09 -19.11
N MET B 287 -29.26 24.89 -20.04
CA MET B 287 -28.94 24.39 -21.37
C MET B 287 -28.92 25.55 -22.37
N ASP B 288 -27.86 25.59 -23.19
CA ASP B 288 -27.71 26.65 -24.18
C ASP B 288 -27.74 26.10 -25.60
N ILE B 289 -28.38 26.83 -26.50
CA ILE B 289 -28.49 26.44 -27.90
C ILE B 289 -27.91 27.56 -28.77
N CYS B 290 -26.71 27.33 -29.29
CA CYS B 290 -26.02 28.32 -30.13
C CYS B 290 -25.98 27.88 -31.58
N ASP B 291 -26.02 28.84 -32.50
CA ASP B 291 -25.99 28.54 -33.93
C ASP B 291 -24.77 29.16 -34.62
N TYR B 292 -24.58 28.87 -35.90
CA TYR B 292 -23.44 29.41 -36.63
C TYR B 292 -23.77 30.65 -37.43
N ASP B 293 -22.86 31.61 -37.39
CA ASP B 293 -22.99 32.89 -38.08
C ASP B 293 -22.15 32.97 -39.35
N GLU B 294 -22.80 33.20 -40.50
CA GLU B 294 -22.10 33.28 -41.79
C GLU B 294 -21.32 34.57 -41.98
N SER B 295 -21.74 35.62 -41.30
CA SER B 295 -21.10 36.92 -41.37
C SER B 295 -19.97 37.07 -40.36
N SER B 296 -20.34 36.95 -39.09
CA SER B 296 -19.43 37.08 -37.94
C SER B 296 -18.51 35.87 -37.70
N GLY B 297 -18.93 34.69 -38.19
CA GLY B 297 -18.13 33.48 -38.02
C GLY B 297 -18.13 32.93 -36.60
N ARG B 298 -18.73 33.69 -35.69
CA ARG B 298 -18.82 33.33 -34.27
C ARG B 298 -20.10 32.55 -33.98
N TRP B 299 -20.06 31.71 -32.94
CA TRP B 299 -21.22 30.93 -32.55
C TRP B 299 -21.97 31.75 -31.54
N ASN B 300 -23.14 32.23 -31.92
CA ASN B 300 -23.96 33.06 -31.04
C ASN B 300 -25.06 32.25 -30.38
N CYS B 301 -25.49 32.70 -29.20
CA CYS B 301 -26.54 32.01 -28.48
C CYS B 301 -27.54 33.06 -28.05
N LEU B 302 -28.62 33.20 -28.81
CA LEU B 302 -29.66 34.17 -28.50
C LEU B 302 -30.32 33.77 -27.19
N VAL B 303 -30.01 34.55 -26.15
CA VAL B 303 -30.49 34.34 -24.78
C VAL B 303 -31.90 33.79 -24.68
N ALA B 304 -32.79 34.28 -25.54
CA ALA B 304 -34.17 33.83 -25.52
C ALA B 304 -34.29 32.40 -26.03
N ARG B 305 -33.20 31.63 -25.92
CA ARG B 305 -33.19 30.25 -26.41
C ARG B 305 -32.81 29.22 -25.36
N GLN B 306 -32.41 29.67 -24.17
CA GLN B 306 -31.99 28.74 -23.13
C GLN B 306 -33.13 28.10 -22.37
N HIS B 307 -32.81 26.97 -21.71
CA HIS B 307 -33.78 26.24 -20.93
C HIS B 307 -33.28 25.91 -19.54
N ILE B 308 -33.45 26.84 -18.61
CA ILE B 308 -33.03 26.64 -17.24
C ILE B 308 -33.72 25.41 -16.65
N GLU B 309 -32.97 24.59 -15.92
CA GLU B 309 -33.53 23.39 -15.33
C GLU B 309 -33.03 23.18 -13.89
N MET B 310 -33.93 23.42 -12.94
CA MET B 310 -33.62 23.31 -11.52
C MET B 310 -34.33 22.20 -10.78
N SER B 311 -33.80 21.87 -9.60
CA SER B 311 -34.33 20.83 -8.73
C SER B 311 -34.37 21.32 -7.26
N THR B 312 -35.55 21.25 -6.66
CA THR B 312 -35.77 21.70 -5.28
C THR B 312 -35.53 20.62 -4.23
N THR B 313 -35.36 19.39 -4.67
CA THR B 313 -35.13 18.30 -3.75
C THR B 313 -33.84 17.51 -4.01
N GLY B 314 -32.89 18.13 -4.71
CA GLY B 314 -31.63 17.45 -4.99
C GLY B 314 -30.85 17.93 -6.20
N TRP B 315 -30.18 16.99 -6.86
CA TRP B 315 -29.39 17.26 -8.05
C TRP B 315 -30.30 17.23 -9.26
N VAL B 316 -29.75 17.47 -10.44
CA VAL B 316 -30.58 17.48 -11.63
C VAL B 316 -30.37 16.22 -12.51
N GLY B 317 -31.37 15.35 -12.56
CA GLY B 317 -31.24 14.16 -13.37
C GLY B 317 -30.88 12.91 -12.58
N ARG B 318 -30.47 11.84 -13.26
CA ARG B 318 -30.11 10.61 -12.56
C ARG B 318 -28.67 10.60 -12.11
N PHE B 319 -27.77 10.98 -13.01
CA PHE B 319 -26.33 11.06 -12.75
C PHE B 319 -25.76 12.20 -13.59
N ARG B 320 -26.68 12.97 -14.19
CA ARG B 320 -26.37 14.11 -15.05
C ARG B 320 -27.65 14.34 -15.84
N PRO B 321 -27.95 15.60 -16.22
CA PRO B 321 -29.18 15.86 -16.98
C PRO B 321 -29.13 15.14 -18.34
N SER B 322 -30.18 14.39 -18.68
CA SER B 322 -30.24 13.64 -19.94
C SER B 322 -30.00 14.50 -21.19
N GLU B 323 -29.52 13.84 -22.24
CA GLU B 323 -29.21 14.48 -23.51
C GLU B 323 -30.47 14.88 -24.30
N PRO B 324 -30.49 16.11 -24.84
CA PRO B 324 -31.69 16.47 -25.61
C PRO B 324 -31.75 15.62 -26.88
N HIS B 325 -32.90 15.57 -27.54
CA HIS B 325 -33.06 14.82 -28.79
C HIS B 325 -33.87 15.71 -29.68
N PHE B 326 -33.19 16.35 -30.62
CA PHE B 326 -33.86 17.26 -31.52
C PHE B 326 -34.60 16.58 -32.67
N THR B 327 -35.49 17.32 -33.30
CA THR B 327 -36.26 16.85 -34.44
C THR B 327 -35.39 17.12 -35.68
N LEU B 328 -35.80 16.60 -36.83
CA LEU B 328 -35.00 16.80 -38.03
C LEU B 328 -34.62 18.25 -38.31
N ASP B 329 -35.61 19.14 -38.42
CA ASP B 329 -35.36 20.54 -38.70
C ASP B 329 -34.36 21.15 -37.71
N GLY B 330 -34.60 20.92 -36.43
CA GLY B 330 -33.72 21.44 -35.40
C GLY B 330 -34.24 22.66 -34.67
N ASN B 331 -35.51 22.66 -34.32
CA ASN B 331 -36.08 23.79 -33.59
C ASN B 331 -36.95 23.26 -32.46
N SER B 332 -37.04 21.94 -32.38
CA SER B 332 -37.85 21.26 -31.36
C SER B 332 -37.09 20.03 -30.88
N PHE B 333 -37.20 19.70 -29.59
CA PHE B 333 -36.51 18.53 -29.05
C PHE B 333 -37.22 17.85 -27.87
N TYR B 334 -36.66 16.74 -27.42
CA TYR B 334 -37.24 15.98 -26.32
C TYR B 334 -36.19 15.63 -25.28
N LYS B 335 -36.43 15.97 -24.02
CA LYS B 335 -35.48 15.65 -22.95
C LYS B 335 -36.20 15.02 -21.77
N ILE B 336 -35.78 13.82 -21.34
CA ILE B 336 -36.41 13.17 -20.19
C ILE B 336 -36.07 13.98 -18.94
N ILE B 337 -37.08 14.59 -18.33
CA ILE B 337 -36.85 15.38 -17.12
C ILE B 337 -37.79 15.05 -15.99
N SER B 338 -37.41 15.51 -14.80
CA SER B 338 -38.19 15.31 -13.61
C SER B 338 -39.42 16.17 -13.80
N ASN B 339 -40.60 15.59 -13.56
CA ASN B 339 -41.83 16.35 -13.71
C ASN B 339 -42.38 16.79 -12.36
N GLU B 340 -43.65 17.16 -12.34
CA GLU B 340 -44.28 17.59 -11.10
C GLU B 340 -44.16 16.48 -10.07
N GLU B 341 -44.89 15.40 -10.27
CA GLU B 341 -44.87 14.26 -9.36
C GLU B 341 -43.49 13.68 -9.14
N GLY B 342 -42.50 14.22 -9.88
CA GLY B 342 -41.13 13.74 -9.75
C GLY B 342 -40.76 12.51 -10.56
N TYR B 343 -41.48 12.26 -11.65
CA TYR B 343 -41.17 11.11 -12.48
C TYR B 343 -40.56 11.62 -13.78
N ARG B 344 -39.55 10.93 -14.30
CA ARG B 344 -38.85 11.39 -15.50
C ARG B 344 -39.48 11.00 -16.83
N HIS B 345 -40.22 11.95 -17.41
CA HIS B 345 -40.93 11.76 -18.68
C HIS B 345 -40.54 12.75 -19.79
N ILE B 346 -40.53 12.26 -21.02
CA ILE B 346 -40.14 13.03 -22.21
C ILE B 346 -40.83 14.37 -22.45
N CYS B 347 -40.32 15.45 -21.84
CA CYS B 347 -40.92 16.75 -22.07
C CYS B 347 -40.51 17.22 -23.47
N TYR B 348 -41.47 17.78 -24.20
CA TYR B 348 -41.25 18.28 -25.55
C TYR B 348 -41.10 19.81 -25.60
N PHE B 349 -39.87 20.27 -25.83
CA PHE B 349 -39.54 21.70 -25.86
C PHE B 349 -39.46 22.31 -27.26
N GLN B 350 -39.44 23.64 -27.30
CA GLN B 350 -39.31 24.41 -28.54
C GLN B 350 -38.11 25.29 -28.26
N ILE B 351 -37.30 25.61 -29.26
CA ILE B 351 -36.11 26.44 -29.03
C ILE B 351 -36.34 27.86 -28.48
N ASP B 352 -37.59 28.32 -28.48
CA ASP B 352 -37.93 29.66 -27.97
C ASP B 352 -39.07 29.65 -26.94
N LYS B 353 -39.98 28.68 -27.07
CA LYS B 353 -41.10 28.53 -26.14
C LYS B 353 -40.49 27.93 -24.89
N LYS B 354 -40.25 28.77 -23.89
CA LYS B 354 -39.64 28.34 -22.64
C LYS B 354 -40.16 27.01 -22.04
N ASP B 355 -41.46 26.91 -21.78
CA ASP B 355 -42.02 25.68 -21.20
C ASP B 355 -42.08 24.52 -22.17
N CYS B 356 -42.61 23.42 -21.67
CA CYS B 356 -42.74 22.25 -22.51
C CYS B 356 -44.02 21.47 -22.22
N THR B 357 -44.14 20.31 -22.87
CA THR B 357 -45.28 19.46 -22.69
C THR B 357 -44.82 18.01 -22.53
N PHE B 358 -45.17 17.42 -21.40
CA PHE B 358 -44.79 16.04 -21.12
C PHE B 358 -45.67 15.17 -21.99
N ILE B 359 -45.05 14.35 -22.82
CA ILE B 359 -45.81 13.50 -23.70
C ILE B 359 -45.98 12.13 -23.06
N THR B 360 -45.83 12.09 -21.74
CA THR B 360 -46.00 10.88 -20.91
C THR B 360 -46.28 11.28 -19.46
N LYS B 361 -46.95 10.40 -18.74
CA LYS B 361 -47.34 10.63 -17.34
C LYS B 361 -47.28 9.35 -16.49
N GLY B 362 -47.76 9.45 -15.25
CA GLY B 362 -47.80 8.28 -14.37
C GLY B 362 -46.73 8.06 -13.32
N THR B 363 -46.77 6.89 -12.69
CA THR B 363 -45.79 6.51 -11.66
C THR B 363 -44.84 5.43 -12.19
N TRP B 364 -44.11 5.80 -13.23
CA TRP B 364 -43.13 4.94 -13.90
C TRP B 364 -42.15 5.83 -14.66
N GLU B 365 -40.94 5.97 -14.14
CA GLU B 365 -39.95 6.81 -14.80
C GLU B 365 -39.61 6.21 -16.17
N VAL B 366 -39.16 7.08 -17.07
CA VAL B 366 -38.77 6.67 -18.41
C VAL B 366 -37.26 6.50 -18.42
N ILE B 367 -36.79 5.41 -19.01
CA ILE B 367 -35.36 5.13 -19.07
C ILE B 367 -34.58 5.94 -20.12
N GLY B 368 -34.93 5.82 -21.40
CA GLY B 368 -34.20 6.58 -22.38
C GLY B 368 -34.87 6.75 -23.72
N ILE B 369 -34.57 7.88 -24.37
CA ILE B 369 -35.09 8.19 -25.70
C ILE B 369 -34.19 7.53 -26.76
N GLU B 370 -34.59 6.34 -27.20
CA GLU B 370 -33.81 5.58 -28.19
C GLU B 370 -33.82 6.21 -29.59
N ALA B 371 -34.97 6.16 -30.24
CA ALA B 371 -35.13 6.71 -31.59
C ALA B 371 -36.17 7.82 -31.68
N LEU B 372 -36.09 8.63 -32.73
CA LEU B 372 -37.03 9.72 -32.89
C LEU B 372 -37.33 10.10 -34.35
N THR B 373 -38.29 9.42 -34.95
CA THR B 373 -38.74 9.73 -36.32
C THR B 373 -39.85 10.77 -36.15
N SER B 374 -40.15 11.52 -37.21
CA SER B 374 -41.20 12.54 -37.12
C SER B 374 -42.55 11.84 -37.10
N ASP B 375 -42.54 10.63 -36.57
CA ASP B 375 -43.73 9.80 -36.49
C ASP B 375 -43.89 9.23 -35.09
N TYR B 376 -42.91 8.44 -34.66
CA TYR B 376 -42.94 7.83 -33.33
C TYR B 376 -41.67 8.13 -32.52
N LEU B 377 -41.76 7.99 -31.20
CA LEU B 377 -40.61 8.20 -30.31
C LEU B 377 -40.48 6.91 -29.48
N TYR B 378 -39.52 6.06 -29.86
CA TYR B 378 -39.29 4.78 -29.22
C TYR B 378 -38.37 4.91 -28.00
N TYR B 379 -38.98 4.92 -26.81
CA TYR B 379 -38.26 5.04 -25.53
C TYR B 379 -38.36 3.74 -24.69
N ILE B 380 -37.72 3.74 -23.53
CA ILE B 380 -37.76 2.57 -22.66
C ILE B 380 -38.20 3.09 -21.29
N SER B 381 -38.91 2.23 -20.53
CA SER B 381 -39.37 2.61 -19.19
C SER B 381 -39.89 1.40 -18.43
N ASN B 382 -40.19 1.61 -17.14
CA ASN B 382 -40.67 0.56 -16.23
C ASN B 382 -42.17 0.63 -15.95
N GLU B 383 -42.97 0.71 -16.99
CA GLU B 383 -44.41 0.82 -16.86
C GLU B 383 -45.15 -0.50 -16.88
N TYR B 384 -44.84 -1.33 -17.87
CA TYR B 384 -45.51 -2.61 -18.01
C TYR B 384 -45.41 -3.39 -16.69
N LYS B 385 -46.49 -4.07 -16.31
CA LYS B 385 -46.53 -4.87 -15.08
C LYS B 385 -46.28 -4.03 -13.81
N GLY B 386 -46.03 -2.74 -14.01
CA GLY B 386 -45.81 -1.83 -12.90
C GLY B 386 -44.48 -1.81 -12.17
N MET B 387 -43.67 -2.86 -12.37
CA MET B 387 -42.37 -3.01 -11.72
C MET B 387 -41.24 -2.10 -12.20
N PRO B 388 -40.38 -1.63 -11.26
CA PRO B 388 -39.25 -0.75 -11.59
C PRO B 388 -38.11 -1.39 -12.40
N GLY B 389 -37.75 -2.62 -12.07
CA GLY B 389 -36.70 -3.28 -12.80
C GLY B 389 -37.26 -3.92 -14.06
N GLY B 390 -38.38 -3.37 -14.53
CA GLY B 390 -38.99 -3.90 -15.73
C GLY B 390 -38.75 -3.00 -16.93
N ARG B 391 -37.83 -3.40 -17.80
CA ARG B 391 -37.50 -2.61 -18.98
C ARG B 391 -38.28 -3.07 -20.22
N ASN B 392 -38.88 -2.10 -20.92
CA ASN B 392 -39.64 -2.41 -22.13
C ASN B 392 -39.52 -1.29 -23.14
N LEU B 393 -39.95 -1.56 -24.37
CA LEU B 393 -39.89 -0.57 -25.42
C LEU B 393 -41.28 -0.15 -25.79
N TYR B 394 -41.50 1.17 -25.81
CA TYR B 394 -42.79 1.74 -26.17
C TYR B 394 -42.58 2.73 -27.33
N LYS B 395 -43.55 2.82 -28.24
CA LYS B 395 -43.48 3.73 -29.39
C LYS B 395 -44.70 4.65 -29.45
N ILE B 396 -44.55 5.81 -28.83
CA ILE B 396 -45.59 6.82 -28.77
C ILE B 396 -45.58 7.65 -30.05
N GLN B 397 -46.76 7.82 -30.65
CA GLN B 397 -46.91 8.60 -31.87
C GLN B 397 -46.85 10.09 -31.55
N LEU B 398 -45.98 10.82 -32.24
CA LEU B 398 -45.82 12.26 -32.01
C LEU B 398 -47.05 13.13 -32.23
N SER B 399 -47.99 12.67 -33.05
CA SER B 399 -49.22 13.42 -33.33
C SER B 399 -50.28 13.24 -32.24
N ASP B 400 -50.44 12.00 -31.78
CA ASP B 400 -51.39 11.68 -30.71
C ASP B 400 -50.68 10.96 -29.58
N TYR B 401 -50.77 11.53 -28.39
CA TYR B 401 -50.10 10.96 -27.27
C TYR B 401 -50.86 9.82 -26.61
N THR B 402 -51.92 9.35 -27.27
CA THR B 402 -52.70 8.22 -26.77
C THR B 402 -52.14 6.99 -27.48
N LYS B 403 -51.54 7.27 -28.65
CA LYS B 403 -50.94 6.26 -29.52
C LYS B 403 -49.58 5.81 -28.96
N VAL B 404 -49.64 5.11 -27.83
CA VAL B 404 -48.42 4.61 -27.20
C VAL B 404 -48.48 3.08 -27.23
N THR B 405 -47.60 2.50 -28.05
CA THR B 405 -47.57 1.05 -28.21
C THR B 405 -46.33 0.36 -27.63
N CYS B 406 -46.58 -0.69 -26.86
CA CYS B 406 -45.50 -1.46 -26.27
C CYS B 406 -45.07 -2.37 -27.42
N LEU B 407 -43.82 -2.82 -27.43
CA LEU B 407 -43.32 -3.70 -28.49
C LEU B 407 -42.65 -4.94 -27.91
N SER B 408 -42.11 -4.79 -26.71
CA SER B 408 -41.41 -5.88 -26.04
C SER B 408 -42.21 -6.50 -24.90
N CYS B 409 -43.48 -6.13 -24.80
CA CYS B 409 -44.34 -6.64 -23.76
C CYS B 409 -44.61 -8.14 -23.89
N GLU B 410 -45.47 -8.48 -24.85
CA GLU B 410 -45.90 -9.85 -25.10
C GLU B 410 -45.03 -10.72 -26.02
N LEU B 411 -43.78 -10.34 -26.27
CA LEU B 411 -42.92 -11.16 -27.13
C LEU B 411 -42.71 -12.53 -26.48
N ASN B 412 -42.88 -12.54 -25.17
CA ASN B 412 -42.79 -13.70 -24.29
C ASN B 412 -42.38 -13.19 -22.91
N PRO B 413 -43.31 -12.50 -22.25
CA PRO B 413 -43.07 -11.95 -20.91
C PRO B 413 -42.99 -13.08 -19.88
N GLU B 414 -42.97 -14.30 -20.39
CA GLU B 414 -42.86 -15.48 -19.58
C GLU B 414 -41.35 -15.66 -19.38
N ARG B 415 -40.61 -15.02 -20.28
CA ARG B 415 -39.14 -15.04 -20.30
C ARG B 415 -38.52 -13.66 -20.41
N CYS B 416 -39.32 -12.63 -20.70
CA CYS B 416 -38.75 -11.30 -20.83
C CYS B 416 -39.50 -10.15 -20.16
N GLN B 417 -38.76 -9.33 -19.40
CA GLN B 417 -39.32 -8.18 -18.71
C GLN B 417 -38.19 -7.15 -18.60
N TYR B 418 -37.06 -7.43 -19.24
CA TYR B 418 -35.93 -6.51 -19.21
C TYR B 418 -35.33 -6.38 -20.61
N TYR B 419 -35.31 -5.14 -21.10
CA TYR B 419 -34.78 -4.87 -22.41
C TYR B 419 -33.91 -3.62 -22.49
N SER B 420 -33.46 -3.37 -23.71
CA SER B 420 -32.60 -2.26 -24.11
C SER B 420 -32.57 -2.49 -25.62
N VAL B 421 -32.11 -1.52 -26.41
CA VAL B 421 -32.16 -1.76 -27.84
C VAL B 421 -31.19 -1.02 -28.73
N SER B 422 -30.90 -1.63 -29.88
CA SER B 422 -30.00 -1.08 -30.87
C SER B 422 -30.77 -0.84 -32.18
N PHE B 423 -30.82 0.42 -32.62
CA PHE B 423 -31.55 0.80 -33.84
C PHE B 423 -30.64 1.01 -35.05
N SER B 424 -31.23 0.98 -36.24
CA SER B 424 -30.51 1.21 -37.49
C SER B 424 -30.40 2.73 -37.58
N LYS B 425 -29.88 3.26 -38.68
CA LYS B 425 -29.77 4.71 -38.78
C LYS B 425 -31.16 5.36 -38.84
N GLU B 426 -31.84 5.24 -39.97
CA GLU B 426 -33.17 5.85 -40.11
C GLU B 426 -34.18 5.14 -39.24
N ALA B 427 -33.69 4.23 -38.40
CA ALA B 427 -34.53 3.46 -37.51
C ALA B 427 -35.56 2.67 -38.28
N LYS B 428 -35.15 2.05 -39.38
CA LYS B 428 -36.08 1.23 -40.16
C LYS B 428 -36.01 -0.19 -39.63
N TYR B 429 -35.09 -0.42 -38.70
CA TYR B 429 -34.92 -1.72 -38.11
C TYR B 429 -34.31 -1.53 -36.74
N TYR B 430 -34.73 -2.36 -35.78
CA TYR B 430 -34.19 -2.31 -34.43
C TYR B 430 -33.93 -3.71 -33.88
N GLN B 431 -32.91 -3.83 -33.03
CA GLN B 431 -32.53 -5.10 -32.40
C GLN B 431 -32.78 -5.07 -30.90
N LEU B 432 -33.75 -5.84 -30.44
CA LEU B 432 -34.11 -5.86 -29.03
C LEU B 432 -33.24 -6.77 -28.18
N ARG B 433 -33.02 -6.38 -26.93
CA ARG B 433 -32.21 -7.18 -26.00
C ARG B 433 -32.99 -7.67 -24.79
N CYS B 434 -33.44 -8.92 -24.83
CA CYS B 434 -34.15 -9.48 -23.69
C CYS B 434 -33.08 -10.04 -22.73
N SER B 435 -32.82 -9.33 -21.62
CA SER B 435 -31.78 -9.75 -20.67
C SER B 435 -32.27 -10.41 -19.37
N GLY B 436 -33.56 -10.70 -19.30
CA GLY B 436 -34.15 -11.32 -18.12
C GLY B 436 -35.66 -11.42 -18.23
N PRO B 437 -36.32 -12.24 -17.38
CA PRO B 437 -35.81 -13.13 -16.31
C PRO B 437 -35.07 -14.38 -16.76
N GLY B 438 -35.56 -15.02 -17.81
CA GLY B 438 -34.90 -16.22 -18.33
C GLY B 438 -33.69 -15.83 -19.15
N LEU B 439 -33.14 -16.77 -19.91
CA LEU B 439 -31.95 -16.55 -20.75
C LEU B 439 -32.04 -15.39 -21.73
N PRO B 440 -30.92 -14.66 -21.94
CA PRO B 440 -30.98 -13.53 -22.88
C PRO B 440 -31.36 -13.96 -24.31
N LEU B 441 -32.23 -13.16 -24.93
CA LEU B 441 -32.66 -13.40 -26.30
C LEU B 441 -32.55 -12.12 -27.10
N TYR B 442 -31.76 -12.17 -28.17
CA TYR B 442 -31.59 -11.02 -29.03
C TYR B 442 -32.48 -11.29 -30.24
N THR B 443 -33.23 -10.28 -30.71
CA THR B 443 -34.07 -10.48 -31.88
C THR B 443 -34.16 -9.24 -32.74
N LEU B 444 -34.50 -9.46 -34.01
CA LEU B 444 -34.60 -8.38 -34.98
C LEU B 444 -36.06 -8.05 -35.32
N HIS B 445 -36.31 -6.77 -35.59
CA HIS B 445 -37.65 -6.28 -35.92
C HIS B 445 -37.59 -5.20 -37.01
N SER B 446 -38.58 -5.19 -37.89
CA SER B 446 -38.67 -4.18 -38.95
C SER B 446 -39.53 -3.07 -38.35
N SER B 447 -39.13 -1.82 -38.52
CA SER B 447 -39.86 -0.69 -37.95
C SER B 447 -41.15 -0.23 -38.64
N VAL B 448 -41.16 -0.23 -39.98
CA VAL B 448 -42.33 0.20 -40.76
C VAL B 448 -43.55 -0.67 -40.47
N ASN B 449 -43.29 -1.84 -39.91
CA ASN B 449 -44.36 -2.78 -39.64
C ASN B 449 -44.34 -3.27 -38.20
N ASP B 450 -43.24 -2.97 -37.53
CA ASP B 450 -42.99 -3.35 -36.14
C ASP B 450 -43.32 -4.83 -35.95
N LYS B 451 -42.98 -5.60 -36.98
CA LYS B 451 -43.17 -7.05 -37.02
C LYS B 451 -41.83 -7.78 -36.80
N GLY B 452 -41.87 -8.86 -36.03
CA GLY B 452 -40.67 -9.61 -35.71
C GLY B 452 -40.15 -10.55 -36.78
N LEU B 453 -39.10 -10.10 -37.46
CA LEU B 453 -38.47 -10.87 -38.54
C LEU B 453 -38.01 -12.28 -38.13
N ARG B 454 -36.93 -12.34 -37.37
CA ARG B 454 -36.39 -13.64 -36.94
C ARG B 454 -35.62 -13.54 -35.63
N VAL B 455 -35.21 -14.70 -35.13
CA VAL B 455 -34.47 -14.78 -33.86
C VAL B 455 -32.95 -14.86 -34.09
N LEU B 456 -32.24 -13.83 -33.61
CA LEU B 456 -30.78 -13.75 -33.77
C LEU B 456 -29.96 -14.56 -32.78
N GLU B 457 -30.54 -14.91 -31.63
CA GLU B 457 -29.85 -15.70 -30.61
C GLU B 457 -30.78 -16.05 -29.44
N ASP B 458 -31.07 -17.35 -29.31
CA ASP B 458 -31.97 -17.88 -28.28
C ASP B 458 -31.34 -18.58 -27.09
N ASN B 459 -30.02 -18.75 -27.11
CA ASN B 459 -29.29 -19.41 -26.03
C ASN B 459 -29.70 -20.86 -25.74
N SER B 460 -30.47 -21.45 -26.65
CA SER B 460 -30.93 -22.83 -26.50
C SER B 460 -29.77 -23.78 -26.19
N ALA B 461 -28.57 -23.36 -26.53
CA ALA B 461 -27.39 -24.17 -26.27
C ALA B 461 -27.11 -24.16 -24.78
N LEU B 462 -26.86 -22.98 -24.26
CA LEU B 462 -26.60 -22.83 -22.84
C LEU B 462 -27.76 -23.48 -22.11
N ASP B 463 -28.96 -23.15 -22.56
CA ASP B 463 -30.19 -23.65 -21.99
C ASP B 463 -30.18 -25.15 -21.70
N LYS B 464 -30.02 -25.94 -22.75
CA LYS B 464 -30.01 -27.39 -22.59
C LYS B 464 -28.95 -27.81 -21.58
N MET B 465 -27.91 -26.99 -21.44
CA MET B 465 -26.83 -27.29 -20.50
C MET B 465 -27.15 -26.92 -19.06
N LEU B 466 -28.35 -26.42 -18.83
CA LEU B 466 -28.75 -26.04 -17.47
C LEU B 466 -29.86 -26.96 -16.99
N GLN B 467 -30.13 -28.00 -17.76
CA GLN B 467 -31.14 -28.96 -17.37
C GLN B 467 -30.38 -30.11 -16.71
N ASN B 468 -29.08 -30.15 -16.98
CA ASN B 468 -28.20 -31.18 -16.42
C ASN B 468 -27.69 -30.71 -15.06
N VAL B 469 -28.05 -29.48 -14.69
CA VAL B 469 -27.61 -28.92 -13.41
C VAL B 469 -28.71 -28.12 -12.69
N GLN B 470 -28.83 -28.37 -11.38
CA GLN B 470 -29.85 -27.73 -10.53
C GLN B 470 -29.62 -26.26 -10.25
N MET B 471 -30.06 -25.39 -11.16
CA MET B 471 -29.88 -23.94 -11.01
C MET B 471 -30.75 -23.40 -9.88
N PRO B 472 -30.51 -22.16 -9.44
CA PRO B 472 -31.36 -21.63 -8.37
C PRO B 472 -32.71 -21.13 -8.90
N SER B 473 -33.10 -19.92 -8.50
CA SER B 473 -34.35 -19.32 -8.94
C SER B 473 -34.36 -17.89 -8.41
N LYS B 474 -35.09 -17.02 -9.08
CA LYS B 474 -35.11 -15.63 -8.65
C LYS B 474 -36.49 -15.09 -8.35
N LYS B 475 -36.80 -14.94 -7.07
CA LYS B 475 -38.09 -14.40 -6.67
C LYS B 475 -37.85 -12.91 -6.47
N LEU B 476 -38.41 -12.12 -7.36
CA LEU B 476 -38.28 -10.67 -7.32
C LEU B 476 -39.63 -10.12 -6.85
N ASP B 477 -39.63 -9.24 -5.85
CA ASP B 477 -40.88 -8.70 -5.32
C ASP B 477 -40.70 -7.44 -4.48
N PHE B 478 -41.75 -7.04 -3.77
CA PHE B 478 -41.72 -5.85 -2.91
C PHE B 478 -42.27 -6.07 -1.49
N ILE B 479 -41.88 -5.19 -0.57
CA ILE B 479 -42.36 -5.24 0.79
C ILE B 479 -42.96 -3.87 1.00
N ILE B 480 -43.88 -3.78 1.96
CA ILE B 480 -44.51 -2.51 2.25
C ILE B 480 -43.86 -1.88 3.47
N LEU B 481 -43.73 -0.54 3.46
CA LEU B 481 -43.11 0.21 4.55
C LEU B 481 -43.51 1.69 4.47
N ASN B 482 -43.87 2.28 5.62
CA ASN B 482 -44.26 3.69 5.69
C ASN B 482 -45.28 4.03 4.60
N GLU B 483 -46.09 3.05 4.25
CA GLU B 483 -47.13 3.18 3.22
C GLU B 483 -46.62 3.06 1.78
N THR B 484 -45.29 3.01 1.61
CA THR B 484 -44.66 2.87 0.28
C THR B 484 -44.05 1.47 0.14
N LYS B 485 -44.15 0.90 -1.06
CA LYS B 485 -43.60 -0.43 -1.31
C LYS B 485 -42.17 -0.30 -1.83
N PHE B 486 -41.29 -1.11 -1.25
CA PHE B 486 -39.90 -1.10 -1.64
C PHE B 486 -39.57 -2.46 -2.24
N TRP B 487 -38.73 -2.45 -3.27
CA TRP B 487 -38.35 -3.65 -3.97
C TRP B 487 -37.09 -4.35 -3.53
N TYR B 488 -37.22 -5.67 -3.39
CA TYR B 488 -36.13 -6.54 -2.99
C TYR B 488 -36.14 -7.74 -3.93
N GLN B 489 -35.32 -8.74 -3.64
CA GLN B 489 -35.27 -9.95 -4.45
C GLN B 489 -34.44 -11.01 -3.74
N MET B 490 -34.73 -12.27 -4.05
CA MET B 490 -34.00 -13.39 -3.45
C MET B 490 -33.56 -14.50 -4.44
N ILE B 491 -32.27 -14.79 -4.46
CA ILE B 491 -31.72 -15.84 -5.29
C ILE B 491 -31.83 -17.09 -4.43
N LEU B 492 -32.99 -17.75 -4.51
CA LEU B 492 -33.33 -18.94 -3.73
C LEU B 492 -32.72 -20.25 -4.21
N PRO B 493 -32.26 -21.09 -3.28
CA PRO B 493 -31.66 -22.39 -3.62
C PRO B 493 -32.65 -23.33 -4.33
N PRO B 494 -32.12 -24.40 -4.96
CA PRO B 494 -33.01 -25.34 -5.65
C PRO B 494 -33.77 -26.14 -4.59
N HIS B 495 -34.97 -26.63 -4.94
CA HIS B 495 -35.80 -27.42 -4.01
C HIS B 495 -36.07 -26.60 -2.74
N PHE B 496 -36.37 -25.31 -2.92
CA PHE B 496 -36.62 -24.41 -1.81
C PHE B 496 -37.70 -24.88 -0.82
N ASP B 497 -37.28 -25.09 0.43
CA ASP B 497 -38.19 -25.52 1.49
C ASP B 497 -38.48 -24.33 2.40
N LYS B 498 -39.69 -23.78 2.33
CA LYS B 498 -40.03 -22.64 3.16
C LYS B 498 -40.51 -23.04 4.56
N SER B 499 -39.85 -24.06 5.12
CA SER B 499 -40.19 -24.55 6.45
C SER B 499 -38.94 -24.94 7.23
N LYS B 500 -37.79 -24.83 6.56
CA LYS B 500 -36.51 -25.15 7.18
C LYS B 500 -35.68 -23.87 7.30
N LYS B 501 -34.82 -23.81 8.33
CA LYS B 501 -33.96 -22.65 8.58
C LYS B 501 -32.74 -22.58 7.66
N TYR B 502 -32.66 -21.48 6.90
CA TYR B 502 -31.57 -21.23 5.95
C TYR B 502 -30.73 -20.02 6.35
N PRO B 503 -29.51 -19.88 5.76
CA PRO B 503 -28.65 -18.74 6.09
C PRO B 503 -28.86 -17.72 4.97
N LEU B 504 -29.01 -16.45 5.34
CA LEU B 504 -29.23 -15.39 4.36
C LEU B 504 -27.96 -14.57 4.15
N LEU B 505 -27.92 -13.85 3.03
CA LEU B 505 -26.78 -13.00 2.68
C LEU B 505 -27.32 -11.83 1.86
N LEU B 506 -27.15 -10.62 2.40
CA LEU B 506 -27.63 -9.45 1.70
C LEU B 506 -26.50 -9.00 0.78
N ASP B 507 -26.79 -8.94 -0.51
CA ASP B 507 -25.83 -8.49 -1.51
C ASP B 507 -26.30 -7.07 -1.72
N VAL B 508 -25.64 -6.11 -1.10
CA VAL B 508 -26.08 -4.75 -1.26
C VAL B 508 -25.08 -3.79 -1.91
N TYR B 509 -25.55 -3.11 -2.95
CA TYR B 509 -24.75 -2.11 -3.63
C TYR B 509 -25.49 -0.85 -3.22
N ALA B 510 -26.80 -0.86 -3.48
CA ALA B 510 -27.70 0.24 -3.17
C ALA B 510 -27.03 1.60 -2.92
N GLY B 511 -26.65 2.28 -4.01
CA GLY B 511 -26.06 3.60 -3.93
C GLY B 511 -27.09 4.49 -4.59
N PRO B 512 -26.98 5.84 -4.50
CA PRO B 512 -28.00 6.70 -5.14
C PRO B 512 -28.33 6.46 -6.63
N CYS B 513 -29.64 6.29 -6.88
CA CYS B 513 -30.24 6.05 -8.19
C CYS B 513 -29.85 4.71 -8.79
N SER B 514 -29.50 3.76 -7.93
CA SER B 514 -29.11 2.44 -8.38
C SER B 514 -30.34 1.57 -8.46
N GLN B 515 -30.11 0.26 -8.56
CA GLN B 515 -31.19 -0.72 -8.63
C GLN B 515 -30.61 -2.09 -8.38
N LYS B 516 -30.95 -2.68 -7.23
CA LYS B 516 -30.48 -4.00 -6.88
C LYS B 516 -31.64 -5.00 -6.97
N ALA B 517 -32.78 -4.52 -7.43
CA ALA B 517 -33.98 -5.35 -7.61
C ALA B 517 -34.51 -5.24 -9.04
N ASP B 518 -34.00 -6.11 -9.92
CA ASP B 518 -34.42 -6.16 -11.33
C ASP B 518 -34.45 -7.59 -11.92
N THR B 519 -35.23 -7.73 -12.99
CA THR B 519 -35.42 -9.01 -13.68
C THR B 519 -34.21 -9.50 -14.46
N VAL B 520 -33.09 -8.81 -14.30
CA VAL B 520 -31.87 -9.19 -15.00
C VAL B 520 -31.39 -10.59 -14.60
N PHE B 521 -31.11 -11.42 -15.59
CA PHE B 521 -30.63 -12.77 -15.32
C PHE B 521 -29.12 -12.87 -15.46
N ARG B 522 -28.43 -12.94 -14.33
CA ARG B 522 -26.96 -13.04 -14.33
C ARG B 522 -26.48 -14.34 -13.67
N LEU B 523 -25.33 -14.84 -14.12
CA LEU B 523 -24.75 -16.04 -13.54
C LEU B 523 -23.46 -15.61 -12.82
N ASN B 524 -23.63 -14.87 -11.73
CA ASN B 524 -22.50 -14.38 -10.93
C ASN B 524 -22.32 -15.16 -9.65
N TRP B 525 -21.46 -14.64 -8.79
CA TRP B 525 -21.17 -15.28 -7.51
C TRP B 525 -22.43 -15.63 -6.74
N ALA B 526 -23.44 -14.77 -6.86
CA ALA B 526 -24.70 -15.01 -6.16
C ALA B 526 -25.22 -16.39 -6.51
N THR B 527 -25.21 -16.69 -7.81
CA THR B 527 -25.68 -17.96 -8.35
C THR B 527 -24.97 -19.18 -7.75
N TYR B 528 -23.68 -19.04 -7.44
CA TYR B 528 -22.93 -20.16 -6.85
C TYR B 528 -23.45 -20.45 -5.45
N LEU B 529 -23.33 -19.49 -4.55
CA LEU B 529 -23.76 -19.64 -3.16
C LEU B 529 -25.17 -20.18 -2.99
N ALA B 530 -26.12 -19.58 -3.70
CA ALA B 530 -27.52 -20.00 -3.65
C ALA B 530 -27.68 -21.50 -3.89
N SER B 531 -27.11 -22.00 -4.98
CA SER B 531 -27.18 -23.42 -5.35
C SER B 531 -26.36 -24.39 -4.48
N THR B 532 -25.07 -24.48 -4.78
CA THR B 532 -24.13 -25.33 -4.07
C THR B 532 -24.12 -25.18 -2.54
N GLU B 533 -23.95 -23.96 -2.06
CA GLU B 533 -23.87 -23.68 -0.62
C GLU B 533 -25.19 -23.59 0.13
N ASN B 534 -26.27 -23.30 -0.61
CA ASN B 534 -27.62 -23.15 -0.04
C ASN B 534 -27.76 -21.88 0.81
N ILE B 535 -27.09 -20.83 0.39
CA ILE B 535 -27.14 -19.55 1.07
C ILE B 535 -27.97 -18.65 0.18
N ILE B 536 -29.07 -18.15 0.73
CA ILE B 536 -29.99 -17.30 -0.02
C ILE B 536 -29.51 -15.86 -0.19
N VAL B 537 -29.06 -15.52 -1.40
CA VAL B 537 -28.59 -14.17 -1.70
C VAL B 537 -29.83 -13.28 -1.78
N ALA B 538 -29.68 -12.01 -1.41
CA ALA B 538 -30.80 -11.09 -1.47
C ALA B 538 -30.32 -9.67 -1.55
N SER B 539 -30.99 -8.90 -2.41
CA SER B 539 -30.65 -7.50 -2.63
C SER B 539 -31.92 -6.66 -2.36
N PHE B 540 -31.79 -5.52 -1.67
CA PHE B 540 -32.94 -4.67 -1.35
C PHE B 540 -32.75 -3.26 -1.85
N ASP B 541 -33.82 -2.68 -2.39
CA ASP B 541 -33.79 -1.31 -2.88
C ASP B 541 -34.49 -0.42 -1.84
N GLY B 542 -33.73 0.51 -1.25
CA GLY B 542 -34.28 1.39 -0.24
C GLY B 542 -33.93 2.86 -0.39
N ARG B 543 -34.87 3.67 0.09
CA ARG B 543 -34.85 5.14 0.10
C ARG B 543 -33.73 5.89 -0.62
N GLY B 544 -33.47 5.53 -1.86
CA GLY B 544 -32.42 6.20 -2.59
C GLY B 544 -32.34 5.57 -3.94
N SER B 545 -32.98 4.42 -4.05
CA SER B 545 -33.02 3.68 -5.30
C SER B 545 -33.59 4.59 -6.39
N GLY B 546 -33.09 4.46 -7.62
CA GLY B 546 -33.59 5.26 -8.70
C GLY B 546 -34.69 4.52 -9.44
N TYR B 547 -35.14 5.07 -10.56
CA TYR B 547 -36.18 4.46 -11.38
C TYR B 547 -37.52 4.24 -10.66
N GLN B 548 -37.67 4.88 -9.51
CA GLN B 548 -38.91 4.76 -8.73
C GLN B 548 -39.46 6.09 -8.26
N GLY B 549 -39.22 7.16 -9.02
CA GLY B 549 -39.71 8.47 -8.65
C GLY B 549 -38.67 9.20 -7.82
N ASP B 550 -38.84 10.51 -7.64
CA ASP B 550 -37.90 11.33 -6.85
C ASP B 550 -38.07 11.22 -5.32
N LYS B 551 -39.32 11.00 -4.88
CA LYS B 551 -39.65 10.87 -3.47
C LYS B 551 -38.89 9.73 -2.82
N ILE B 552 -38.44 8.77 -3.64
CA ILE B 552 -37.67 7.62 -3.16
C ILE B 552 -36.17 7.86 -3.36
N MET B 553 -35.80 8.39 -4.53
CA MET B 553 -34.40 8.63 -4.87
C MET B 553 -33.82 9.85 -4.20
N HIS B 554 -34.61 10.90 -4.06
CA HIS B 554 -34.10 12.12 -3.45
C HIS B 554 -34.14 12.21 -1.92
N ALA B 555 -34.70 11.20 -1.27
CA ALA B 555 -34.79 11.17 0.21
C ALA B 555 -33.45 11.03 0.93
N ILE B 556 -32.35 11.04 0.18
CA ILE B 556 -31.03 10.90 0.76
C ILE B 556 -30.18 12.10 0.45
N ASN B 557 -30.72 13.06 -0.30
CA ASN B 557 -29.94 14.24 -0.64
C ASN B 557 -29.31 14.80 0.64
N ARG B 558 -27.98 14.93 0.65
CA ARG B 558 -27.22 15.45 1.79
C ARG B 558 -27.19 14.54 3.02
N ARG B 559 -28.04 13.50 3.05
CA ARG B 559 -28.12 12.56 4.19
C ARG B 559 -27.47 11.22 3.81
N LEU B 560 -26.55 11.25 2.85
CA LEU B 560 -25.88 10.05 2.35
C LEU B 560 -25.25 9.25 3.48
N GLY B 561 -25.70 8.01 3.62
CA GLY B 561 -25.20 7.18 4.68
C GLY B 561 -26.11 7.24 5.88
N THR B 562 -27.41 7.18 5.62
CA THR B 562 -28.38 7.19 6.72
C THR B 562 -29.58 6.29 6.44
N PHE B 563 -30.39 6.67 5.46
CA PHE B 563 -31.58 5.89 5.13
C PHE B 563 -31.26 4.65 4.29
N GLU B 564 -30.47 4.83 3.23
CA GLU B 564 -30.12 3.70 2.38
C GLU B 564 -29.36 2.62 3.16
N VAL B 565 -28.89 2.98 4.35
CA VAL B 565 -28.17 2.04 5.18
C VAL B 565 -29.14 1.53 6.25
N GLU B 566 -30.02 2.42 6.71
CA GLU B 566 -31.01 2.01 7.70
C GLU B 566 -31.94 1.00 7.03
N ASP B 567 -32.55 1.44 5.93
CA ASP B 567 -33.47 0.63 5.16
C ASP B 567 -32.91 -0.74 4.90
N GLN B 568 -31.61 -0.79 4.70
CA GLN B 568 -30.96 -2.06 4.44
C GLN B 568 -31.20 -2.99 5.62
N ILE B 569 -30.92 -2.47 6.81
CA ILE B 569 -31.08 -3.25 8.04
C ILE B 569 -32.56 -3.50 8.33
N GLU B 570 -33.37 -2.46 8.16
CA GLU B 570 -34.81 -2.58 8.39
C GLU B 570 -35.29 -3.71 7.47
N ALA B 571 -34.62 -3.84 6.32
CA ALA B 571 -34.94 -4.88 5.33
C ALA B 571 -34.50 -6.22 5.88
N ALA B 572 -33.28 -6.23 6.39
CA ALA B 572 -32.73 -7.43 6.98
C ALA B 572 -33.69 -7.90 8.09
N ARG B 573 -34.38 -6.94 8.70
CA ARG B 573 -35.33 -7.23 9.77
C ARG B 573 -36.55 -7.96 9.20
N GLN B 574 -37.16 -7.32 8.21
CA GLN B 574 -38.34 -7.85 7.53
C GLN B 574 -38.15 -9.29 7.07
N PHE B 575 -36.90 -9.67 6.78
CA PHE B 575 -36.63 -11.02 6.34
C PHE B 575 -36.61 -11.97 7.54
N SER B 576 -35.98 -11.53 8.62
CA SER B 576 -35.87 -12.33 9.83
C SER B 576 -37.20 -12.98 10.24
N LYS B 577 -38.25 -12.16 10.30
CA LYS B 577 -39.58 -12.63 10.69
C LYS B 577 -40.29 -13.29 9.51
N MET B 578 -39.58 -14.09 8.72
CA MET B 578 -40.18 -14.74 7.54
C MET B 578 -40.08 -16.28 7.55
N GLY B 579 -39.51 -16.82 8.62
CA GLY B 579 -39.39 -18.26 8.74
C GLY B 579 -37.99 -18.72 8.46
N PHE B 580 -37.80 -19.30 7.28
CA PHE B 580 -36.50 -19.83 6.82
C PHE B 580 -35.29 -18.94 7.12
N VAL B 581 -35.55 -17.67 7.44
CA VAL B 581 -34.49 -16.72 7.76
C VAL B 581 -34.01 -16.96 9.18
N ASP B 582 -33.15 -17.96 9.31
CA ASP B 582 -32.56 -18.34 10.59
C ASP B 582 -31.83 -17.15 11.20
N ASN B 583 -32.50 -16.47 12.14
CA ASN B 583 -31.98 -15.29 12.82
C ASN B 583 -30.49 -15.32 13.18
N LYS B 584 -30.05 -16.45 13.72
CA LYS B 584 -28.66 -16.61 14.14
C LYS B 584 -27.67 -16.94 13.01
N ARG B 585 -27.86 -16.31 11.85
CA ARG B 585 -26.97 -16.50 10.69
C ARG B 585 -27.29 -15.63 9.48
N ILE B 586 -27.34 -14.32 9.65
CA ILE B 586 -27.65 -13.43 8.52
C ILE B 586 -26.42 -12.63 8.10
N ALA B 587 -26.20 -12.52 6.79
CA ALA B 587 -25.03 -11.80 6.29
C ALA B 587 -25.34 -10.61 5.41
N ILE B 588 -24.30 -9.86 5.08
CA ILE B 588 -24.40 -8.68 4.23
C ILE B 588 -23.03 -8.43 3.60
N TRP B 589 -22.97 -8.35 2.28
CA TRP B 589 -21.70 -8.06 1.62
C TRP B 589 -21.92 -7.02 0.53
N GLY B 590 -20.92 -6.20 0.26
CA GLY B 590 -21.06 -5.18 -0.76
C GLY B 590 -19.73 -4.76 -1.36
N TRP B 591 -19.74 -4.44 -2.66
CA TRP B 591 -18.54 -4.00 -3.36
C TRP B 591 -18.70 -2.51 -3.68
N SER B 592 -17.59 -1.76 -3.70
CA SER B 592 -17.58 -0.30 -3.96
C SER B 592 -18.49 0.50 -3.00
N TYR B 593 -19.56 1.08 -3.51
CA TYR B 593 -20.48 1.82 -2.66
C TYR B 593 -21.05 0.77 -1.72
N GLY B 594 -21.29 -0.41 -2.28
CA GLY B 594 -21.83 -1.55 -1.55
C GLY B 594 -21.03 -1.91 -0.32
N GLY B 595 -19.73 -1.76 -0.42
CA GLY B 595 -18.91 -2.05 0.73
C GLY B 595 -19.12 -0.96 1.76
N TYR B 596 -19.24 0.30 1.30
CA TYR B 596 -19.42 1.43 2.21
C TYR B 596 -20.65 1.17 3.06
N VAL B 597 -21.76 0.92 2.38
CA VAL B 597 -22.99 0.67 3.08
C VAL B 597 -22.79 -0.48 4.07
N THR B 598 -22.35 -1.62 3.55
CA THR B 598 -22.08 -2.84 4.34
C THR B 598 -21.15 -2.57 5.53
N SER B 599 -20.52 -1.38 5.53
CA SER B 599 -19.61 -0.94 6.59
C SER B 599 -20.35 -0.15 7.69
N MET B 600 -21.24 0.73 7.24
CA MET B 600 -22.06 1.55 8.12
C MET B 600 -23.03 0.62 8.81
N VAL B 601 -23.48 -0.38 8.07
CA VAL B 601 -24.42 -1.38 8.54
C VAL B 601 -23.80 -2.16 9.69
N LEU B 602 -22.59 -2.67 9.51
CA LEU B 602 -21.97 -3.44 10.57
C LEU B 602 -21.81 -2.64 11.87
N GLY B 603 -21.41 -1.38 11.73
CA GLY B 603 -21.25 -0.52 12.90
C GLY B 603 -22.52 0.27 13.17
N SER B 604 -23.56 -0.44 13.61
CA SER B 604 -24.85 0.17 13.90
C SER B 604 -25.44 -0.33 15.21
N GLY B 605 -24.90 -1.43 15.72
CA GLY B 605 -25.42 -2.00 16.95
C GLY B 605 -26.63 -2.82 16.56
N SER B 606 -26.82 -2.95 15.25
CA SER B 606 -27.95 -3.69 14.68
C SER B 606 -27.97 -5.11 15.25
N GLY B 607 -26.79 -5.73 15.29
CA GLY B 607 -26.68 -7.09 15.79
C GLY B 607 -27.41 -8.05 14.87
N VAL B 608 -27.99 -7.51 13.80
CA VAL B 608 -28.74 -8.30 12.82
C VAL B 608 -27.84 -9.29 12.10
N PHE B 609 -26.55 -8.97 12.05
CA PHE B 609 -25.57 -9.79 11.34
C PHE B 609 -24.47 -10.46 12.17
N LYS B 610 -23.99 -11.58 11.65
CA LYS B 610 -22.94 -12.36 12.30
C LYS B 610 -21.59 -11.95 11.72
N CYS B 611 -21.57 -11.62 10.43
CA CYS B 611 -20.33 -11.21 9.78
C CYS B 611 -20.65 -10.31 8.58
N GLY B 612 -19.59 -9.87 7.88
CA GLY B 612 -19.75 -9.02 6.72
C GLY B 612 -18.46 -8.88 5.91
N ILE B 613 -18.59 -8.57 4.62
CA ILE B 613 -17.46 -8.38 3.69
C ILE B 613 -17.63 -7.10 2.86
N ALA B 614 -16.64 -6.21 2.93
CA ALA B 614 -16.68 -4.95 2.18
C ALA B 614 -15.49 -4.92 1.23
N VAL B 615 -15.76 -4.64 -0.05
CA VAL B 615 -14.69 -4.59 -1.06
C VAL B 615 -14.50 -3.18 -1.65
N ALA B 616 -13.31 -2.61 -1.45
CA ALA B 616 -13.00 -1.27 -1.96
C ALA B 616 -14.11 -0.34 -1.57
N PRO B 617 -14.38 -0.26 -0.28
CA PRO B 617 -15.45 0.61 0.20
C PRO B 617 -15.08 2.07 0.53
N VAL B 618 -16.02 3.00 0.34
CA VAL B 618 -15.80 4.40 0.70
C VAL B 618 -15.93 4.33 2.22
N SER B 619 -15.29 5.23 2.99
CA SER B 619 -15.39 5.20 4.45
C SER B 619 -15.36 6.56 5.13
N ARG B 620 -15.34 7.62 4.33
CA ARG B 620 -15.28 9.01 4.78
C ARG B 620 -15.39 9.75 3.43
N TRP B 621 -16.39 10.60 3.27
CA TRP B 621 -16.54 11.21 1.95
C TRP B 621 -15.55 12.22 1.43
N GLU B 622 -14.65 12.68 2.27
CA GLU B 622 -13.66 13.62 1.77
C GLU B 622 -12.77 12.83 0.83
N TYR B 623 -12.74 11.50 1.03
CA TYR B 623 -11.90 10.57 0.27
C TYR B 623 -12.37 10.18 -1.13
N TYR B 624 -13.46 10.78 -1.60
CA TYR B 624 -13.96 10.50 -2.96
C TYR B 624 -14.03 11.82 -3.74
N ASP B 625 -14.15 11.74 -5.06
CA ASP B 625 -14.18 12.96 -5.87
C ASP B 625 -15.47 13.75 -5.74
N SER B 626 -15.32 15.08 -5.85
CA SER B 626 -16.39 16.08 -5.75
C SER B 626 -17.57 16.03 -6.72
N VAL B 627 -17.31 15.81 -8.00
CA VAL B 627 -18.36 15.76 -9.00
C VAL B 627 -19.40 14.70 -8.66
N TYR B 628 -19.02 13.69 -7.86
CA TYR B 628 -19.96 12.64 -7.44
C TYR B 628 -20.41 12.91 -6.01
N THR B 629 -19.44 13.14 -5.14
CA THR B 629 -19.75 13.39 -3.74
C THR B 629 -20.54 14.66 -3.51
N GLU B 630 -20.05 15.79 -4.02
CA GLU B 630 -20.77 17.07 -3.85
C GLU B 630 -22.24 17.02 -4.31
N ARG B 631 -22.54 16.11 -5.22
CA ARG B 631 -23.87 15.96 -5.78
C ARG B 631 -24.84 15.35 -4.79
N TYR B 632 -24.31 14.65 -3.80
CA TYR B 632 -25.16 14.01 -2.81
C TYR B 632 -24.84 14.50 -1.39
N MET B 633 -24.01 15.53 -1.29
CA MET B 633 -23.64 16.04 0.02
C MET B 633 -23.31 17.51 0.00
N GLY B 634 -23.51 18.20 -1.12
CA GLY B 634 -23.16 19.61 -1.17
C GLY B 634 -21.67 19.76 -0.93
N LEU B 635 -21.22 20.87 -0.32
CA LEU B 635 -19.80 21.08 -0.07
C LEU B 635 -19.37 20.79 1.38
N PRO B 636 -18.20 20.17 1.57
CA PRO B 636 -17.69 19.84 2.91
C PRO B 636 -17.14 21.05 3.64
N THR B 637 -18.03 21.94 4.06
CA THR B 637 -17.66 23.14 4.77
C THR B 637 -18.78 23.38 5.78
N PRO B 638 -18.50 24.14 6.86
CA PRO B 638 -19.57 24.39 7.83
C PRO B 638 -20.79 25.15 7.26
N GLU B 639 -20.57 25.91 6.17
CA GLU B 639 -21.63 26.68 5.52
C GLU B 639 -22.60 25.77 4.75
N ASP B 640 -22.18 24.52 4.51
CA ASP B 640 -23.01 23.57 3.76
C ASP B 640 -23.39 22.29 4.52
N ASN B 641 -22.63 21.22 4.35
CA ASN B 641 -22.95 19.95 4.99
C ASN B 641 -21.71 19.21 5.53
N LEU B 642 -20.64 19.94 5.85
CA LEU B 642 -19.43 19.29 6.37
C LEU B 642 -19.72 18.49 7.62
N ASP B 643 -20.67 18.96 8.41
CA ASP B 643 -21.06 18.30 9.65
C ASP B 643 -21.45 16.85 9.42
N HIS B 644 -22.09 16.60 8.28
CA HIS B 644 -22.53 15.26 7.98
C HIS B 644 -21.48 14.31 7.33
N TYR B 645 -20.47 14.86 6.66
CA TYR B 645 -19.43 14.02 6.05
C TYR B 645 -18.84 13.26 7.23
N ARG B 646 -18.69 14.01 8.32
CA ARG B 646 -18.13 13.56 9.60
C ARG B 646 -18.99 12.57 10.40
N ASN B 647 -20.33 12.64 10.23
CA ASN B 647 -21.24 11.72 10.94
C ASN B 647 -21.26 10.40 10.17
N SER B 648 -21.31 10.51 8.86
CA SER B 648 -21.36 9.37 7.96
C SER B 648 -20.03 8.71 7.63
N THR B 649 -19.09 8.65 8.58
CA THR B 649 -17.80 8.00 8.33
C THR B 649 -17.72 6.62 8.98
N VAL B 650 -17.29 5.63 8.20
CA VAL B 650 -17.17 4.25 8.68
C VAL B 650 -16.29 4.18 9.93
N MET B 651 -15.45 5.19 10.13
CA MET B 651 -14.53 5.23 11.27
C MET B 651 -15.20 5.48 12.62
N SER B 652 -16.12 6.44 12.69
CA SER B 652 -16.79 6.73 13.96
C SER B 652 -17.54 5.55 14.55
N ARG B 653 -17.92 4.59 13.70
CA ARG B 653 -18.66 3.42 14.17
C ARG B 653 -17.72 2.27 14.51
N ALA B 654 -16.41 2.47 14.30
CA ALA B 654 -15.38 1.46 14.54
C ALA B 654 -15.59 0.63 15.81
N GLU B 655 -16.18 1.26 16.82
CA GLU B 655 -16.44 0.62 18.10
C GLU B 655 -17.46 -0.53 18.03
N ASN B 656 -18.58 -0.30 17.33
CA ASN B 656 -19.63 -1.30 17.20
C ASN B 656 -19.26 -2.45 16.27
N PHE B 657 -17.96 -2.60 16.01
CA PHE B 657 -17.49 -3.67 15.14
C PHE B 657 -17.14 -4.89 15.97
N LYS B 658 -16.95 -4.67 17.27
CA LYS B 658 -16.60 -5.75 18.19
C LYS B 658 -17.51 -6.98 18.06
N GLN B 659 -18.79 -6.77 17.78
CA GLN B 659 -19.72 -7.88 17.63
C GLN B 659 -19.55 -8.64 16.32
N VAL B 660 -19.54 -7.89 15.22
CA VAL B 660 -19.43 -8.48 13.90
C VAL B 660 -18.06 -9.11 13.55
N GLU B 661 -17.95 -9.59 12.31
CA GLU B 661 -16.73 -10.22 11.79
C GLU B 661 -16.30 -9.59 10.45
N TYR B 662 -16.16 -8.27 10.44
CA TYR B 662 -15.77 -7.51 9.25
C TYR B 662 -14.60 -8.11 8.46
N LEU B 663 -14.63 -7.93 7.14
CA LEU B 663 -13.59 -8.45 6.25
C LEU B 663 -13.27 -7.42 5.15
N LEU B 664 -12.21 -6.66 5.34
CA LEU B 664 -11.84 -5.62 4.38
C LEU B 664 -10.94 -6.14 3.28
N ILE B 665 -11.28 -5.78 2.05
CA ILE B 665 -10.53 -6.15 0.85
C ILE B 665 -10.39 -4.87 -0.02
N HIS B 666 -9.22 -4.64 -0.60
CA HIS B 666 -9.05 -3.43 -1.41
C HIS B 666 -7.86 -3.41 -2.38
N GLY B 667 -8.10 -2.92 -3.59
CA GLY B 667 -7.04 -2.85 -4.57
C GLY B 667 -6.04 -1.83 -4.10
N THR B 668 -4.76 -2.17 -4.14
CA THR B 668 -3.70 -1.25 -3.70
C THR B 668 -3.28 -0.29 -4.80
N ALA B 669 -4.03 -0.31 -5.90
CA ALA B 669 -3.77 0.56 -7.04
C ALA B 669 -5.14 1.01 -7.57
N ASP B 670 -6.02 1.38 -6.65
CA ASP B 670 -7.37 1.80 -7.00
C ASP B 670 -7.46 3.27 -7.32
N ASP B 671 -7.65 3.56 -8.59
CA ASP B 671 -7.77 4.92 -9.07
C ASP B 671 -9.03 5.60 -8.52
N ASN B 672 -10.05 4.79 -8.24
CA ASN B 672 -11.36 5.25 -7.74
C ASN B 672 -11.48 5.44 -6.23
N VAL B 673 -11.78 4.36 -5.52
CA VAL B 673 -11.86 4.41 -4.08
C VAL B 673 -10.41 4.22 -3.68
N HIS B 674 -9.68 5.30 -3.45
CA HIS B 674 -8.25 5.16 -3.11
C HIS B 674 -8.06 4.21 -1.93
N PHE B 675 -7.00 3.41 -1.96
CA PHE B 675 -6.72 2.46 -0.88
C PHE B 675 -6.91 3.20 0.44
N GLN B 676 -6.55 4.48 0.42
CA GLN B 676 -6.66 5.35 1.58
C GLN B 676 -7.85 5.05 2.51
N GLN B 677 -9.04 5.07 1.95
CA GLN B 677 -10.25 4.84 2.73
C GLN B 677 -10.10 3.60 3.57
N SER B 678 -9.59 2.55 2.95
CA SER B 678 -9.41 1.29 3.65
C SER B 678 -8.21 1.28 4.58
N ALA B 679 -7.26 2.19 4.34
CA ALA B 679 -6.06 2.31 5.17
C ALA B 679 -6.46 2.92 6.52
N GLN B 680 -7.54 3.72 6.49
CA GLN B 680 -8.08 4.38 7.69
C GLN B 680 -9.06 3.45 8.39
N ILE B 681 -9.77 2.64 7.62
CA ILE B 681 -10.73 1.69 8.18
C ILE B 681 -10.00 0.73 9.11
N SER B 682 -8.90 0.16 8.59
CA SER B 682 -8.10 -0.76 9.38
C SER B 682 -7.58 -0.04 10.62
N LYS B 683 -6.82 1.02 10.41
CA LYS B 683 -6.25 1.80 11.50
C LYS B 683 -7.34 2.20 12.48
N ALA B 684 -8.59 2.20 12.02
CA ALA B 684 -9.68 2.56 12.90
C ALA B 684 -9.80 1.48 13.96
N LEU B 685 -9.95 0.25 13.48
CA LEU B 685 -10.10 -0.92 14.34
C LEU B 685 -8.86 -1.24 15.15
N VAL B 686 -7.70 -0.96 14.56
CA VAL B 686 -6.42 -1.24 15.22
C VAL B 686 -6.37 -0.42 16.51
N ASP B 687 -6.94 0.78 16.44
CA ASP B 687 -6.99 1.72 17.57
C ASP B 687 -8.10 1.45 18.59
N VAL B 688 -9.13 0.73 18.16
CA VAL B 688 -10.23 0.39 19.04
C VAL B 688 -10.03 -1.05 19.51
N GLY B 689 -8.96 -1.68 19.03
CA GLY B 689 -8.64 -3.04 19.41
C GLY B 689 -9.67 -4.07 18.99
N VAL B 690 -9.95 -4.11 17.69
CA VAL B 690 -10.93 -5.04 17.17
C VAL B 690 -10.42 -5.87 15.99
N ASP B 691 -10.25 -7.16 16.26
CA ASP B 691 -9.77 -8.13 15.27
C ASP B 691 -10.66 -8.07 14.03
N PHE B 692 -10.08 -8.25 12.85
CA PHE B 692 -10.85 -8.24 11.61
C PHE B 692 -10.05 -8.88 10.49
N GLN B 693 -10.72 -9.31 9.43
CA GLN B 693 -10.04 -9.95 8.31
C GLN B 693 -9.69 -9.02 7.18
N ALA B 694 -8.40 -8.75 7.05
CA ALA B 694 -7.90 -7.88 6.01
C ALA B 694 -7.40 -8.73 4.85
N MET B 695 -7.37 -8.13 3.66
CA MET B 695 -6.92 -8.81 2.47
C MET B 695 -6.80 -7.81 1.34
N TRP B 696 -5.57 -7.47 0.98
CA TRP B 696 -5.28 -6.49 -0.08
C TRP B 696 -4.93 -7.17 -1.40
N TYR B 697 -5.11 -6.47 -2.52
CA TYR B 697 -4.77 -7.06 -3.83
C TYR B 697 -3.86 -6.13 -4.64
N THR B 698 -2.57 -6.44 -4.64
CA THR B 698 -1.53 -5.65 -5.31
C THR B 698 -1.79 -5.21 -6.76
N ASP B 699 -1.58 -3.92 -7.01
CA ASP B 699 -1.77 -3.32 -8.33
C ASP B 699 -3.21 -3.32 -8.85
N GLU B 700 -4.08 -4.09 -8.22
CA GLU B 700 -5.48 -4.18 -8.65
C GLU B 700 -6.25 -2.88 -8.50
N ASP B 701 -6.84 -2.41 -9.61
CA ASP B 701 -7.63 -1.18 -9.60
C ASP B 701 -8.99 -1.40 -8.89
N HIS B 702 -9.97 -0.53 -9.11
CA HIS B 702 -11.25 -0.69 -8.42
C HIS B 702 -12.03 -1.97 -8.68
N GLY B 703 -11.83 -2.59 -9.84
CA GLY B 703 -12.58 -3.79 -10.14
C GLY B 703 -11.90 -5.13 -9.90
N ILE B 704 -10.65 -5.11 -9.46
CA ILE B 704 -9.91 -6.33 -9.23
C ILE B 704 -10.24 -7.23 -10.41
N ALA B 705 -10.06 -6.63 -11.59
CA ALA B 705 -10.32 -7.26 -12.88
C ALA B 705 -9.48 -8.51 -13.17
N SER B 706 -8.17 -8.33 -13.23
CA SER B 706 -7.21 -9.42 -13.53
C SER B 706 -7.69 -10.84 -13.20
N SER B 707 -7.67 -11.70 -14.21
CA SER B 707 -8.10 -13.09 -14.10
C SER B 707 -7.77 -13.71 -12.76
N THR B 708 -6.48 -13.73 -12.41
CA THR B 708 -6.02 -14.32 -11.16
C THR B 708 -6.64 -13.71 -9.90
N ALA B 709 -6.64 -12.39 -9.81
CA ALA B 709 -7.19 -11.70 -8.66
C ALA B 709 -8.67 -11.96 -8.53
N HIS B 710 -9.36 -11.95 -9.65
CA HIS B 710 -10.79 -12.21 -9.69
C HIS B 710 -11.06 -13.60 -9.10
N GLN B 711 -10.44 -14.62 -9.69
CA GLN B 711 -10.62 -15.98 -9.18
C GLN B 711 -10.31 -15.99 -7.69
N HIS B 712 -9.24 -15.27 -7.33
CA HIS B 712 -8.80 -15.21 -5.95
C HIS B 712 -9.77 -14.62 -4.95
N ILE B 713 -10.19 -13.40 -5.19
CA ILE B 713 -11.07 -12.76 -4.26
C ILE B 713 -12.29 -13.61 -3.98
N TYR B 714 -13.09 -13.89 -5.01
CA TYR B 714 -14.32 -14.68 -4.84
C TYR B 714 -14.09 -16.01 -4.15
N THR B 715 -12.84 -16.45 -4.14
CA THR B 715 -12.52 -17.68 -3.46
C THR B 715 -12.46 -17.34 -1.99
N HIS B 716 -11.64 -16.35 -1.64
CA HIS B 716 -11.48 -15.97 -0.25
C HIS B 716 -12.80 -15.57 0.41
N MET B 717 -13.80 -15.26 -0.39
CA MET B 717 -15.10 -14.88 0.14
C MET B 717 -15.93 -16.12 0.40
N SER B 718 -15.70 -17.14 -0.40
CA SER B 718 -16.41 -18.40 -0.27
C SER B 718 -15.95 -19.13 0.99
N HIS B 719 -14.64 -19.11 1.23
CA HIS B 719 -14.06 -19.76 2.42
C HIS B 719 -14.69 -19.12 3.66
N PHE B 720 -14.85 -17.78 3.61
CA PHE B 720 -15.40 -16.95 4.71
C PHE B 720 -16.88 -17.16 5.01
N ILE B 721 -17.72 -16.96 4.00
CA ILE B 721 -19.14 -17.12 4.18
C ILE B 721 -19.47 -18.56 4.55
N LYS B 722 -18.80 -19.52 3.92
CA LYS B 722 -19.07 -20.92 4.21
C LYS B 722 -18.33 -21.39 5.46
N GLN B 723 -18.03 -20.41 6.33
CA GLN B 723 -17.36 -20.67 7.61
C GLN B 723 -18.29 -20.04 8.63
N CYS B 724 -18.53 -18.76 8.42
CA CYS B 724 -19.39 -17.96 9.27
C CYS B 724 -20.80 -18.58 9.23
N PHE B 725 -20.95 -19.64 8.42
CA PHE B 725 -22.21 -20.37 8.30
C PHE B 725 -22.02 -21.88 8.47
N SER B 726 -21.88 -22.60 7.35
CA SER B 726 -21.71 -24.06 7.34
C SER B 726 -20.43 -24.54 8.04
C AZV C . 14.19 -5.92 14.02
N AZV C . 15.24 -8.01 14.84
O AZV C . 13.90 -4.77 14.39
CA AZV C . 14.23 -6.98 15.12
CB AZV C . 12.87 -7.64 15.35
CAA AZV C . 23.03 -5.27 13.40
NAB AZV C . 22.36 -4.81 12.34
CAC AZV C . 21.18 -5.20 11.89
OAD AZV C . 20.70 -6.28 12.22
CAE AZV C . 20.58 -4.40 10.73
CAF AZV C . 19.70 -5.17 9.73
NAG AZV C . 19.27 -4.24 8.68
CAH AZV C . 18.47 -5.77 10.40
CAI AZV C . 17.51 -6.31 9.34
CAJ AZV C . 17.97 -7.29 8.48
CAK AZV C . 17.17 -7.78 7.46
FAL AZV C . 17.65 -8.75 6.64
CAM AZV C . 15.88 -7.31 7.29
FAN AZV C . 15.09 -7.76 6.31
CAO AZV C . 15.40 -6.33 8.16
CAP AZV C . 16.21 -5.83 9.17
FAQ AZV C . 15.71 -4.90 10.01
CAR AZV C . 22.58 -6.27 14.46
OAS AZV C . 23.38 -6.98 15.06
NAT AZV C . 21.29 -6.18 14.78
CAU AZV C . 20.68 -7.01 15.83
CAV AZV C . 18.28 -6.21 15.62
CAW AZV C . 19.20 -7.24 15.52
CAX AZV C . 18.80 -8.51 15.14
CAY AZV C . 17.45 -8.76 14.86
CAZ AZV C . 16.53 -7.73 14.96
CBA AZV C . 22.85 -3.46 12.01
CBB AZV C . 24.38 -3.57 11.89
SBC AZV C . 24.67 -4.67 13.32
CBD AZV C . 16.93 -6.46 15.34
CG1 AZV C . 12.83 -8.31 16.72
CG2 AZV C . 12.56 -8.66 14.25
OXT AZV C . 14.49 -6.28 12.86
C AZV D . -18.00 -1.03 -10.02
N AZV D . -20.40 -1.21 -9.57
O AZV D . -16.94 -1.50 -10.49
CA AZV D . -19.23 -1.92 -10.09
CB AZV D . -19.05 -3.25 -9.35
CAA AZV D . -23.07 5.94 -13.48
NAB AZV D . -22.00 6.38 -12.82
CAC AZV D . -21.34 5.77 -11.84
OAD AZV D . -21.85 4.84 -11.22
CAE AZV D . -20.07 6.47 -11.35
CAF AZV D . -19.66 6.22 -9.90
NAG AZV D . -18.38 6.91 -9.65
CAH AZV D . -19.46 4.73 -9.63
CAI AZV D . -19.04 4.51 -8.19
CAJ AZV D . -17.75 4.03 -7.95
CAK AZV D . -17.28 3.80 -6.67
FAL AZV D . -16.06 3.24 -6.53
CAM AZV D . -18.05 4.05 -5.55
FAN AZV D . -17.61 3.84 -4.29
CAO AZV D . -19.32 4.54 -5.78
CAP AZV D . -19.80 4.75 -7.06
FAQ AZV D . -21.06 5.22 -7.20
CAR AZV D . -23.73 4.56 -13.37
OAS AZV D . -24.88 4.35 -13.76
NAT AZV D . -22.88 3.61 -12.99
CAU AZV D . -23.32 2.21 -12.89
CAV AZV D . -21.17 0.97 -12.34
CAW AZV D . -22.41 1.44 -11.93
CAX AZV D . -22.91 1.11 -10.68
CAY AZV D . -22.20 0.26 -9.85
CAZ AZV D . -20.97 -0.24 -10.28
CBA AZV D . -21.31 7.39 -13.65
CBB AZV D . -22.37 8.39 -14.10
SBC AZV D . -23.72 7.22 -14.47
CBD AZV D . -20.45 0.13 -11.51
CG1 AZV D . -20.00 -4.32 -9.90
CG2 AZV D . -19.26 -3.08 -7.84
OXT AZV D . -18.13 0.11 -9.53
#